data_5X20
#
_entry.id   5X20
#
_cell.length_a   96.300
_cell.length_b   111.950
_cell.length_c   108.940
_cell.angle_alpha   90.00
_cell.angle_beta   96.65
_cell.angle_gamma   90.00
#
_symmetry.space_group_name_H-M   'P 1 21 1'
#
loop_
_entity.id
_entity.type
_entity.pdbx_description
1 polymer '2-dehydropantoate 2-reductase'
2 non-polymer NICOTINAMIDE-ADENINE-DINUCLEOTIDE
3 non-polymer '2-oxidanylidene-2-phenylazanyl-ethanoic acid'
4 non-polymer GLYCEROL
5 non-polymer 'SULFATE ION'
6 water water
#
_entity_poly.entity_id   1
_entity_poly.type   'polypeptide(L)'
_entity_poly.pdbx_seq_one_letter_code
;MKIAIAGAGAMGSRFGLMLHQSGNEVLLIDGWAEHVQQIKEHGLQANFNGKEVEAKLPIVLQSEVEKEDQVDLIILFTKA
MQLEKMLQDIQSLIKKDTEVLCLLNGIGHEDIIEKFVPMENIYIGNTMWTAGLEGPGQVKLFGSGSVELQNLGDGKEAAA
KKLADKLSESGLNAHFSDNIHYSIYRKACVNGTMNGLCTILDVNMAELGKTSTAHKMVATIVNEFAKVAAVEKIELDVPE
VIAHCESCFDPETIGLHYPSMYQDLIKNHRLTEIDYINGAISRKGKKYGVATPYCDFLTELVHAKEDSLNVK
;
_entity_poly.pdbx_strand_id   A,B,C,D,E,F
#
# COMPACT_ATOMS: atom_id res chain seq x y z
N MET A 1 33.35 3.05 27.90
CA MET A 1 32.02 2.43 28.24
C MET A 1 31.46 1.68 27.04
N LYS A 2 30.40 0.90 27.28
CA LYS A 2 29.68 0.20 26.23
C LYS A 2 28.51 1.12 25.77
N ILE A 3 28.49 1.48 24.49
CA ILE A 3 27.48 2.35 23.93
C ILE A 3 26.75 1.62 22.86
N ALA A 4 25.42 1.63 22.95
CA ALA A 4 24.58 1.11 21.92
C ALA A 4 24.00 2.30 21.15
N ILE A 5 24.06 2.21 19.83
CA ILE A 5 23.45 3.19 18.94
C ILE A 5 22.17 2.53 18.44
N ALA A 6 21.03 3.02 18.92
CA ALA A 6 19.77 2.42 18.57
C ALA A 6 19.35 3.30 17.42
N GLY A 7 19.44 2.73 16.21
CA GLY A 7 19.00 3.40 15.00
C GLY A 7 20.24 3.84 14.25
N ALA A 8 20.87 2.90 13.55
CA ALA A 8 22.19 3.15 13.00
C ALA A 8 22.09 3.53 11.53
N GLY A 9 21.29 4.56 11.25
CA GLY A 9 21.23 5.11 9.93
C GLY A 9 22.31 6.15 9.75
N ALA A 10 22.00 7.23 9.02
CA ALA A 10 23.03 8.20 8.72
C ALA A 10 23.65 8.75 9.98
N MET A 11 22.81 9.26 10.89
CA MET A 11 23.33 9.94 12.12
C MET A 11 23.87 8.96 13.14
N GLY A 12 23.19 7.85 13.28
CA GLY A 12 23.62 6.83 14.19
C GLY A 12 24.96 6.28 13.76
N SER A 13 25.15 6.11 12.46
CA SER A 13 26.42 5.62 11.92
C SER A 13 27.52 6.65 12.20
N ARG A 14 27.25 7.94 11.98
CA ARG A 14 28.21 8.96 12.38
C ARG A 14 28.64 8.86 13.83
N PHE A 15 27.68 8.91 14.74
CA PHE A 15 28.00 8.90 16.17
C PHE A 15 28.75 7.60 16.57
N GLY A 16 28.32 6.45 16.06
CA GLY A 16 28.95 5.19 16.32
C GLY A 16 30.40 5.15 15.86
N LEU A 17 30.61 5.62 14.63
CA LEU A 17 31.93 5.68 14.06
C LEU A 17 32.84 6.54 14.93
N MET A 18 32.42 7.78 15.19
CA MET A 18 33.22 8.72 15.99
C MET A 18 33.45 8.20 17.39
N LEU A 19 32.43 7.61 18.01
CA LEU A 19 32.62 7.06 19.34
C LEU A 19 33.58 5.86 19.34
N HIS A 20 33.52 5.05 18.29
CA HIS A 20 34.41 3.90 18.13
C HIS A 20 35.85 4.35 17.87
N GLN A 21 36.05 5.37 17.05
CA GLN A 21 37.41 5.84 16.73
C GLN A 21 38.14 6.39 17.94
N SER A 22 37.42 6.73 19.01
CA SER A 22 38.06 7.20 20.23
C SER A 22 38.23 6.10 21.26
N GLY A 23 37.92 4.86 20.89
CA GLY A 23 38.19 3.72 21.77
C GLY A 23 37.04 3.27 22.63
N ASN A 24 35.85 3.83 22.39
CA ASN A 24 34.66 3.31 23.04
C ASN A 24 34.27 2.00 22.40
N GLU A 25 33.58 1.17 23.17
CA GLU A 25 33.01 -0.01 22.62
C GLU A 25 31.56 0.30 22.14
N VAL A 26 31.27 0.00 20.88
CA VAL A 26 30.06 0.43 20.26
C VAL A 26 29.32 -0.77 19.70
N LEU A 27 28.04 -0.86 20.06
CA LEU A 27 27.16 -1.80 19.41
C LEU A 27 26.11 -1.02 18.57
N LEU A 28 25.96 -1.36 17.29
CA LEU A 28 24.88 -0.82 16.47
C LEU A 28 23.68 -1.72 16.50
N ILE A 29 22.50 -1.10 16.58
CA ILE A 29 21.25 -1.82 16.58
C ILE A 29 20.36 -1.17 15.51
N ASP A 30 19.77 -1.95 14.64
CA ASP A 30 19.06 -1.43 13.50
C ASP A 30 18.00 -2.37 13.04
N GLY A 31 17.03 -1.83 12.32
CA GLY A 31 15.91 -2.60 11.84
C GLY A 31 15.97 -2.91 10.36
N TRP A 32 16.95 -2.41 9.64
CA TRP A 32 17.00 -2.62 8.21
C TRP A 32 17.91 -3.82 7.91
N ALA A 33 17.29 -4.94 7.58
CA ALA A 33 18.02 -6.25 7.48
C ALA A 33 19.16 -6.24 6.48
N GLU A 34 18.94 -5.65 5.32
CA GLU A 34 20.00 -5.56 4.30
C GLU A 34 21.19 -4.74 4.82
N HIS A 35 20.90 -3.69 5.59
CA HIS A 35 21.91 -2.79 6.11
C HIS A 35 22.74 -3.53 7.16
N VAL A 36 22.04 -4.24 8.06
CA VAL A 36 22.70 -5.04 9.09
C VAL A 36 23.61 -6.13 8.47
N GLN A 37 23.11 -6.83 7.45
CA GLN A 37 23.89 -7.88 6.80
C GLN A 37 25.13 -7.30 6.12
N GLN A 38 24.99 -6.18 5.40
CA GLN A 38 26.13 -5.51 4.79
C GLN A 38 27.19 -5.15 5.80
N ILE A 39 26.76 -4.61 6.94
CA ILE A 39 27.75 -4.17 7.93
C ILE A 39 28.46 -5.40 8.53
N LYS A 40 27.70 -6.47 8.72
CA LYS A 40 28.30 -7.71 9.24
C LYS A 40 29.39 -8.24 8.33
N GLU A 41 29.10 -8.28 7.04
CA GLU A 41 30.01 -8.88 6.08
C GLU A 41 31.15 -7.96 5.68
N HIS A 42 30.91 -6.66 5.55
CA HIS A 42 31.92 -5.77 5.00
C HIS A 42 32.25 -4.59 5.86
N GLY A 43 31.68 -4.56 7.06
CA GLY A 43 31.86 -3.41 7.94
C GLY A 43 31.04 -2.22 7.50
N LEU A 44 31.06 -1.18 8.31
CA LEU A 44 30.49 0.11 7.96
C LEU A 44 31.46 0.92 7.12
N GLN A 45 31.05 1.29 5.93
CA GLN A 45 31.87 2.10 5.04
C GLN A 45 31.38 3.56 4.98
N ALA A 46 32.34 4.48 5.09
CA ALA A 46 32.04 5.89 5.14
C ALA A 46 32.96 6.69 4.23
N ASN A 47 32.39 7.61 3.48
CA ASN A 47 33.16 8.71 2.99
C ASN A 47 33.17 9.69 4.15
N PHE A 48 34.26 9.70 4.89
CA PHE A 48 34.36 10.53 6.08
C PHE A 48 35.28 11.73 5.82
N ASN A 49 34.65 12.87 5.56
CA ASN A 49 35.37 14.10 5.22
C ASN A 49 36.29 13.93 4.03
N GLY A 50 35.93 13.05 3.10
CA GLY A 50 36.67 12.84 1.85
C GLY A 50 37.39 11.54 1.79
N LYS A 51 37.61 10.95 2.98
CA LYS A 51 38.45 9.76 3.07
C LYS A 51 37.62 8.54 3.24
N GLU A 52 37.90 7.52 2.44
CA GLU A 52 37.24 6.26 2.56
C GLU A 52 37.71 5.54 3.80
N VAL A 53 36.76 5.19 4.66
CA VAL A 53 37.02 4.60 5.96
C VAL A 53 36.13 3.35 6.06
N GLU A 54 36.60 2.36 6.78
CA GLU A 54 35.86 1.14 6.99
C GLU A 54 36.04 0.82 8.46
N ALA A 55 34.99 0.43 9.13
CA ALA A 55 35.12 -0.03 10.50
C ALA A 55 34.25 -1.24 10.68
N LYS A 56 34.79 -2.28 11.31
CA LYS A 56 34.00 -3.47 11.63
C LYS A 56 33.36 -3.21 12.97
N LEU A 57 32.12 -2.76 12.96
CA LEU A 57 31.42 -2.49 14.20
C LEU A 57 30.45 -3.63 14.38
N PRO A 58 30.38 -4.17 15.57
CA PRO A 58 29.33 -5.16 15.85
C PRO A 58 27.92 -4.56 15.61
N ILE A 59 27.02 -5.36 15.05
CA ILE A 59 25.70 -4.91 14.73
C ILE A 59 24.70 -6.01 14.96
N VAL A 60 23.54 -5.67 15.48
CA VAL A 60 22.49 -6.65 15.71
C VAL A 60 21.16 -6.08 15.22
N LEU A 61 20.31 -6.95 14.65
CA LEU A 61 18.91 -6.61 14.35
C LEU A 61 18.18 -6.29 15.63
N GLN A 62 17.36 -5.25 15.61
CA GLN A 62 16.72 -4.79 16.84
C GLN A 62 15.85 -5.87 17.45
N SER A 63 15.26 -6.72 16.62
CA SER A 63 14.41 -7.82 17.14
C SER A 63 15.23 -8.99 17.76
N GLU A 64 16.54 -9.01 17.55
CA GLU A 64 17.41 -10.05 18.08
C GLU A 64 18.30 -9.59 19.20
N VAL A 65 17.97 -8.48 19.82
CA VAL A 65 18.80 -8.01 20.94
C VAL A 65 18.78 -8.99 22.16
N GLU A 66 19.92 -9.20 22.81
CA GLU A 66 19.88 -10.16 23.90
C GLU A 66 19.46 -9.58 25.25
N LYS A 67 18.42 -10.14 25.86
CA LYS A 67 17.97 -9.75 27.23
C LYS A 67 19.15 -9.97 28.19
N GLU A 68 20.06 -10.87 27.81
CA GLU A 68 21.32 -11.03 28.52
C GLU A 68 22.26 -9.84 28.24
N ASP A 69 22.15 -9.24 27.06
CA ASP A 69 23.08 -8.17 26.66
C ASP A 69 22.88 -6.89 27.50
N GLN A 70 23.89 -6.03 27.52
CA GLN A 70 23.81 -4.83 28.35
C GLN A 70 24.89 -3.77 28.07
N VAL A 71 24.46 -2.52 28.02
CA VAL A 71 25.31 -1.39 27.75
C VAL A 71 25.14 -0.34 28.83
N ASP A 72 26.02 0.65 28.85
CA ASP A 72 25.88 1.79 29.77
C ASP A 72 25.09 2.98 29.19
N LEU A 73 25.10 3.12 27.85
CA LEU A 73 24.56 4.30 27.20
C LEU A 73 23.91 3.86 25.92
N ILE A 74 22.64 4.20 25.76
CA ILE A 74 21.89 4.02 24.51
C ILE A 74 21.61 5.37 23.89
N ILE A 75 22.05 5.54 22.65
CA ILE A 75 21.80 6.78 21.90
C ILE A 75 20.79 6.50 20.83
N LEU A 76 19.63 7.14 20.93
CA LEU A 76 18.56 6.89 19.99
C LEU A 76 18.77 7.74 18.80
N PHE A 77 18.71 7.13 17.62
CA PHE A 77 18.88 7.82 16.35
C PHE A 77 18.04 7.22 15.22
N THR A 78 16.92 6.58 15.56
CA THR A 78 15.93 6.27 14.54
C THR A 78 15.25 7.55 14.01
N LYS A 79 14.44 7.39 12.98
CA LYS A 79 13.47 8.42 12.60
C LYS A 79 12.37 8.35 13.60
N ALA A 80 11.66 9.46 13.77
CA ALA A 80 10.66 9.55 14.81
C ALA A 80 9.68 8.41 14.74
N MET A 81 9.25 7.99 13.53
CA MET A 81 8.19 6.98 13.46
C MET A 81 8.62 5.58 13.82
N GLN A 82 9.92 5.38 13.89
CA GLN A 82 10.45 4.10 14.28
C GLN A 82 10.77 4.03 15.77
N LEU A 83 10.69 5.14 16.48
CA LEU A 83 11.19 5.23 17.85
C LEU A 83 10.52 4.27 18.82
N GLU A 84 9.19 4.23 18.81
CA GLU A 84 8.48 3.39 19.72
C GLU A 84 8.81 1.89 19.54
N LYS A 85 8.67 1.42 18.33
CA LYS A 85 8.95 0.05 18.01
C LYS A 85 10.40 -0.29 18.41
N MET A 86 11.33 0.63 18.19
CA MET A 86 12.71 0.39 18.56
C MET A 86 12.84 0.22 20.07
N LEU A 87 12.18 1.09 20.83
CA LEU A 87 12.19 1.00 22.27
C LEU A 87 11.55 -0.33 22.75
N GLN A 88 10.50 -0.79 22.09
CA GLN A 88 9.83 -2.04 22.47
C GLN A 88 10.82 -3.18 22.30
N ASP A 89 11.54 -3.16 21.17
CA ASP A 89 12.43 -4.28 20.84
C ASP A 89 13.67 -4.34 21.69
N ILE A 90 14.12 -3.24 22.27
CA ILE A 90 15.37 -3.23 22.99
C ILE A 90 15.19 -2.98 24.47
N GLN A 91 13.96 -3.04 24.97
CA GLN A 91 13.72 -2.70 26.38
C GLN A 91 14.56 -3.49 27.35
N SER A 92 14.75 -4.76 27.04
CA SER A 92 15.54 -5.63 27.87
C SER A 92 16.94 -5.10 28.10
N LEU A 93 17.38 -4.17 27.27
CA LEU A 93 18.69 -3.54 27.41
C LEU A 93 18.68 -2.42 28.39
N ILE A 94 17.49 -1.97 28.73
CA ILE A 94 17.36 -0.84 29.63
C ILE A 94 17.39 -1.32 31.07
N LYS A 95 18.58 -1.24 31.63
CA LYS A 95 18.83 -1.60 33.02
C LYS A 95 18.84 -0.37 33.94
N LYS A 96 19.02 -0.66 35.23
CA LYS A 96 18.99 0.33 36.30
C LYS A 96 19.74 1.61 36.04
N ASP A 97 20.93 1.46 35.50
CA ASP A 97 21.85 2.56 35.40
C ASP A 97 22.04 3.03 33.98
N THR A 98 21.39 2.41 33.00
CA THR A 98 21.65 2.78 31.61
C THR A 98 21.15 4.19 31.29
N GLU A 99 22.07 5.05 30.87
CA GLU A 99 21.68 6.34 30.32
C GLU A 99 21.04 6.17 28.90
N VAL A 100 19.95 6.87 28.67
CA VAL A 100 19.29 6.88 27.37
C VAL A 100 19.23 8.30 26.83
N LEU A 101 19.92 8.52 25.70
CA LEU A 101 19.99 9.86 25.12
C LEU A 101 19.25 9.90 23.80
N CYS A 102 18.39 10.88 23.68
CA CYS A 102 17.60 11.08 22.46
C CYS A 102 18.05 12.40 21.81
N LEU A 103 18.51 12.28 20.58
CA LEU A 103 18.92 13.41 19.80
C LEU A 103 18.14 13.57 18.49
N LEU A 104 17.00 12.90 18.38
CA LEU A 104 16.15 13.04 17.17
C LEU A 104 15.67 14.48 16.97
N ASN A 105 15.43 14.82 15.71
CA ASN A 105 14.69 16.02 15.41
C ASN A 105 13.23 15.82 15.78
N GLY A 106 12.51 16.93 15.91
CA GLY A 106 11.13 16.86 16.32
C GLY A 106 10.92 17.06 17.79
N ILE A 107 9.65 17.11 18.16
CA ILE A 107 9.23 17.59 19.45
C ILE A 107 8.52 16.48 20.20
N GLY A 108 8.76 16.38 21.48
CA GLY A 108 7.95 15.57 22.39
C GLY A 108 8.36 14.13 22.57
N HIS A 109 9.54 13.74 22.06
CA HIS A 109 9.94 12.33 22.16
C HIS A 109 10.07 11.79 23.59
N GLU A 110 10.35 12.65 24.55
CA GLU A 110 10.36 12.25 25.98
C GLU A 110 9.13 11.44 26.37
N ASP A 111 7.98 11.82 25.87
CA ASP A 111 6.75 11.15 26.31
C ASP A 111 6.79 9.66 25.97
N ILE A 112 7.30 9.33 24.81
CA ILE A 112 7.38 7.98 24.40
C ILE A 112 8.48 7.29 25.18
N ILE A 113 9.60 8.00 25.37
CA ILE A 113 10.76 7.40 26.01
C ILE A 113 10.42 7.06 27.48
N GLU A 114 9.62 7.89 28.12
CA GLU A 114 9.15 7.66 29.48
C GLU A 114 8.24 6.45 29.67
N LYS A 115 7.68 5.91 28.60
CA LYS A 115 6.99 4.64 28.69
C LYS A 115 7.90 3.43 28.84
N PHE A 116 9.19 3.57 28.53
CA PHE A 116 10.14 2.46 28.58
C PHE A 116 11.31 2.69 29.52
N VAL A 117 11.57 3.94 29.89
CA VAL A 117 12.81 4.24 30.59
C VAL A 117 12.46 5.04 31.80
N PRO A 118 13.08 4.73 32.93
CA PRO A 118 12.88 5.55 34.13
C PRO A 118 13.36 6.98 33.88
N MET A 119 12.63 7.90 34.44
CA MET A 119 12.80 9.30 34.18
C MET A 119 14.24 9.75 34.44
N GLU A 120 14.81 9.27 35.52
CA GLU A 120 16.14 9.73 35.93
C GLU A 120 17.24 9.37 34.91
N ASN A 121 16.97 8.42 34.03
CA ASN A 121 17.92 7.97 33.08
C ASN A 121 17.78 8.58 31.70
N ILE A 122 16.87 9.53 31.56
CA ILE A 122 16.57 10.12 30.25
C ILE A 122 17.30 11.43 30.07
N TYR A 123 18.01 11.51 28.94
CA TYR A 123 18.65 12.72 28.48
C TYR A 123 18.14 13.04 27.07
N ILE A 124 17.86 14.29 26.81
CA ILE A 124 17.38 14.71 25.52
C ILE A 124 18.10 15.93 25.02
N GLY A 125 18.08 16.04 23.70
CA GLY A 125 18.64 17.18 23.02
C GLY A 125 18.42 17.14 21.52
N ASN A 126 19.30 17.86 20.83
CA ASN A 126 19.32 17.90 19.41
C ASN A 126 20.74 18.11 18.96
N THR A 127 20.93 18.08 17.64
CA THR A 127 22.23 18.13 17.11
C THR A 127 22.23 18.93 15.80
N MET A 128 23.37 19.51 15.50
CA MET A 128 23.61 20.22 14.25
C MET A 128 24.58 19.46 13.36
N TRP A 129 24.98 18.26 13.76
CA TRP A 129 25.71 17.39 12.84
C TRP A 129 24.78 16.99 11.68
N THR A 130 25.35 16.56 10.55
CA THR A 130 24.63 16.06 9.40
C THR A 130 25.21 14.75 8.91
N ALA A 131 24.44 14.01 8.15
CA ALA A 131 24.93 12.75 7.64
C ALA A 131 24.04 12.26 6.53
N GLY A 132 24.56 11.42 5.66
CA GLY A 132 23.79 10.81 4.60
C GLY A 132 23.98 9.33 4.54
N LEU A 133 22.90 8.62 4.33
CA LEU A 133 22.94 7.19 4.15
C LEU A 133 22.83 6.96 2.68
N GLU A 134 23.88 6.45 2.06
CA GLU A 134 23.90 6.25 0.59
C GLU A 134 23.34 4.92 0.13
N GLY A 135 23.41 3.91 0.98
CA GLY A 135 22.80 2.62 0.71
C GLY A 135 23.16 1.76 1.89
N PRO A 136 22.79 0.50 1.83
CA PRO A 136 23.16 -0.35 2.94
C PRO A 136 24.67 -0.37 3.21
N GLY A 137 25.03 -0.14 4.46
CA GLY A 137 26.39 -0.18 4.91
C GLY A 137 27.20 1.00 4.47
N GLN A 138 26.57 2.02 3.90
CA GLN A 138 27.32 3.15 3.35
C GLN A 138 26.81 4.53 3.78
N VAL A 139 27.71 5.30 4.37
CA VAL A 139 27.40 6.66 4.78
C VAL A 139 28.40 7.69 4.26
N LYS A 140 27.91 8.90 4.11
CA LYS A 140 28.71 10.02 3.72
C LYS A 140 28.62 11.04 4.85
N LEU A 141 29.78 11.43 5.40
CA LEU A 141 29.84 12.32 6.55
C LEU A 141 30.70 13.53 6.23
N PHE A 142 30.09 14.70 6.14
CA PHE A 142 30.77 15.98 5.91
C PHE A 142 30.29 17.07 6.91
N GLY A 143 31.08 18.12 7.02
CA GLY A 143 30.74 19.28 7.81
C GLY A 143 31.11 19.18 9.26
N SER A 144 30.71 20.21 9.97
CA SER A 144 30.92 20.31 11.41
C SER A 144 29.56 20.11 12.07
N GLY A 145 29.55 20.24 13.38
CA GLY A 145 28.33 20.07 14.10
C GLY A 145 28.49 20.27 15.59
N SER A 146 27.38 20.13 16.29
CA SER A 146 27.37 20.23 17.72
C SER A 146 26.22 19.39 18.24
N VAL A 147 26.24 19.19 19.56
CA VAL A 147 25.16 18.57 20.29
C VAL A 147 24.83 19.42 21.49
N GLU A 148 23.54 19.55 21.78
CA GLU A 148 23.07 20.06 23.05
C GLU A 148 22.17 19.06 23.74
N LEU A 149 22.28 18.95 25.06
CA LEU A 149 21.55 17.96 25.79
C LEU A 149 21.31 18.41 27.22
N GLN A 150 20.30 17.81 27.82
CA GLN A 150 19.99 18.06 29.20
C GLN A 150 19.35 16.84 29.78
N ASN A 151 19.58 16.62 31.07
CA ASN A 151 18.92 15.59 31.84
C ASN A 151 17.46 15.97 32.04
N LEU A 152 16.57 14.99 32.06
CA LEU A 152 15.15 15.25 32.46
C LEU A 152 14.89 14.86 33.92
N GLY A 153 15.75 14.03 34.50
CA GLY A 153 15.59 13.61 35.90
C GLY A 153 16.20 14.58 36.89
N ASP A 154 15.47 14.83 37.97
CA ASP A 154 15.92 15.72 39.04
C ASP A 154 17.25 15.22 39.57
N GLY A 155 18.18 16.15 39.74
CA GLY A 155 19.46 15.81 40.32
C GLY A 155 20.46 15.19 39.38
N LYS A 156 20.19 15.19 38.08
CA LYS A 156 21.09 14.52 37.11
C LYS A 156 21.92 15.48 36.28
N GLU A 157 21.96 16.72 36.70
CA GLU A 157 22.74 17.73 36.02
C GLU A 157 24.19 17.35 35.82
N ALA A 158 24.87 16.98 36.89
CA ALA A 158 26.27 16.57 36.79
C ALA A 158 26.45 15.36 35.86
N ALA A 159 25.54 14.40 35.91
CA ALA A 159 25.62 13.23 35.01
C ALA A 159 25.47 13.65 33.55
N ALA A 160 24.62 14.65 33.32
CA ALA A 160 24.43 15.21 31.98
C ALA A 160 25.69 15.90 31.47
N LYS A 161 26.34 16.66 32.35
CA LYS A 161 27.59 17.35 31.98
C LYS A 161 28.68 16.36 31.67
N LYS A 162 28.72 15.30 32.45
CA LYS A 162 29.67 14.25 32.22
C LYS A 162 29.42 13.59 30.85
N LEU A 163 28.14 13.33 30.55
CA LEU A 163 27.77 12.73 29.29
C LEU A 163 28.17 13.60 28.10
N ALA A 164 27.92 14.89 28.21
CA ALA A 164 28.35 15.84 27.20
C ALA A 164 29.87 15.84 27.02
N ASP A 165 30.61 15.82 28.13
CA ASP A 165 32.09 15.75 28.06
C ASP A 165 32.55 14.48 27.33
N LYS A 166 31.95 13.36 27.68
CA LYS A 166 32.25 12.10 27.03
C LYS A 166 32.07 12.15 25.51
N LEU A 167 30.96 12.72 25.06
CA LEU A 167 30.70 12.83 23.63
C LEU A 167 31.72 13.75 23.01
N SER A 168 32.04 14.83 23.75
CA SER A 168 33.04 15.79 23.28
C SER A 168 34.45 15.16 23.12
N GLU A 169 34.79 14.22 23.98
CA GLU A 169 36.02 13.46 23.84
C GLU A 169 36.10 12.65 22.53
N SER A 170 34.95 12.39 21.87
CA SER A 170 34.99 11.75 20.55
C SER A 170 34.81 12.74 19.40
N GLY A 171 35.01 14.04 19.67
CA GLY A 171 34.82 15.05 18.67
C GLY A 171 33.38 15.50 18.37
N LEU A 172 32.40 15.10 19.17
CA LEU A 172 30.98 15.42 18.87
C LEU A 172 30.53 16.84 19.28
N ASN A 173 31.41 17.59 19.97
CA ASN A 173 31.17 18.96 20.33
C ASN A 173 29.82 19.17 21.06
N ALA A 174 29.66 18.41 22.12
CA ALA A 174 28.43 18.34 22.87
C ALA A 174 28.46 19.29 24.05
N HIS A 175 27.36 19.99 24.30
CA HIS A 175 27.25 20.91 25.42
C HIS A 175 26.03 20.61 26.25
N PHE A 176 26.18 20.78 27.55
CA PHE A 176 25.04 20.77 28.45
C PHE A 176 24.26 22.08 28.26
N SER A 177 22.95 22.00 28.29
CA SER A 177 22.09 23.16 28.25
C SER A 177 21.18 23.14 29.47
N ASP A 178 20.94 24.32 30.06
CA ASP A 178 20.00 24.41 31.15
C ASP A 178 18.57 24.72 30.71
N ASN A 179 18.37 24.86 29.40
CA ASN A 179 17.05 25.14 28.85
C ASN A 179 16.82 24.37 27.56
N ILE A 180 16.84 23.04 27.67
CA ILE A 180 16.81 22.21 26.47
C ILE A 180 15.53 22.37 25.65
N HIS A 181 14.42 22.67 26.29
CA HIS A 181 13.14 22.81 25.60
C HIS A 181 13.14 24.00 24.67
N TYR A 182 13.80 25.08 25.08
CA TYR A 182 14.00 26.27 24.21
C TYR A 182 14.82 25.86 23.02
N SER A 183 15.90 25.17 23.29
CA SER A 183 16.78 24.71 22.24
C SER A 183 16.11 23.73 21.23
N ILE A 184 15.25 22.84 21.72
CA ILE A 184 14.50 21.90 20.84
C ILE A 184 13.50 22.64 19.98
N TYR A 185 12.79 23.60 20.55
CA TYR A 185 11.85 24.37 19.76
C TYR A 185 12.53 25.18 18.69
N ARG A 186 13.71 25.72 19.03
CA ARG A 186 14.40 26.58 18.13
C ARG A 186 14.87 25.79 16.92
N LYS A 187 15.43 24.62 17.18
CA LYS A 187 15.86 23.76 16.09
C LYS A 187 14.64 23.23 15.32
N ALA A 188 13.55 23.01 16.02
CA ALA A 188 12.33 22.54 15.38
C ALA A 188 11.76 23.59 14.41
N CYS A 189 12.02 24.87 14.69
CA CYS A 189 11.67 25.94 13.73
C CYS A 189 12.44 25.83 12.41
N VAL A 190 13.71 25.50 12.53
CA VAL A 190 14.53 25.24 11.34
C VAL A 190 13.99 24.03 10.57
N ASN A 191 13.73 22.95 11.27
CA ASN A 191 13.21 21.75 10.64
C ASN A 191 11.79 22.00 10.15
N GLY A 192 11.08 22.90 10.82
CA GLY A 192 9.70 23.21 10.46
C GLY A 192 9.54 24.18 9.31
N THR A 193 10.65 24.69 8.80
CA THR A 193 10.64 25.61 7.66
C THR A 193 11.40 24.99 6.51
N MET A 194 12.68 24.72 6.69
CA MET A 194 13.49 24.17 5.63
C MET A 194 12.99 22.82 5.11
N ASN A 195 12.71 21.87 6.02
CA ASN A 195 12.40 20.51 5.60
C ASN A 195 11.15 20.42 4.71
N GLY A 196 10.04 20.94 5.19
CA GLY A 196 8.77 20.83 4.49
C GLY A 196 8.72 21.72 3.27
N LEU A 197 9.22 22.94 3.38
CA LEU A 197 9.24 23.86 2.22
C LEU A 197 10.14 23.34 1.08
N CYS A 198 11.32 22.84 1.41
CA CYS A 198 12.20 22.23 0.37
C CYS A 198 11.57 21.00 -0.28
N THR A 199 10.98 20.15 0.54
CA THR A 199 10.33 18.98 0.05
C THR A 199 9.18 19.29 -0.92
N ILE A 200 8.32 20.23 -0.56
CA ILE A 200 7.15 20.58 -1.34
C ILE A 200 7.55 21.35 -2.57
N LEU A 201 8.54 22.22 -2.44
CA LEU A 201 8.92 23.05 -3.58
C LEU A 201 9.94 22.43 -4.50
N ASP A 202 10.54 21.34 -4.05
CA ASP A 202 11.61 20.66 -4.77
C ASP A 202 12.81 21.60 -5.05
N VAL A 203 13.40 22.07 -3.97
CA VAL A 203 14.56 22.92 -4.01
C VAL A 203 15.49 22.57 -2.85
N ASN A 204 16.75 22.96 -2.97
CA ASN A 204 17.64 22.97 -1.82
C ASN A 204 17.46 24.26 -1.04
N MET A 205 18.14 24.37 0.08
CA MET A 205 17.93 25.50 0.98
C MET A 205 18.36 26.85 0.41
N ALA A 206 19.46 26.89 -0.33
CA ALA A 206 19.84 28.11 -1.03
C ALA A 206 18.82 28.54 -2.07
N GLU A 207 18.30 27.57 -2.84
CA GLU A 207 17.29 27.86 -3.83
C GLU A 207 16.02 28.42 -3.16
N LEU A 208 15.63 27.84 -2.03
CA LEU A 208 14.50 28.33 -1.27
C LEU A 208 14.72 29.80 -0.87
N GLY A 209 15.91 30.08 -0.32
CA GLY A 209 16.26 31.42 0.07
C GLY A 209 16.21 32.44 -1.07
N LYS A 210 16.44 32.01 -2.30
CA LYS A 210 16.40 32.92 -3.44
C LYS A 210 15.00 33.33 -3.86
N THR A 211 13.97 32.65 -3.37
CA THR A 211 12.62 32.95 -3.77
C THR A 211 12.07 34.15 -3.05
N SER A 212 11.16 34.85 -3.71
CA SER A 212 10.66 36.12 -3.23
C SER A 212 9.76 35.97 -1.99
N THR A 213 9.17 34.81 -1.75
CA THR A 213 8.25 34.63 -0.62
C THR A 213 8.79 33.81 0.55
N ALA A 214 10.06 33.35 0.46
CA ALA A 214 10.59 32.49 1.49
C ALA A 214 10.57 33.16 2.87
N HIS A 215 10.95 34.44 2.91
CA HIS A 215 11.03 35.14 4.19
C HIS A 215 9.66 35.20 4.86
N LYS A 216 8.65 35.55 4.10
CA LYS A 216 7.29 35.60 4.61
C LYS A 216 6.79 34.22 5.11
N MET A 217 7.06 33.16 4.39
CA MET A 217 6.66 31.82 4.81
C MET A 217 7.40 31.43 6.08
N VAL A 218 8.71 31.66 6.12
CA VAL A 218 9.50 31.30 7.29
C VAL A 218 9.01 32.05 8.52
N ALA A 219 8.84 33.34 8.39
CA ALA A 219 8.42 34.16 9.54
C ALA A 219 7.03 33.78 10.05
N THR A 220 6.09 33.55 9.16
CA THR A 220 4.77 33.11 9.59
C THR A 220 4.81 31.76 10.37
N ILE A 221 5.58 30.79 9.88
CA ILE A 221 5.69 29.49 10.55
C ILE A 221 6.35 29.65 11.89
N VAL A 222 7.45 30.41 11.92
CA VAL A 222 8.16 30.60 13.19
C VAL A 222 7.27 31.27 14.23
N ASN A 223 6.47 32.24 13.79
CA ASN A 223 5.50 32.82 14.72
C ASN A 223 4.53 31.80 15.32
N GLU A 224 4.11 30.83 14.51
CA GLU A 224 3.16 29.80 15.00
C GLU A 224 3.85 28.91 16.04
N PHE A 225 5.09 28.51 15.76
CA PHE A 225 5.86 27.77 16.73
C PHE A 225 5.94 28.53 18.05
N ALA A 226 6.25 29.83 17.94
CA ALA A 226 6.43 30.70 19.15
C ALA A 226 5.18 30.89 20.00
N LYS A 227 4.03 30.99 19.34
CA LYS A 227 2.75 31.09 20.07
C LYS A 227 2.40 29.83 20.84
N VAL A 228 2.65 28.66 20.25
CA VAL A 228 2.48 27.40 20.96
C VAL A 228 3.51 27.23 22.10
N ALA A 229 4.77 27.51 21.83
CA ALA A 229 5.82 27.42 22.84
C ALA A 229 5.55 28.32 24.03
N ALA A 230 4.99 29.50 23.81
CA ALA A 230 4.66 30.45 24.90
C ALA A 230 3.65 29.89 25.88
N VAL A 231 2.72 29.09 25.41
CA VAL A 231 1.76 28.42 26.30
C VAL A 231 2.49 27.50 27.27
N GLU A 232 3.60 26.92 26.80
CA GLU A 232 4.40 26.08 27.67
C GLU A 232 5.49 26.93 28.38
N LYS A 233 5.33 28.25 28.43
CA LYS A 233 6.26 29.17 29.14
C LYS A 233 7.64 29.21 28.51
N ILE A 234 7.76 28.86 27.23
CA ILE A 234 8.99 29.05 26.49
C ILE A 234 8.81 30.25 25.57
N GLU A 235 9.61 31.30 25.80
CA GLU A 235 9.51 32.55 25.05
C GLU A 235 10.64 32.63 24.04
N LEU A 236 10.35 32.21 22.81
CA LEU A 236 11.34 32.29 21.76
C LEU A 236 11.60 33.72 21.36
N ASP A 237 12.87 33.99 21.12
CA ASP A 237 13.27 35.23 20.52
C ASP A 237 13.02 35.10 19.00
N VAL A 238 11.88 35.58 18.56
CA VAL A 238 11.42 35.30 17.22
C VAL A 238 12.37 35.86 16.15
N PRO A 239 12.84 37.11 16.33
CA PRO A 239 13.76 37.65 15.31
C PRO A 239 15.04 36.84 15.20
N GLU A 240 15.57 36.37 16.32
CA GLU A 240 16.80 35.57 16.26
C GLU A 240 16.51 34.20 15.62
N VAL A 241 15.37 33.61 15.94
CA VAL A 241 15.02 32.28 15.38
C VAL A 241 14.73 32.38 13.86
N ILE A 242 14.06 33.41 13.44
CA ILE A 242 13.88 33.66 12.00
C ILE A 242 15.24 33.78 11.28
N ALA A 243 16.15 34.59 11.84
CA ALA A 243 17.50 34.73 11.28
C ALA A 243 18.27 33.40 11.30
N HIS A 244 18.15 32.64 12.40
CA HIS A 244 18.76 31.30 12.48
C HIS A 244 18.22 30.38 11.36
N CYS A 245 16.89 30.41 11.11
CA CYS A 245 16.35 29.65 9.98
C CYS A 245 16.93 30.08 8.62
N GLU A 246 16.96 31.40 8.40
CA GLU A 246 17.40 31.96 7.12
C GLU A 246 18.88 31.84 6.90
N SER A 247 19.64 31.57 7.95
CA SER A 247 21.05 31.36 7.79
C SER A 247 21.35 30.08 7.00
N CYS A 248 20.38 29.13 6.99
CA CYS A 248 20.45 27.95 6.14
C CYS A 248 20.43 28.27 4.66
N PHE A 249 20.01 29.48 4.30
CA PHE A 249 20.01 29.90 2.89
C PHE A 249 21.41 30.09 2.29
N ASP A 250 22.40 30.22 3.17
CA ASP A 250 23.72 30.59 2.74
C ASP A 250 24.44 29.38 2.13
N PRO A 251 24.85 29.47 0.86
CA PRO A 251 25.68 28.42 0.24
C PRO A 251 26.96 28.09 1.04
N GLU A 252 27.54 29.07 1.73
CA GLU A 252 28.75 28.86 2.53
C GLU A 252 28.51 28.14 3.85
N THR A 253 27.25 27.94 4.27
CA THR A 253 27.01 27.12 5.45
C THR A 253 26.42 25.80 5.05
N ILE A 254 25.09 25.72 4.93
CA ILE A 254 24.48 24.48 4.53
C ILE A 254 23.56 24.63 3.30
N GLY A 255 23.54 25.80 2.70
CA GLY A 255 22.63 26.08 1.60
C GLY A 255 22.57 25.14 0.41
N LEU A 256 23.68 24.53 0.06
CA LEU A 256 23.70 23.64 -1.11
C LEU A 256 23.10 22.29 -0.82
N HIS A 257 22.79 22.01 0.44
CA HIS A 257 22.21 20.74 0.81
C HIS A 257 20.68 20.73 0.75
N TYR A 258 20.17 19.54 0.56
CA TYR A 258 18.78 19.22 0.67
C TYR A 258 18.55 18.69 2.06
N PRO A 259 17.52 19.17 2.74
CA PRO A 259 17.27 18.72 4.06
C PRO A 259 16.93 17.24 4.09
N SER A 260 16.98 16.69 5.28
CA SER A 260 16.71 15.29 5.47
C SER A 260 15.33 14.86 4.95
N MET A 261 14.31 15.71 5.15
CA MET A 261 12.94 15.37 4.76
C MET A 261 12.85 15.24 3.25
N TYR A 262 13.55 16.10 2.54
CA TYR A 262 13.66 15.98 1.08
C TYR A 262 14.30 14.68 0.65
N GLN A 263 15.42 14.33 1.29
CA GLN A 263 16.10 13.04 1.01
C GLN A 263 15.15 11.90 1.29
N ASP A 264 14.43 11.97 2.40
CA ASP A 264 13.46 10.92 2.73
C ASP A 264 12.43 10.71 1.66
N LEU A 265 11.72 11.77 1.31
CA LEU A 265 10.52 11.62 0.48
C LEU A 265 10.79 11.73 -1.01
N ILE A 266 11.46 12.80 -1.43
CA ILE A 266 11.63 13.04 -2.85
C ILE A 266 12.67 12.09 -3.47
N LYS A 267 13.81 11.96 -2.82
CA LYS A 267 14.86 11.03 -3.27
C LYS A 267 14.59 9.57 -2.94
N ASN A 268 14.24 9.24 -1.69
CA ASN A 268 14.15 7.83 -1.29
C ASN A 268 12.77 7.27 -1.17
N HIS A 269 11.75 8.08 -1.42
CA HIS A 269 10.38 7.62 -1.32
C HIS A 269 10.10 6.96 0.03
N ARG A 270 10.53 7.63 1.10
CA ARG A 270 10.24 7.18 2.47
C ARG A 270 9.31 8.21 3.18
N LEU A 271 8.50 7.74 4.13
CA LEU A 271 7.70 8.60 4.96
C LEU A 271 8.57 9.62 5.72
N THR A 272 8.02 10.79 5.95
CA THR A 272 8.71 11.87 6.64
C THR A 272 8.30 11.97 8.13
N GLU A 273 9.06 12.77 8.82
CA GLU A 273 8.85 13.09 10.21
C GLU A 273 7.92 14.31 10.45
N ILE A 274 7.15 14.68 9.45
CA ILE A 274 6.36 15.90 9.50
C ILE A 274 5.39 15.99 10.73
N ASP A 275 4.77 14.89 11.12
CA ASP A 275 3.86 14.90 12.27
C ASP A 275 4.54 15.28 13.58
N TYR A 276 5.86 15.11 13.63
CA TYR A 276 6.60 15.41 14.82
C TYR A 276 7.21 16.81 14.82
N ILE A 277 7.06 17.50 13.70
CA ILE A 277 7.65 18.83 13.59
C ILE A 277 6.48 19.82 13.47
N ASN A 278 6.07 20.17 12.27
CA ASN A 278 4.95 21.04 12.08
C ASN A 278 3.70 20.43 12.66
N GLY A 279 3.59 19.11 12.50
CA GLY A 279 2.42 18.40 13.02
C GLY A 279 2.28 18.51 14.54
N ALA A 280 3.40 18.54 15.25
CA ALA A 280 3.38 18.67 16.71
C ALA A 280 2.88 20.03 17.13
N ILE A 281 3.25 21.07 16.37
CA ILE A 281 2.76 22.38 16.58
C ILE A 281 1.25 22.46 16.27
N SER A 282 0.76 21.82 15.19
CA SER A 282 -0.70 21.79 14.91
C SER A 282 -1.46 21.13 16.03
N ARG A 283 -1.00 19.99 16.46
CA ARG A 283 -1.77 19.28 17.46
C ARG A 283 -1.79 20.05 18.80
N LYS A 284 -0.66 20.63 19.19
CA LYS A 284 -0.64 21.55 20.34
C LYS A 284 -1.55 22.72 20.18
N GLY A 285 -1.59 23.30 18.97
CA GLY A 285 -2.42 24.50 18.72
C GLY A 285 -3.86 24.19 18.97
N LYS A 286 -4.29 23.04 18.49
CA LYS A 286 -5.70 22.67 18.61
C LYS A 286 -6.07 22.53 20.05
N LYS A 287 -5.16 21.90 20.77
CA LYS A 287 -5.35 21.66 22.18
C LYS A 287 -5.28 22.98 23.02
N TYR A 288 -4.46 23.97 22.62
CA TYR A 288 -4.31 25.18 23.38
C TYR A 288 -5.17 26.30 22.87
N GLY A 289 -5.90 26.10 21.80
CA GLY A 289 -6.65 27.21 21.19
C GLY A 289 -5.77 28.25 20.49
N VAL A 290 -4.64 27.81 19.91
CA VAL A 290 -3.79 28.67 19.13
C VAL A 290 -3.90 28.28 17.65
N ALA A 291 -4.21 29.23 16.79
CA ALA A 291 -4.27 29.00 15.34
C ALA A 291 -2.87 28.71 14.83
N THR A 292 -2.72 27.60 14.08
CA THR A 292 -1.46 27.22 13.44
C THR A 292 -1.70 26.80 11.96
N PRO A 293 -2.30 27.67 11.16
CA PRO A 293 -2.71 27.30 9.85
C PRO A 293 -1.56 26.87 8.91
N TYR A 294 -0.43 27.57 8.96
CA TYR A 294 0.67 27.23 8.07
C TYR A 294 1.22 25.85 8.45
N CYS A 295 1.27 25.55 9.73
CA CYS A 295 1.70 24.21 10.14
C CYS A 295 0.68 23.15 9.74
N ASP A 296 -0.61 23.47 9.88
CA ASP A 296 -1.66 22.54 9.44
C ASP A 296 -1.49 22.27 7.91
N PHE A 297 -1.37 23.35 7.13
CA PHE A 297 -1.39 23.23 5.66
C PHE A 297 -0.12 22.53 5.16
N LEU A 298 1.03 22.90 5.73
CA LEU A 298 2.29 22.26 5.32
C LEU A 298 2.32 20.77 5.64
N THR A 299 1.80 20.41 6.80
CA THR A 299 1.63 19.02 7.15
C THR A 299 0.73 18.24 6.21
N GLU A 300 -0.41 18.83 5.90
CA GLU A 300 -1.34 18.28 4.95
C GLU A 300 -0.71 18.09 3.54
N LEU A 301 -0.01 19.12 3.09
CA LEU A 301 0.68 19.07 1.79
C LEU A 301 1.72 17.96 1.76
N VAL A 302 2.51 17.83 2.82
CA VAL A 302 3.55 16.81 2.84
C VAL A 302 2.92 15.42 2.82
N HIS A 303 1.87 15.20 3.61
CA HIS A 303 1.15 13.89 3.59
C HIS A 303 0.60 13.63 2.19
N ALA A 304 0.08 14.67 1.56
CA ALA A 304 -0.48 14.48 0.22
C ALA A 304 0.65 14.09 -0.73
N LYS A 305 1.78 14.72 -0.57
CA LYS A 305 2.89 14.41 -1.40
C LYS A 305 3.34 12.97 -1.22
N GLU A 306 3.45 12.54 0.03
CA GLU A 306 3.71 11.11 0.33
C GLU A 306 2.72 10.17 -0.32
N ASP A 307 1.43 10.48 -0.19
CA ASP A 307 0.44 9.67 -0.85
C ASP A 307 0.60 9.67 -2.37
N SER A 308 0.96 10.80 -2.96
CA SER A 308 1.00 10.89 -4.44
C SER A 308 2.17 10.10 -5.00
N LEU A 309 3.17 9.87 -4.14
CA LEU A 309 4.30 9.02 -4.50
C LEU A 309 4.10 7.58 -4.01
N ASN A 310 2.92 7.28 -3.49
CA ASN A 310 2.64 5.98 -2.94
C ASN A 310 3.63 5.49 -1.88
N VAL A 311 4.03 6.40 -1.00
CA VAL A 311 4.89 6.07 0.08
C VAL A 311 4.07 5.52 1.28
N LYS A 312 4.50 4.32 1.75
CA LYS A 312 4.01 3.57 2.94
C LYS A 312 2.83 4.28 3.62
N MET B 1 -22.97 38.33 -36.29
CA MET B 1 -22.33 39.59 -35.95
C MET B 1 -20.81 39.44 -35.91
N LYS B 2 -20.09 40.56 -36.07
CA LYS B 2 -18.63 40.51 -36.04
C LYS B 2 -18.14 40.37 -34.56
N ILE B 3 -17.44 39.27 -34.30
CA ILE B 3 -16.96 38.93 -32.98
C ILE B 3 -15.46 38.94 -32.99
N ALA B 4 -14.88 39.68 -32.05
CA ALA B 4 -13.45 39.61 -31.80
C ALA B 4 -13.19 38.74 -30.56
N ILE B 5 -12.23 37.83 -30.68
CA ILE B 5 -11.76 37.04 -29.58
C ILE B 5 -10.43 37.65 -29.14
N ALA B 6 -10.46 38.33 -28.00
CA ALA B 6 -9.28 39.02 -27.54
C ALA B 6 -8.56 38.09 -26.57
N GLY B 7 -7.53 37.43 -27.07
CA GLY B 7 -6.81 36.39 -26.36
C GLY B 7 -7.22 35.07 -26.96
N ALA B 8 -6.50 34.67 -28.00
CA ALA B 8 -6.91 33.49 -28.76
C ALA B 8 -6.04 32.30 -28.43
N GLY B 9 -5.92 31.98 -27.15
CA GLY B 9 -5.18 30.80 -26.73
C GLY B 9 -6.11 29.60 -26.76
N ALA B 10 -5.96 28.69 -25.79
CA ALA B 10 -6.73 27.49 -25.85
C ALA B 10 -8.22 27.78 -25.88
N MET B 11 -8.70 28.56 -24.91
CA MET B 11 -10.14 28.81 -24.80
C MET B 11 -10.65 29.79 -25.89
N GLY B 12 -9.86 30.82 -26.17
CA GLY B 12 -10.21 31.76 -27.18
C GLY B 12 -10.30 31.09 -28.55
N SER B 13 -9.42 30.10 -28.77
CA SER B 13 -9.44 29.33 -30.00
C SER B 13 -10.72 28.48 -30.05
N ARG B 14 -11.06 27.81 -28.96
CA ARG B 14 -12.31 27.05 -28.96
C ARG B 14 -13.49 27.94 -29.35
N PHE B 15 -13.67 29.05 -28.62
CA PHE B 15 -14.85 29.88 -28.81
C PHE B 15 -14.90 30.42 -30.27
N GLY B 16 -13.76 30.87 -30.76
CA GLY B 16 -13.67 31.42 -32.09
C GLY B 16 -14.05 30.38 -33.14
N LEU B 17 -13.48 29.20 -33.00
CA LEU B 17 -13.74 28.12 -33.88
C LEU B 17 -15.21 27.73 -33.89
N MET B 18 -15.79 27.49 -32.72
CA MET B 18 -17.20 27.17 -32.62
C MET B 18 -18.07 28.31 -33.14
N LEU B 19 -17.73 29.56 -32.81
CA LEU B 19 -18.54 30.67 -33.30
C LEU B 19 -18.45 30.79 -34.85
N HIS B 20 -17.27 30.52 -35.40
CA HIS B 20 -17.06 30.58 -36.83
C HIS B 20 -17.81 29.45 -37.54
N GLN B 21 -17.82 28.25 -36.97
CA GLN B 21 -18.51 27.13 -37.59
C GLN B 21 -19.99 27.32 -37.70
N SER B 22 -20.54 28.23 -36.93
CA SER B 22 -21.96 28.53 -37.03
C SER B 22 -22.25 29.73 -37.92
N GLY B 23 -21.24 30.24 -38.61
CA GLY B 23 -21.45 31.34 -39.57
C GLY B 23 -21.25 32.74 -39.03
N ASN B 24 -20.77 32.87 -37.79
CA ASN B 24 -20.40 34.18 -37.29
C ASN B 24 -19.09 34.61 -37.93
N GLU B 25 -18.90 35.92 -38.05
CA GLU B 25 -17.64 36.43 -38.51
C GLU B 25 -16.75 36.67 -37.32
N VAL B 26 -15.55 36.07 -37.33
CA VAL B 26 -14.71 36.04 -36.19
C VAL B 26 -13.34 36.64 -36.51
N LEU B 27 -12.89 37.55 -35.67
CA LEU B 27 -11.53 38.03 -35.72
C LEU B 27 -10.77 37.61 -34.44
N LEU B 28 -9.63 36.94 -34.60
CA LEU B 28 -8.79 36.62 -33.44
C LEU B 28 -7.77 37.68 -33.22
N ILE B 29 -7.54 38.01 -31.95
CA ILE B 29 -6.54 38.97 -31.58
C ILE B 29 -5.67 38.32 -30.54
N ASP B 30 -4.36 38.40 -30.70
CA ASP B 30 -3.45 37.72 -29.80
C ASP B 30 -2.12 38.42 -29.72
N GLY B 31 -1.37 38.12 -28.68
CA GLY B 31 -0.08 38.71 -28.45
C GLY B 31 1.08 37.78 -28.68
N TRP B 32 0.84 36.53 -29.06
CA TRP B 32 1.94 35.57 -29.28
C TRP B 32 2.28 35.53 -30.76
N ALA B 33 3.37 36.20 -31.11
CA ALA B 33 3.71 36.44 -32.53
C ALA B 33 3.80 35.14 -33.31
N GLU B 34 4.48 34.14 -32.76
CA GLU B 34 4.65 32.87 -33.49
C GLU B 34 3.28 32.22 -33.79
N HIS B 35 2.36 32.34 -32.83
CA HIS B 35 1.03 31.79 -32.93
C HIS B 35 0.23 32.48 -33.99
N VAL B 36 0.28 33.80 -33.97
CA VAL B 36 -0.36 34.63 -35.00
C VAL B 36 0.15 34.29 -36.42
N GLN B 37 1.46 34.18 -36.57
CA GLN B 37 2.05 33.81 -37.86
C GLN B 37 1.56 32.44 -38.37
N GLN B 38 1.61 31.44 -37.50
CA GLN B 38 1.14 30.10 -37.83
C GLN B 38 -0.29 30.13 -38.32
N ILE B 39 -1.14 30.87 -37.61
CA ILE B 39 -2.55 30.86 -37.96
C ILE B 39 -2.73 31.54 -39.32
N LYS B 40 -1.93 32.58 -39.57
CA LYS B 40 -2.01 33.30 -40.85
C LYS B 40 -1.66 32.42 -42.02
N GLU B 41 -0.58 31.67 -41.88
CA GLU B 41 -0.10 30.82 -42.92
C GLU B 41 -0.86 29.52 -43.07
N HIS B 42 -1.25 28.87 -41.96
CA HIS B 42 -1.81 27.51 -42.01
C HIS B 42 -3.19 27.39 -41.41
N GLY B 43 -3.79 28.50 -41.00
CA GLY B 43 -5.07 28.47 -40.31
C GLY B 43 -4.91 27.91 -38.88
N LEU B 44 -6.01 27.90 -38.14
CA LEU B 44 -6.08 27.32 -36.81
C LEU B 44 -6.40 25.85 -36.92
N GLN B 45 -5.53 25.02 -36.35
CA GLN B 45 -5.73 23.59 -36.39
C GLN B 45 -6.14 23.07 -35.01
N ALA B 46 -7.12 22.18 -35.02
CA ALA B 46 -7.66 21.60 -33.83
C ALA B 46 -7.87 20.10 -33.93
N ASN B 47 -7.49 19.37 -32.88
CA ASN B 47 -8.06 18.07 -32.65
C ASN B 47 -9.35 18.31 -31.92
N PHE B 48 -10.45 18.24 -32.64
CA PHE B 48 -11.74 18.60 -32.08
C PHE B 48 -12.59 17.37 -31.90
N ASN B 49 -12.62 16.88 -30.67
CA ASN B 49 -13.31 15.64 -30.31
C ASN B 49 -12.82 14.47 -31.11
N GLY B 50 -11.57 14.47 -31.53
CA GLY B 50 -11.02 13.36 -32.31
C GLY B 50 -10.94 13.58 -33.84
N LYS B 51 -11.53 14.66 -34.32
CA LYS B 51 -11.47 14.98 -35.74
C LYS B 51 -10.50 16.13 -35.92
N GLU B 52 -9.53 15.93 -36.80
CA GLU B 52 -8.67 16.99 -37.20
C GLU B 52 -9.47 18.02 -38.04
N VAL B 53 -9.38 19.27 -37.63
CA VAL B 53 -10.12 20.35 -38.21
C VAL B 53 -9.16 21.51 -38.47
N GLU B 54 -9.45 22.29 -39.50
CA GLU B 54 -8.65 23.45 -39.84
C GLU B 54 -9.66 24.55 -40.13
N ALA B 55 -9.43 25.77 -39.63
CA ALA B 55 -10.25 26.89 -40.02
C ALA B 55 -9.37 28.10 -40.29
N LYS B 56 -9.61 28.79 -41.40
CA LYS B 56 -8.78 29.95 -41.75
C LYS B 56 -9.42 31.18 -41.17
N LEU B 57 -9.01 31.53 -39.96
CA LEU B 57 -9.64 32.61 -39.26
C LEU B 57 -8.72 33.80 -39.39
N PRO B 58 -9.28 34.97 -39.69
CA PRO B 58 -8.47 36.16 -39.65
C PRO B 58 -7.86 36.35 -38.24
N ILE B 59 -6.62 36.81 -38.19
CA ILE B 59 -5.95 37.03 -36.93
C ILE B 59 -5.04 38.25 -37.03
N VAL B 60 -5.01 39.04 -35.96
CA VAL B 60 -4.15 40.21 -35.90
C VAL B 60 -3.40 40.27 -34.58
N LEU B 61 -2.14 40.70 -34.62
CA LEU B 61 -1.39 40.99 -33.39
C LEU B 61 -2.09 42.11 -32.62
N GLN B 62 -2.16 41.98 -31.29
CA GLN B 62 -2.94 42.94 -30.52
C GLN B 62 -2.41 44.36 -30.68
N SER B 63 -1.11 44.51 -30.85
CA SER B 63 -0.50 45.84 -31.02
C SER B 63 -0.78 46.45 -32.41
N GLU B 64 -1.27 45.66 -33.36
CA GLU B 64 -1.54 46.14 -34.72
C GLU B 64 -3.02 46.25 -35.05
N VAL B 65 -3.86 46.29 -34.03
CA VAL B 65 -5.29 46.43 -34.29
C VAL B 65 -5.58 47.76 -35.01
N GLU B 66 -6.57 47.77 -35.92
CA GLU B 66 -7.04 49.00 -36.55
C GLU B 66 -8.54 48.98 -36.82
N ASP B 69 -11.74 48.37 -38.44
CA ASP B 69 -11.57 47.03 -37.84
C ASP B 69 -12.60 46.69 -36.71
N GLN B 70 -13.53 47.61 -36.51
CA GLN B 70 -14.68 47.47 -35.58
C GLN B 70 -15.36 46.10 -35.46
N VAL B 71 -15.80 45.76 -34.24
CA VAL B 71 -16.67 44.60 -34.04
C VAL B 71 -17.86 44.93 -33.15
N ASP B 72 -18.83 44.02 -33.10
CA ASP B 72 -19.99 44.14 -32.21
C ASP B 72 -19.81 43.51 -30.83
N LEU B 73 -18.98 42.47 -30.74
CA LEU B 73 -18.77 41.70 -29.51
C LEU B 73 -17.31 41.37 -29.38
N ILE B 74 -16.73 41.75 -28.25
CA ILE B 74 -15.38 41.32 -27.85
C ILE B 74 -15.48 40.33 -26.71
N ILE B 75 -14.87 39.16 -26.91
CA ILE B 75 -14.80 38.13 -25.86
C ILE B 75 -13.38 38.06 -25.34
N LEU B 76 -13.19 38.41 -24.07
CA LEU B 76 -11.85 38.39 -23.49
C LEU B 76 -11.53 36.97 -23.03
N PHE B 77 -10.36 36.49 -23.42
CA PHE B 77 -9.90 35.15 -23.09
C PHE B 77 -8.39 35.07 -22.97
N THR B 78 -7.77 36.19 -22.62
CA THR B 78 -6.37 36.11 -22.15
C THR B 78 -6.28 35.39 -20.79
N LYS B 79 -5.05 35.08 -20.40
CA LYS B 79 -4.75 34.83 -18.98
C LYS B 79 -4.89 36.16 -18.22
N ALA B 80 -5.21 36.06 -16.94
CA ALA B 80 -5.50 37.26 -16.18
C ALA B 80 -4.37 38.30 -16.28
N MET B 81 -3.11 37.85 -16.28
CA MET B 81 -1.97 38.77 -16.25
C MET B 81 -1.83 39.61 -17.52
N GLN B 82 -2.42 39.12 -18.60
CA GLN B 82 -2.35 39.77 -19.89
C GLN B 82 -3.58 40.64 -20.15
N LEU B 83 -4.57 40.58 -19.28
CA LEU B 83 -5.82 41.30 -19.54
C LEU B 83 -5.68 42.85 -19.69
N GLU B 84 -4.97 43.51 -18.78
CA GLU B 84 -4.84 44.97 -18.81
C GLU B 84 -4.14 45.47 -20.10
N LYS B 85 -2.98 44.88 -20.38
CA LYS B 85 -2.25 45.21 -21.59
C LYS B 85 -3.10 44.95 -22.84
N MET B 86 -3.89 43.89 -22.82
CA MET B 86 -4.72 43.56 -23.99
C MET B 86 -5.77 44.66 -24.16
N LEU B 87 -6.39 45.09 -23.05
CA LEU B 87 -7.39 46.15 -23.12
C LEU B 87 -6.79 47.50 -23.61
N GLN B 88 -5.56 47.80 -23.21
CA GLN B 88 -4.85 48.97 -23.67
C GLN B 88 -4.65 48.92 -25.19
N ASP B 89 -4.23 47.76 -25.68
CA ASP B 89 -3.92 47.61 -27.10
C ASP B 89 -5.12 47.60 -28.02
N ILE B 90 -6.29 47.28 -27.54
CA ILE B 90 -7.45 47.16 -28.39
C ILE B 90 -8.53 48.20 -28.05
N GLN B 91 -8.16 49.21 -27.26
CA GLN B 91 -9.11 50.32 -26.97
C GLN B 91 -9.85 50.87 -28.18
N SER B 92 -9.12 51.06 -29.27
CA SER B 92 -9.71 51.58 -30.52
C SER B 92 -10.92 50.75 -31.02
N LEU B 93 -11.05 49.50 -30.55
CA LEU B 93 -12.18 48.63 -30.95
C LEU B 93 -13.37 48.82 -30.04
N ILE B 94 -13.19 49.51 -28.93
CA ILE B 94 -14.28 49.62 -27.98
C ILE B 94 -15.07 50.90 -28.24
N LYS B 95 -16.17 50.76 -28.98
CA LYS B 95 -17.09 51.85 -29.33
C LYS B 95 -18.31 51.87 -28.41
N LYS B 96 -19.09 52.96 -28.40
CA LYS B 96 -20.28 53.04 -27.54
C LYS B 96 -21.21 51.79 -27.73
N ASP B 97 -21.11 51.10 -28.88
CA ASP B 97 -21.93 49.93 -29.31
C ASP B 97 -21.56 48.61 -28.66
N THR B 98 -20.26 48.41 -28.49
CA THR B 98 -19.66 47.11 -28.44
C THR B 98 -19.89 46.39 -27.14
N GLU B 99 -20.46 45.18 -27.21
CA GLU B 99 -20.52 44.31 -26.03
C GLU B 99 -19.13 43.73 -25.71
N VAL B 100 -18.77 43.75 -24.44
CA VAL B 100 -17.50 43.17 -23.98
C VAL B 100 -17.80 42.08 -22.95
N LEU B 101 -17.44 40.84 -23.28
CA LEU B 101 -17.72 39.70 -22.41
C LEU B 101 -16.41 39.12 -21.87
N CYS B 102 -16.34 39.02 -20.56
CA CYS B 102 -15.17 38.45 -19.86
C CYS B 102 -15.54 37.13 -19.25
N LEU B 103 -14.85 36.10 -19.68
CA LEU B 103 -15.06 34.71 -19.22
C LEU B 103 -13.79 34.11 -18.62
N LEU B 104 -12.84 34.95 -18.29
CA LEU B 104 -11.68 34.52 -17.56
C LEU B 104 -11.99 33.91 -16.19
N ASN B 105 -11.13 32.95 -15.81
CA ASN B 105 -11.11 32.50 -14.43
C ASN B 105 -10.58 33.62 -13.55
N GLY B 106 -10.89 33.51 -12.28
CA GLY B 106 -10.45 34.50 -11.33
C GLY B 106 -11.53 35.54 -11.05
N ILE B 107 -11.18 36.42 -10.12
CA ILE B 107 -12.13 37.27 -9.47
C ILE B 107 -11.77 38.73 -9.73
N GLY B 108 -12.78 39.60 -9.88
CA GLY B 108 -12.54 41.05 -9.85
C GLY B 108 -12.15 41.69 -11.18
N HIS B 109 -12.19 40.95 -12.30
CA HIS B 109 -11.73 41.50 -13.58
C HIS B 109 -12.57 42.71 -14.05
N GLU B 110 -13.81 42.84 -13.59
CA GLU B 110 -14.65 44.02 -13.86
C GLU B 110 -13.92 45.33 -13.54
N ASP B 111 -13.15 45.36 -12.46
CA ASP B 111 -12.48 46.57 -12.06
C ASP B 111 -11.58 47.10 -13.17
N ILE B 112 -10.82 46.22 -13.78
CA ILE B 112 -9.92 46.68 -14.81
C ILE B 112 -10.70 46.95 -16.08
N ILE B 113 -11.74 46.16 -16.33
CA ILE B 113 -12.50 46.32 -17.57
C ILE B 113 -13.22 47.68 -17.57
N GLU B 114 -13.66 48.11 -16.41
CA GLU B 114 -14.35 49.40 -16.23
C GLU B 114 -13.49 50.63 -16.53
N LYS B 115 -12.18 50.46 -16.54
CA LYS B 115 -11.28 51.53 -16.93
C LYS B 115 -11.33 51.79 -18.44
N PHE B 116 -11.76 50.81 -19.23
CA PHE B 116 -11.71 50.91 -20.68
C PHE B 116 -13.08 50.83 -21.32
N VAL B 117 -14.07 50.32 -20.61
CA VAL B 117 -15.33 50.01 -21.23
C VAL B 117 -16.42 50.62 -20.40
N PRO B 118 -17.39 51.26 -21.05
CA PRO B 118 -18.53 51.79 -20.30
C PRO B 118 -19.28 50.65 -19.61
N MET B 119 -19.73 50.92 -18.40
CA MET B 119 -20.35 49.91 -17.55
C MET B 119 -21.52 49.19 -18.21
N GLU B 120 -22.30 49.90 -19.00
CA GLU B 120 -23.50 49.31 -19.58
C GLU B 120 -23.13 48.26 -20.64
N ASN B 121 -21.89 48.31 -21.15
CA ASN B 121 -21.45 47.35 -22.15
C ASN B 121 -20.63 46.14 -21.63
N ILE B 122 -20.53 46.00 -20.30
CA ILE B 122 -19.76 44.94 -19.71
C ILE B 122 -20.62 43.76 -19.29
N TYR B 123 -20.22 42.58 -19.76
CA TYR B 123 -20.82 41.33 -19.39
C TYR B 123 -19.73 40.43 -18.83
N ILE B 124 -20.02 39.72 -17.75
CA ILE B 124 -19.04 38.84 -17.14
C ILE B 124 -19.64 37.50 -16.81
N GLY B 125 -18.75 36.54 -16.74
CA GLY B 125 -19.13 35.20 -16.33
C GLY B 125 -17.95 34.29 -16.22
N ASN B 126 -18.25 33.01 -16.33
CA ASN B 126 -17.24 31.98 -16.33
C ASN B 126 -17.69 30.83 -17.19
N THR B 127 -16.82 29.85 -17.36
CA THR B 127 -17.11 28.73 -18.23
C THR B 127 -16.54 27.40 -17.70
N MET B 128 -17.20 26.33 -18.09
CA MET B 128 -16.80 24.98 -17.73
C MET B 128 -16.29 24.25 -18.96
N TRP B 129 -16.18 24.93 -20.09
CA TRP B 129 -15.52 24.35 -21.23
C TRP B 129 -14.04 24.17 -20.85
N THR B 130 -13.32 23.28 -21.53
CA THR B 130 -11.90 23.11 -21.40
C THR B 130 -11.21 23.20 -22.76
N ALA B 131 -9.89 23.39 -22.73
CA ALA B 131 -9.12 23.43 -23.97
C ALA B 131 -7.63 23.32 -23.68
N GLY B 132 -6.86 22.86 -24.63
CA GLY B 132 -5.43 22.83 -24.55
C GLY B 132 -4.74 23.46 -25.76
N LEU B 133 -3.71 24.23 -25.49
CA LEU B 133 -2.92 24.83 -26.53
C LEU B 133 -1.69 23.99 -26.63
N GLU B 134 -1.54 23.26 -27.74
CA GLU B 134 -0.44 22.31 -27.94
C GLU B 134 0.82 22.97 -28.51
N GLY B 135 0.65 24.05 -29.27
CA GLY B 135 1.80 24.78 -29.80
C GLY B 135 1.21 25.85 -30.64
N PRO B 136 2.08 26.63 -31.31
CA PRO B 136 1.51 27.69 -32.13
C PRO B 136 0.55 27.12 -33.18
N GLY B 137 -0.63 27.71 -33.22
CA GLY B 137 -1.63 27.37 -34.20
C GLY B 137 -2.29 26.04 -33.96
N GLN B 138 -2.07 25.42 -32.80
CA GLN B 138 -2.61 24.08 -32.52
C GLN B 138 -3.33 23.92 -31.17
N VAL B 139 -4.57 23.49 -31.24
CA VAL B 139 -5.38 23.26 -30.06
C VAL B 139 -5.99 21.85 -30.02
N LYS B 140 -6.22 21.38 -28.83
CA LYS B 140 -6.90 20.12 -28.60
C LYS B 140 -8.18 20.45 -27.79
N LEU B 141 -9.32 20.05 -28.31
CA LEU B 141 -10.61 20.39 -27.74
C LEU B 141 -11.45 19.12 -27.52
N PHE B 142 -11.68 18.79 -26.27
CA PHE B 142 -12.51 17.66 -25.88
C PHE B 142 -13.54 18.05 -24.84
N GLY B 143 -14.52 17.18 -24.68
CA GLY B 143 -15.48 17.30 -23.60
C GLY B 143 -16.65 18.17 -23.92
N SER B 144 -17.50 18.33 -22.91
CA SER B 144 -18.64 19.24 -22.96
C SER B 144 -18.29 20.45 -22.06
N GLY B 145 -19.26 21.34 -21.90
CA GLY B 145 -19.05 22.53 -21.14
C GLY B 145 -20.30 23.39 -21.08
N SER B 146 -20.16 24.53 -20.42
CA SER B 146 -21.21 25.50 -20.31
C SER B 146 -20.60 26.87 -20.06
N VAL B 147 -21.45 27.88 -20.17
CA VAL B 147 -21.11 29.25 -19.88
C VAL B 147 -22.22 29.84 -19.03
N GLU B 148 -21.84 30.62 -18.04
CA GLU B 148 -22.76 31.49 -17.35
C GLU B 148 -22.32 32.94 -17.43
N LEU B 149 -23.28 33.85 -17.60
CA LEU B 149 -22.96 35.26 -17.78
C LEU B 149 -24.09 36.14 -17.32
N GLN B 150 -23.73 37.38 -17.02
CA GLN B 150 -24.67 38.38 -16.59
C GLN B 150 -24.15 39.73 -16.99
N ASN B 151 -25.10 40.62 -17.31
CA ASN B 151 -24.80 42.03 -17.51
C ASN B 151 -24.41 42.72 -16.21
N LEU B 152 -23.47 43.66 -16.26
CA LEU B 152 -23.19 44.49 -15.09
C LEU B 152 -23.94 45.81 -15.13
N GLY B 153 -24.35 46.24 -16.32
CA GLY B 153 -25.08 47.49 -16.48
C GLY B 153 -26.58 47.38 -16.20
N ASP B 154 -27.11 48.39 -15.51
CA ASP B 154 -28.55 48.46 -15.22
C ASP B 154 -29.36 48.42 -16.49
N GLY B 155 -30.40 47.59 -16.50
CA GLY B 155 -31.29 47.52 -17.64
C GLY B 155 -30.80 46.68 -18.80
N LYS B 156 -29.71 45.94 -18.63
CA LYS B 156 -29.14 45.17 -19.75
C LYS B 156 -29.43 43.70 -19.69
N GLU B 157 -30.36 43.34 -18.84
CA GLU B 157 -30.73 41.95 -18.69
C GLU B 157 -31.12 41.26 -20.02
N ALA B 158 -32.05 41.85 -20.75
CA ALA B 158 -32.46 41.32 -22.03
C ALA B 158 -31.29 41.21 -23.03
N ALA B 159 -30.40 42.19 -23.05
CA ALA B 159 -29.22 42.13 -23.92
C ALA B 159 -28.32 40.94 -23.53
N ALA B 160 -28.22 40.69 -22.21
CA ALA B 160 -27.44 39.57 -21.70
C ALA B 160 -28.03 38.25 -22.11
N LYS B 161 -29.35 38.15 -22.01
CA LYS B 161 -30.02 36.90 -22.43
C LYS B 161 -29.85 36.63 -23.91
N LYS B 162 -29.91 37.71 -24.69
CA LYS B 162 -29.72 37.59 -26.13
C LYS B 162 -28.30 37.08 -26.40
N LEU B 163 -27.34 37.61 -25.65
CA LEU B 163 -25.95 37.25 -25.84
C LEU B 163 -25.73 35.79 -25.51
N ALA B 164 -26.33 35.35 -24.42
CA ALA B 164 -26.30 33.93 -24.07
C ALA B 164 -26.91 33.06 -25.17
N ASP B 165 -28.06 33.46 -25.70
CA ASP B 165 -28.71 32.70 -26.80
C ASP B 165 -27.79 32.61 -28.01
N LYS B 166 -27.18 33.73 -28.38
CA LYS B 166 -26.23 33.76 -29.47
C LYS B 166 -25.12 32.72 -29.28
N LEU B 167 -24.51 32.69 -28.10
CA LEU B 167 -23.42 31.74 -27.84
C LEU B 167 -23.95 30.33 -27.87
N SER B 168 -25.14 30.14 -27.33
CA SER B 168 -25.77 28.84 -27.39
C SER B 168 -26.04 28.35 -28.84
N GLU B 169 -26.34 29.28 -29.75
CA GLU B 169 -26.51 28.95 -31.16
C GLU B 169 -25.25 28.39 -31.81
N SER B 170 -24.08 28.64 -31.20
CA SER B 170 -22.84 28.01 -31.66
C SER B 170 -22.42 26.81 -30.78
N GLY B 171 -23.36 26.26 -30.03
CA GLY B 171 -23.08 25.07 -29.20
C GLY B 171 -22.37 25.34 -27.85
N LEU B 172 -22.22 26.59 -27.44
CA LEU B 172 -21.47 26.94 -26.24
C LEU B 172 -22.23 26.74 -24.93
N ASN B 173 -23.51 26.41 -25.02
CA ASN B 173 -24.33 26.07 -23.87
C ASN B 173 -24.26 27.16 -22.78
N ALA B 174 -24.56 28.39 -23.21
CA ALA B 174 -24.46 29.57 -22.37
C ALA B 174 -25.81 29.89 -21.72
N HIS B 175 -25.78 30.28 -20.44
CA HIS B 175 -26.97 30.62 -19.69
C HIS B 175 -26.79 31.94 -18.98
N PHE B 176 -27.88 32.69 -18.95
CA PHE B 176 -27.95 33.91 -18.21
C PHE B 176 -28.07 33.51 -16.76
N SER B 177 -27.42 34.25 -15.88
CA SER B 177 -27.54 34.07 -14.47
C SER B 177 -27.94 35.39 -13.84
N ASP B 178 -28.83 35.31 -12.86
CA ASP B 178 -29.20 36.51 -12.11
C ASP B 178 -28.31 36.74 -10.88
N ASN B 179 -27.33 35.86 -10.65
CA ASN B 179 -26.43 36.00 -9.56
C ASN B 179 -25.00 35.58 -9.95
N ILE B 180 -24.43 36.35 -10.89
CA ILE B 180 -23.16 35.97 -11.45
C ILE B 180 -22.03 35.97 -10.43
N HIS B 181 -22.09 36.85 -9.45
CA HIS B 181 -21.06 36.91 -8.43
C HIS B 181 -20.98 35.63 -7.59
N TYR B 182 -22.13 35.05 -7.29
CA TYR B 182 -22.18 33.78 -6.60
C TYR B 182 -21.49 32.73 -7.50
N SER B 183 -21.89 32.72 -8.75
CA SER B 183 -21.36 31.79 -9.70
C SER B 183 -19.83 31.95 -9.93
N ILE B 184 -19.33 33.17 -9.95
CA ILE B 184 -17.88 33.40 -10.09
C ILE B 184 -17.16 32.90 -8.87
N TYR B 185 -17.68 33.16 -7.70
CA TYR B 185 -17.00 32.72 -6.48
C TYR B 185 -16.93 31.21 -6.44
N ARG B 186 -18.02 30.58 -6.90
CA ARG B 186 -18.15 29.16 -6.79
C ARG B 186 -17.16 28.43 -7.75
N LYS B 187 -17.04 28.93 -8.97
CA LYS B 187 -16.03 28.45 -9.86
C LYS B 187 -14.62 28.83 -9.39
N ALA B 188 -14.47 29.98 -8.77
CA ALA B 188 -13.15 30.37 -8.22
C ALA B 188 -12.71 29.44 -7.14
N CYS B 189 -13.65 28.87 -6.40
CA CYS B 189 -13.31 27.87 -5.40
C CYS B 189 -12.68 26.61 -6.02
N VAL B 190 -13.22 26.20 -7.15
CA VAL B 190 -12.64 25.13 -7.94
C VAL B 190 -11.23 25.50 -8.38
N ASN B 191 -11.07 26.68 -8.97
CA ASN B 191 -9.77 27.10 -9.44
C ASN B 191 -8.84 27.37 -8.29
N GLY B 192 -9.41 27.70 -7.13
CA GLY B 192 -8.61 28.02 -5.94
C GLY B 192 -8.20 26.80 -5.16
N THR B 193 -8.72 25.63 -5.55
CA THR B 193 -8.27 24.39 -4.96
C THR B 193 -7.46 23.59 -5.98
N MET B 194 -8.09 23.19 -7.09
CA MET B 194 -7.47 22.32 -8.03
C MET B 194 -6.19 22.90 -8.65
N ASN B 195 -6.24 24.15 -9.12
CA ASN B 195 -5.10 24.72 -9.85
C ASN B 195 -3.80 24.80 -9.05
N GLY B 196 -3.87 25.41 -7.86
CA GLY B 196 -2.69 25.56 -7.00
C GLY B 196 -2.21 24.28 -6.37
N LEU B 197 -3.12 23.49 -5.87
CA LEU B 197 -2.75 22.22 -5.24
C LEU B 197 -2.14 21.24 -6.24
N CYS B 198 -2.76 21.10 -7.42
CA CYS B 198 -2.18 20.29 -8.48
C CYS B 198 -0.82 20.80 -8.92
N THR B 199 -0.67 22.12 -9.06
CA THR B 199 0.61 22.70 -9.41
C THR B 199 1.71 22.42 -8.39
N ILE B 200 1.43 22.64 -7.13
CA ILE B 200 2.45 22.47 -6.06
C ILE B 200 2.75 21.01 -5.80
N LEU B 201 1.74 20.15 -5.88
CA LEU B 201 1.91 18.72 -5.54
C LEU B 201 2.32 17.88 -6.72
N ASP B 202 2.27 18.48 -7.92
CA ASP B 202 2.62 17.77 -9.18
C ASP B 202 1.76 16.52 -9.40
N VAL B 203 0.46 16.73 -9.51
CA VAL B 203 -0.51 15.69 -9.69
C VAL B 203 -1.62 16.23 -10.60
N ASN B 204 -2.33 15.30 -11.25
CA ASN B 204 -3.57 15.65 -11.85
C ASN B 204 -4.69 15.62 -10.81
N MET B 205 -5.90 15.98 -11.23
CA MET B 205 -7.00 16.16 -10.27
C MET B 205 -7.49 14.87 -9.61
N ALA B 206 -7.51 13.80 -10.35
CA ALA B 206 -7.81 12.49 -9.79
C ALA B 206 -6.75 12.04 -8.77
N GLU B 207 -5.49 12.28 -9.06
CA GLU B 207 -4.44 11.95 -8.15
C GLU B 207 -4.58 12.79 -6.87
N LEU B 208 -4.92 14.09 -7.01
CA LEU B 208 -5.14 14.90 -5.82
C LEU B 208 -6.25 14.33 -4.95
N GLY B 209 -7.35 13.94 -5.59
CA GLY B 209 -8.49 13.33 -4.90
C GLY B 209 -8.16 12.01 -4.17
N LYS B 210 -7.16 11.27 -4.64
CA LYS B 210 -6.75 10.05 -3.99
C LYS B 210 -5.95 10.27 -2.73
N THR B 211 -5.45 11.47 -2.49
CA THR B 211 -4.62 11.71 -1.29
C THR B 211 -5.47 11.84 -0.04
N SER B 212 -4.87 11.47 1.08
CA SER B 212 -5.59 11.45 2.35
C SER B 212 -6.00 12.84 2.88
N THR B 213 -5.31 13.91 2.48
CA THR B 213 -5.59 15.23 3.00
C THR B 213 -6.26 16.20 2.01
N ALA B 214 -6.62 15.73 0.83
CA ALA B 214 -7.23 16.62 -0.14
C ALA B 214 -8.54 17.21 0.33
N HIS B 215 -9.38 16.39 0.94
CA HIS B 215 -10.63 16.88 1.39
C HIS B 215 -10.46 18.02 2.39
N LYS B 216 -9.60 17.81 3.37
CA LYS B 216 -9.34 18.83 4.38
C LYS B 216 -8.81 20.15 3.75
N MET B 217 -7.90 20.05 2.79
CA MET B 217 -7.31 21.21 2.19
C MET B 217 -8.39 21.93 1.40
N VAL B 218 -9.17 21.18 0.62
CA VAL B 218 -10.25 21.77 -0.17
C VAL B 218 -11.23 22.48 0.71
N ALA B 219 -11.69 21.81 1.74
CA ALA B 219 -12.71 22.40 2.62
C ALA B 219 -12.20 23.66 3.34
N THR B 220 -10.96 23.69 3.78
CA THR B 220 -10.44 24.85 4.46
C THR B 220 -10.37 26.03 3.51
N ILE B 221 -9.92 25.78 2.28
CA ILE B 221 -9.83 26.83 1.32
C ILE B 221 -11.21 27.38 1.01
N VAL B 222 -12.13 26.49 0.74
CA VAL B 222 -13.50 26.90 0.39
C VAL B 222 -14.11 27.76 1.50
N ASN B 223 -13.86 27.39 2.76
CA ASN B 223 -14.33 28.18 3.87
C ASN B 223 -13.75 29.59 3.92
N GLU B 224 -12.48 29.74 3.55
CA GLU B 224 -11.88 31.07 3.43
C GLU B 224 -12.57 31.89 2.32
N PHE B 225 -12.83 31.26 1.16
CA PHE B 225 -13.51 31.99 0.09
C PHE B 225 -14.86 32.45 0.59
N ALA B 226 -15.57 31.55 1.26
CA ALA B 226 -16.94 31.82 1.74
C ALA B 226 -16.98 32.98 2.80
N LYS B 227 -15.99 33.05 3.69
CA LYS B 227 -15.94 34.11 4.70
C LYS B 227 -15.78 35.45 4.03
N VAL B 228 -14.93 35.52 3.01
CA VAL B 228 -14.72 36.75 2.27
C VAL B 228 -15.96 37.10 1.46
N ALA B 229 -16.53 36.13 0.77
CA ALA B 229 -17.73 36.37 -0.01
C ALA B 229 -18.89 36.87 0.88
N ALA B 230 -19.00 36.36 2.11
CA ALA B 230 -20.12 36.74 3.03
C ALA B 230 -20.07 38.23 3.39
N VAL B 231 -18.89 38.81 3.52
CA VAL B 231 -18.74 40.23 3.76
C VAL B 231 -19.38 41.01 2.59
N GLU B 232 -19.32 40.47 1.40
CA GLU B 232 -19.92 41.10 0.22
C GLU B 232 -21.37 40.63 0.04
N LYS B 233 -21.95 40.03 1.06
CA LYS B 233 -23.35 39.58 1.07
C LYS B 233 -23.61 38.44 0.10
N ILE B 234 -22.59 37.65 -0.23
CA ILE B 234 -22.75 36.44 -1.03
C ILE B 234 -22.57 35.27 -0.08
N GLU B 235 -23.62 34.48 0.08
CA GLU B 235 -23.63 33.37 1.03
C GLU B 235 -23.50 32.04 0.28
N LEU B 236 -22.28 31.56 0.16
CA LEU B 236 -22.05 30.32 -0.55
C LEU B 236 -22.60 29.18 0.25
N ASP B 237 -23.20 28.24 -0.46
CA ASP B 237 -23.57 26.93 0.13
C ASP B 237 -22.30 26.10 0.21
N VAL B 238 -21.63 26.16 1.33
CA VAL B 238 -20.26 25.61 1.44
C VAL B 238 -20.19 24.11 1.18
N PRO B 239 -21.11 23.34 1.78
CA PRO B 239 -21.15 21.91 1.43
C PRO B 239 -21.33 21.60 -0.06
N GLU B 240 -22.19 22.31 -0.74
CA GLU B 240 -22.38 22.08 -2.17
C GLU B 240 -21.15 22.50 -2.94
N VAL B 241 -20.55 23.66 -2.57
CA VAL B 241 -19.30 24.09 -3.25
C VAL B 241 -18.12 23.13 -3.05
N ILE B 242 -17.96 22.63 -1.84
CA ILE B 242 -16.95 21.63 -1.60
C ILE B 242 -17.18 20.41 -2.52
N ALA B 243 -18.42 19.92 -2.56
CA ALA B 243 -18.76 18.76 -3.38
C ALA B 243 -18.52 19.04 -4.88
N HIS B 244 -18.79 20.26 -5.30
CA HIS B 244 -18.54 20.66 -6.65
C HIS B 244 -17.05 20.68 -6.99
N CYS B 245 -16.23 21.14 -6.06
CA CYS B 245 -14.77 21.02 -6.21
C CYS B 245 -14.36 19.56 -6.34
N GLU B 246 -14.87 18.72 -5.45
CA GLU B 246 -14.40 17.36 -5.36
C GLU B 246 -14.90 16.51 -6.53
N SER B 247 -15.89 17.00 -7.25
CA SER B 247 -16.36 16.28 -8.44
C SER B 247 -15.29 16.27 -9.53
N CYS B 248 -14.34 17.21 -9.49
CA CYS B 248 -13.17 17.19 -10.35
C CYS B 248 -12.27 16.00 -10.13
N PHE B 249 -12.43 15.33 -8.99
CA PHE B 249 -11.59 14.20 -8.68
C PHE B 249 -11.94 12.96 -9.53
N ASP B 250 -13.12 12.95 -10.16
CA ASP B 250 -13.57 11.77 -10.86
C ASP B 250 -12.76 11.53 -12.16
N PRO B 251 -11.98 10.44 -12.20
CA PRO B 251 -11.28 10.09 -13.44
C PRO B 251 -12.17 10.00 -14.69
N GLU B 252 -13.44 9.61 -14.54
CA GLU B 252 -14.35 9.51 -15.66
C GLU B 252 -14.91 10.83 -16.16
N THR B 253 -14.71 11.94 -15.46
CA THR B 253 -15.17 13.23 -15.96
C THR B 253 -13.95 14.08 -16.28
N ILE B 254 -13.42 14.85 -15.33
CA ILE B 254 -12.27 15.67 -15.63
C ILE B 254 -10.99 15.30 -14.89
N GLY B 255 -11.09 14.29 -14.03
CA GLY B 255 -10.02 13.96 -13.16
C GLY B 255 -8.67 13.66 -13.78
N LEU B 256 -8.66 13.15 -15.02
CA LEU B 256 -7.38 12.79 -15.66
C LEU B 256 -6.62 14.02 -16.14
N HIS B 257 -7.25 15.18 -16.08
CA HIS B 257 -6.61 16.38 -16.57
C HIS B 257 -5.86 17.16 -15.56
N TYR B 258 -4.86 17.85 -16.07
CA TYR B 258 -4.08 18.77 -15.31
C TYR B 258 -4.70 20.14 -15.51
N PRO B 259 -4.88 20.90 -14.42
CA PRO B 259 -5.51 22.20 -14.54
C PRO B 259 -4.61 23.15 -15.31
N SER B 260 -5.22 24.21 -15.78
CA SER B 260 -4.50 25.20 -16.56
C SER B 260 -3.24 25.76 -15.89
N MET B 261 -3.32 25.98 -14.58
CA MET B 261 -2.18 26.54 -13.86
C MET B 261 -1.00 25.58 -13.93
N TYR B 262 -1.28 24.29 -13.81
CA TYR B 262 -0.25 23.28 -13.93
C TYR B 262 0.40 23.33 -15.31
N GLN B 263 -0.42 23.38 -16.34
CA GLN B 263 0.09 23.49 -17.70
C GLN B 263 0.97 24.73 -17.81
N ASP B 264 0.52 25.83 -17.24
CA ASP B 264 1.29 27.07 -17.30
C ASP B 264 2.68 26.92 -16.72
N LEU B 265 2.72 26.54 -15.46
CA LEU B 265 3.98 26.63 -14.72
C LEU B 265 4.85 25.36 -14.84
N ILE B 266 4.29 24.19 -14.53
CA ILE B 266 5.08 22.98 -14.48
C ILE B 266 5.47 22.47 -15.88
N LYS B 267 4.52 22.43 -16.79
CA LYS B 267 4.79 22.07 -18.16
C LYS B 267 5.45 23.21 -18.98
N ASN B 268 4.89 24.41 -18.99
CA ASN B 268 5.39 25.45 -19.92
C ASN B 268 6.31 26.52 -19.33
N HIS B 269 6.57 26.44 -18.04
CA HIS B 269 7.40 27.43 -17.36
C HIS B 269 6.93 28.88 -17.58
N ARG B 270 5.62 29.09 -17.43
CA ARG B 270 5.00 30.40 -17.56
C ARG B 270 4.40 30.83 -16.21
N LEU B 271 4.32 32.15 -15.99
CA LEU B 271 3.67 32.70 -14.82
C LEU B 271 2.21 32.29 -14.76
N THR B 272 1.69 32.16 -13.53
CA THR B 272 0.34 31.73 -13.30
C THR B 272 -0.61 32.88 -12.96
N GLU B 273 -1.90 32.53 -12.91
CA GLU B 273 -3.00 33.39 -12.52
C GLU B 273 -3.31 33.41 -10.99
N ILE B 274 -2.38 32.94 -10.18
CA ILE B 274 -2.62 32.79 -8.77
C ILE B 274 -3.06 34.07 -8.04
N ASP B 275 -2.53 35.23 -8.41
CA ASP B 275 -2.91 36.48 -7.79
C ASP B 275 -4.36 36.89 -8.02
N TYR B 276 -5.00 36.30 -9.02
CA TYR B 276 -6.38 36.57 -9.32
C TYR B 276 -7.35 35.50 -8.81
N ILE B 277 -6.81 34.47 -8.19
CA ILE B 277 -7.66 33.44 -7.61
C ILE B 277 -7.51 33.46 -6.09
N ASN B 278 -6.61 32.65 -5.56
CA ASN B 278 -6.36 32.64 -4.12
C ASN B 278 -5.82 34.01 -3.66
N GLY B 279 -5.04 34.64 -4.54
CA GLY B 279 -4.49 35.96 -4.23
C GLY B 279 -5.59 37.02 -4.06
N ALA B 280 -6.66 36.90 -4.81
CA ALA B 280 -7.75 37.86 -4.71
C ALA B 280 -8.48 37.69 -3.38
N ILE B 281 -8.59 36.43 -2.91
CA ILE B 281 -9.18 36.17 -1.60
C ILE B 281 -8.25 36.71 -0.52
N SER B 282 -6.94 36.55 -0.68
CA SER B 282 -6.01 37.12 0.33
C SER B 282 -6.16 38.64 0.43
N ARG B 283 -6.24 39.28 -0.73
CA ARG B 283 -6.34 40.74 -0.80
C ARG B 283 -7.60 41.18 -0.10
N LYS B 284 -8.70 40.49 -0.38
CA LYS B 284 -9.96 40.80 0.28
C LYS B 284 -9.94 40.54 1.76
N GLY B 285 -9.25 39.50 2.19
CA GLY B 285 -9.14 39.19 3.61
C GLY B 285 -8.41 40.30 4.36
N LYS B 286 -7.35 40.85 3.74
CA LYS B 286 -6.63 42.00 4.29
C LYS B 286 -7.59 43.19 4.45
N LYS B 287 -8.40 43.43 3.42
CA LYS B 287 -9.37 44.50 3.39
C LYS B 287 -10.50 44.38 4.34
N TYR B 288 -10.91 43.15 4.58
CA TYR B 288 -12.05 42.96 5.47
C TYR B 288 -11.64 42.48 6.89
N GLY B 289 -10.35 42.34 7.14
CA GLY B 289 -9.90 41.82 8.45
C GLY B 289 -10.25 40.35 8.64
N VAL B 290 -10.27 39.57 7.57
CA VAL B 290 -10.64 38.12 7.64
C VAL B 290 -9.35 37.34 7.43
N ALA B 291 -9.08 36.39 8.32
CA ALA B 291 -7.97 35.49 8.15
C ALA B 291 -8.18 34.60 6.90
N THR B 292 -7.20 34.59 5.97
CA THR B 292 -7.21 33.70 4.81
C THR B 292 -5.83 32.97 4.66
N PRO B 293 -5.40 32.27 5.67
CA PRO B 293 -4.02 31.78 5.71
C PRO B 293 -3.69 30.72 4.66
N TYR B 294 -4.65 29.85 4.32
CA TYR B 294 -4.41 28.90 3.27
C TYR B 294 -4.26 29.61 1.94
N CYS B 295 -5.11 30.56 1.66
CA CYS B 295 -4.93 31.28 0.41
C CYS B 295 -3.60 32.05 0.38
N ASP B 296 -3.21 32.65 1.51
CA ASP B 296 -1.91 33.37 1.59
C ASP B 296 -0.78 32.36 1.30
N PHE B 297 -0.79 31.23 2.00
CA PHE B 297 0.32 30.30 1.92
C PHE B 297 0.37 29.68 0.50
N LEU B 298 -0.79 29.32 -0.06
CA LEU B 298 -0.80 28.69 -1.40
C LEU B 298 -0.32 29.67 -2.45
N THR B 299 -0.69 30.93 -2.30
CA THR B 299 -0.21 31.95 -3.22
C THR B 299 1.31 32.15 -3.11
N GLU B 300 1.80 32.21 -1.89
CA GLU B 300 3.24 32.27 -1.65
C GLU B 300 4.00 31.10 -2.21
N LEU B 301 3.44 29.90 -2.02
CA LEU B 301 4.08 28.67 -2.50
C LEU B 301 4.14 28.66 -4.01
N VAL B 302 3.08 29.08 -4.68
CA VAL B 302 3.10 29.12 -6.12
C VAL B 302 4.15 30.15 -6.60
N HIS B 303 4.24 31.33 -5.99
CA HIS B 303 5.20 32.36 -6.43
C HIS B 303 6.59 31.87 -6.19
N ALA B 304 6.77 31.11 -5.12
CA ALA B 304 8.10 30.55 -4.84
C ALA B 304 8.44 29.50 -5.89
N LYS B 305 7.45 28.71 -6.27
CA LYS B 305 7.66 27.74 -7.31
C LYS B 305 8.05 28.39 -8.61
N GLU B 306 7.31 29.43 -8.98
CA GLU B 306 7.66 30.21 -10.19
C GLU B 306 9.11 30.71 -10.15
N ASP B 307 9.51 31.31 -8.99
CA ASP B 307 10.85 31.84 -8.83
C ASP B 307 11.87 30.71 -8.95
N SER B 308 11.57 29.55 -8.40
CA SER B 308 12.53 28.46 -8.43
C SER B 308 12.76 27.89 -9.84
N LEU B 309 11.78 28.06 -10.72
CA LEU B 309 11.91 27.63 -12.10
C LEU B 309 12.38 28.79 -12.95
N ASN B 310 12.69 29.90 -12.31
CA ASN B 310 13.09 31.10 -13.00
C ASN B 310 12.13 31.59 -14.09
N VAL B 311 10.85 31.59 -13.76
CA VAL B 311 9.80 32.06 -14.63
C VAL B 311 9.53 33.60 -14.57
N MET C 1 -27.78 15.16 22.60
CA MET C 1 -26.49 15.79 22.21
C MET C 1 -25.98 15.23 20.91
N LYS C 2 -24.94 15.88 20.36
CA LYS C 2 -24.23 15.39 19.18
C LYS C 2 -23.02 14.53 19.60
N ILE C 3 -23.03 13.27 19.15
CA ILE C 3 -21.99 12.34 19.49
C ILE C 3 -21.29 11.83 18.22
N ALA C 4 -19.97 11.87 18.24
CA ALA C 4 -19.17 11.22 17.28
C ALA C 4 -18.58 9.94 17.83
N ILE C 5 -18.71 8.87 17.05
CA ILE C 5 -18.10 7.61 17.39
C ILE C 5 -16.86 7.54 16.52
N ALA C 6 -15.71 7.67 17.16
CA ALA C 6 -14.46 7.61 16.42
C ALA C 6 -13.90 6.20 16.46
N GLY C 7 -14.12 5.47 15.36
CA GLY C 7 -13.82 4.04 15.29
C GLY C 7 -15.14 3.29 15.39
N ALA C 8 -15.77 3.07 14.26
CA ALA C 8 -17.10 2.48 14.24
C ALA C 8 -17.07 1.04 13.80
N GLY C 9 -16.23 0.24 14.46
CA GLY C 9 -16.19 -1.18 14.22
C GLY C 9 -17.30 -1.86 15.03
N ALA C 10 -17.00 -3.03 15.55
CA ALA C 10 -17.99 -3.79 16.29
C ALA C 10 -18.54 -3.00 17.44
N MET C 11 -17.66 -2.51 18.34
CA MET C 11 -18.10 -1.81 19.51
C MET C 11 -18.57 -0.40 19.28
N GLY C 12 -17.90 0.30 18.39
CA GLY C 12 -18.38 1.61 18.01
C GLY C 12 -19.74 1.57 17.32
N SER C 13 -20.00 0.53 16.53
CA SER C 13 -21.28 0.35 15.90
C SER C 13 -22.35 0.12 17.02
N ARG C 14 -22.07 -0.73 18.00
CA ARG C 14 -22.98 -0.92 19.02
C ARG C 14 -23.35 0.41 19.70
N PHE C 15 -22.34 1.15 20.13
CA PHE C 15 -22.62 2.37 20.89
C PHE C 15 -23.38 3.41 20.08
N GLY C 16 -23.00 3.55 18.82
CA GLY C 16 -23.66 4.44 17.91
C GLY C 16 -25.11 4.10 17.65
N LEU C 17 -25.36 2.84 17.41
CA LEU C 17 -26.69 2.36 17.24
C LEU C 17 -27.53 2.64 18.43
N MET C 18 -27.06 2.25 19.60
CA MET C 18 -27.87 2.37 20.82
C MET C 18 -28.08 3.84 21.12
N LEU C 19 -27.03 4.66 20.98
CA LEU C 19 -27.17 6.08 21.26
C LEU C 19 -28.15 6.72 20.25
N HIS C 20 -28.13 6.25 19.01
CA HIS C 20 -29.06 6.76 18.00
C HIS C 20 -30.54 6.33 18.24
N GLN C 21 -30.75 5.09 18.64
CA GLN C 21 -32.09 4.60 18.94
C GLN C 21 -32.77 5.34 20.09
N SER C 22 -31.99 5.97 20.92
CA SER C 22 -32.51 6.66 22.03
C SER C 22 -32.56 8.19 21.72
N GLY C 23 -32.41 8.61 20.46
CA GLY C 23 -32.69 9.97 20.07
C GLY C 23 -31.50 10.92 20.03
N ASN C 24 -30.32 10.41 20.29
CA ASN C 24 -29.13 11.22 20.11
C ASN C 24 -28.81 11.37 18.62
N GLU C 25 -28.17 12.46 18.29
CA GLU C 25 -27.59 12.63 16.98
C GLU C 25 -26.16 12.06 16.96
N VAL C 26 -25.92 11.12 16.06
CA VAL C 26 -24.73 10.33 16.04
C VAL C 26 -24.05 10.46 14.70
N LEU C 27 -22.75 10.73 14.74
CA LEU C 27 -21.92 10.67 13.54
C LEU C 27 -20.87 9.54 13.72
N LEU C 28 -20.84 8.60 12.78
CA LEU C 28 -19.80 7.56 12.80
C LEU C 28 -18.61 8.07 12.03
N ILE C 29 -17.41 7.79 12.55
CA ILE C 29 -16.17 8.10 11.88
C ILE C 29 -15.39 6.82 11.81
N ASP C 30 -14.87 6.47 10.64
CA ASP C 30 -14.13 5.23 10.50
C ASP C 30 -13.06 5.31 9.45
N GLY C 31 -12.15 4.36 9.47
CA GLY C 31 -11.08 4.32 8.48
C GLY C 31 -11.24 3.27 7.40
N TRP C 32 -12.25 2.42 7.51
CA TRP C 32 -12.38 1.30 6.57
C TRP C 32 -13.32 1.69 5.45
N ALA C 33 -12.73 2.02 4.31
CA ALA C 33 -13.51 2.64 3.18
C ALA C 33 -14.70 1.78 2.73
N GLU C 34 -14.50 0.49 2.59
CA GLU C 34 -15.57 -0.41 2.17
C GLU C 34 -16.73 -0.39 3.18
N HIS C 35 -16.39 -0.30 4.47
CA HIS C 35 -17.32 -0.29 5.55
C HIS C 35 -18.12 1.01 5.53
N VAL C 36 -17.43 2.13 5.38
CA VAL C 36 -18.07 3.44 5.25
C VAL C 36 -19.04 3.50 4.05
N GLN C 37 -18.60 3.00 2.89
CA GLN C 37 -19.47 2.96 1.68
C GLN C 37 -20.72 2.07 1.86
N GLN C 38 -20.56 0.90 2.47
CA GLN C 38 -21.70 0.03 2.76
C GLN C 38 -22.71 0.73 3.66
N ILE C 39 -22.22 1.41 4.72
CA ILE C 39 -23.13 2.03 5.63
C ILE C 39 -23.84 3.20 4.95
N LYS C 40 -23.12 3.92 4.10
CA LYS C 40 -23.75 5.02 3.31
C LYS C 40 -24.88 4.55 2.42
N GLU C 41 -24.66 3.45 1.73
CA GLU C 41 -25.62 2.94 0.77
C GLU C 41 -26.73 2.10 1.39
N HIS C 42 -26.43 1.29 2.39
CA HIS C 42 -27.41 0.35 2.93
C HIS C 42 -27.73 0.55 4.38
N GLY C 43 -27.12 1.57 5.01
CA GLY C 43 -27.24 1.72 6.45
C GLY C 43 -26.43 0.67 7.21
N LEU C 44 -26.41 0.80 8.53
CA LEU C 44 -25.80 -0.19 9.37
C LEU C 44 -26.77 -1.30 9.62
N GLN C 45 -26.36 -2.54 9.32
CA GLN C 45 -27.20 -3.70 9.58
C GLN C 45 -26.67 -4.47 10.79
N ALA C 46 -27.57 -4.87 11.68
CA ALA C 46 -27.18 -5.57 12.91
C ALA C 46 -28.12 -6.75 13.17
N ASN C 47 -27.55 -7.87 13.55
CA ASN C 47 -28.28 -8.85 14.28
C ASN C 47 -28.21 -8.37 15.70
N PHE C 48 -29.29 -7.74 16.16
CA PHE C 48 -29.35 -7.16 17.51
C PHE C 48 -30.22 -8.00 18.43
N ASN C 49 -29.56 -8.80 19.26
CA ASN C 49 -30.25 -9.72 20.17
C ASN C 49 -31.19 -10.68 19.46
N GLY C 50 -30.83 -11.09 18.25
CA GLY C 50 -31.63 -12.04 17.51
C GLY C 50 -32.64 -11.42 16.55
N LYS C 51 -32.73 -10.08 16.49
CA LYS C 51 -33.57 -9.39 15.50
C LYS C 51 -32.77 -8.57 14.50
N GLU C 52 -33.08 -8.74 13.22
CA GLU C 52 -32.45 -7.92 12.19
C GLU C 52 -32.92 -6.51 12.29
N VAL C 53 -31.97 -5.60 12.37
CA VAL C 53 -32.21 -4.17 12.52
C VAL C 53 -31.36 -3.42 11.48
N GLU C 54 -31.83 -2.26 11.06
CA GLU C 54 -31.13 -1.47 10.11
C GLU C 54 -31.23 -0.05 10.61
N ALA C 55 -30.16 0.72 10.56
CA ALA C 55 -30.24 2.13 10.92
C ALA C 55 -29.45 2.94 9.95
N LYS C 56 -30.02 4.05 9.50
CA LYS C 56 -29.31 4.92 8.57
C LYS C 56 -28.51 5.95 9.37
N LEU C 57 -27.24 5.65 9.64
CA LEU C 57 -26.44 6.56 10.43
C LEU C 57 -25.48 7.30 9.54
N PRO C 58 -25.30 8.59 9.78
CA PRO C 58 -24.35 9.34 8.98
C PRO C 58 -22.96 8.81 9.29
N ILE C 59 -22.10 8.73 8.26
CA ILE C 59 -20.78 8.17 8.44
C ILE C 59 -19.81 8.91 7.56
N VAL C 60 -18.62 9.15 8.06
CA VAL C 60 -17.62 9.83 7.33
C VAL C 60 -16.29 9.08 7.51
N LEU C 61 -15.48 9.06 6.44
CA LEU C 61 -14.09 8.63 6.54
C LEU C 61 -13.26 9.55 7.47
N GLN C 62 -12.38 8.98 8.26
CA GLN C 62 -11.70 9.79 9.29
C GLN C 62 -10.85 10.90 8.68
N SER C 63 -10.35 10.68 7.48
CA SER C 63 -9.55 11.68 6.82
C SER C 63 -10.42 12.83 6.30
N GLU C 64 -11.74 12.66 6.24
CA GLU C 64 -12.64 13.69 5.72
C GLU C 64 -13.43 14.42 6.78
N VAL C 65 -13.00 14.28 8.01
CA VAL C 65 -13.49 15.07 9.09
C VAL C 65 -12.88 16.46 8.95
N GLU C 66 -13.67 17.51 9.11
CA GLU C 66 -13.14 18.84 8.87
C GLU C 66 -13.41 19.82 9.96
N LYS C 67 -12.62 20.87 9.91
CA LYS C 67 -12.45 21.76 11.03
C LYS C 67 -13.71 22.48 11.46
N GLU C 68 -14.65 22.61 10.54
CA GLU C 68 -15.94 23.23 10.82
C GLU C 68 -16.85 22.27 11.61
N ASP C 69 -16.65 20.96 11.45
CA ASP C 69 -17.50 19.98 12.14
C ASP C 69 -17.40 20.08 13.65
N GLN C 70 -18.51 19.84 14.34
CA GLN C 70 -18.51 19.93 15.77
C GLN C 70 -19.47 18.93 16.48
N VAL C 71 -18.98 18.34 17.57
CA VAL C 71 -19.82 17.51 18.39
C VAL C 71 -19.61 17.85 19.85
N ASP C 72 -20.48 17.35 20.71
CA ASP C 72 -20.34 17.49 22.18
C ASP C 72 -19.50 16.39 22.83
N LEU C 73 -19.47 15.20 22.22
CA LEU C 73 -18.87 14.00 22.80
C LEU C 73 -18.28 13.15 21.68
N ILE C 74 -17.01 12.81 21.83
CA ILE C 74 -16.34 11.85 21.00
C ILE C 74 -16.08 10.58 21.81
N ILE C 75 -16.52 9.44 21.31
CA ILE C 75 -16.25 8.15 21.93
C ILE C 75 -15.26 7.41 21.09
N LEU C 76 -14.07 7.17 21.62
CA LEU C 76 -13.04 6.43 20.88
C LEU C 76 -13.30 4.95 21.03
N PHE C 77 -13.31 4.26 19.89
CA PHE C 77 -13.54 2.82 19.83
C PHE C 77 -12.78 2.12 18.71
N THR C 78 -11.63 2.68 18.33
CA THR C 78 -10.71 1.95 17.44
C THR C 78 -10.03 0.82 18.21
N LYS C 79 -9.29 -0.01 17.50
CA LYS C 79 -8.30 -0.88 18.14
C LYS C 79 -7.16 0.01 18.59
N ALA C 80 -6.42 -0.43 19.61
CA ALA C 80 -5.34 0.34 20.18
C ALA C 80 -4.33 0.84 19.13
N MET C 81 -4.00 0.03 18.13
CA MET C 81 -3.03 0.44 17.14
C MET C 81 -3.45 1.57 16.23
N GLN C 82 -4.76 1.76 16.13
CA GLN C 82 -5.29 2.75 15.22
C GLN C 82 -5.57 4.03 15.96
N LEU C 83 -5.44 4.02 17.29
CA LEU C 83 -5.88 5.18 18.08
C LEU C 83 -5.15 6.51 17.76
N GLU C 84 -3.82 6.48 17.65
CA GLU C 84 -3.04 7.68 17.38
C GLU C 84 -3.39 8.33 16.01
N LYS C 85 -3.37 7.53 14.95
CA LYS C 85 -3.73 8.00 13.65
C LYS C 85 -5.17 8.56 13.64
N MET C 86 -6.10 7.91 14.37
CA MET C 86 -7.46 8.41 14.41
C MET C 86 -7.49 9.78 15.06
N LEU C 87 -6.75 9.94 16.18
CA LEU C 87 -6.70 11.22 16.87
C LEU C 87 -6.08 12.31 15.98
N GLN C 88 -5.07 11.98 15.21
CA GLN C 88 -4.44 12.93 14.28
C GLN C 88 -5.45 13.38 13.27
N ASP C 89 -6.24 12.45 12.73
CA ASP C 89 -7.17 12.79 11.69
C ASP C 89 -8.37 13.57 12.15
N ILE C 90 -8.78 13.48 13.39
CA ILE C 90 -10.01 14.14 13.84
C ILE C 90 -9.75 15.24 14.84
N GLN C 91 -8.49 15.66 15.01
CA GLN C 91 -8.18 16.71 16.01
C GLN C 91 -9.02 17.96 15.89
N SER C 92 -9.24 18.37 14.65
CA SER C 92 -10.04 19.56 14.38
C SER C 92 -11.40 19.52 14.99
N LEU C 93 -11.86 18.33 15.36
CA LEU C 93 -13.17 18.18 15.97
C LEU C 93 -13.12 18.42 17.46
N ILE C 94 -11.93 18.45 17.99
CA ILE C 94 -11.77 18.49 19.43
C ILE C 94 -11.63 19.92 19.87
N LYS C 95 -12.78 20.49 20.23
CA LYS C 95 -12.91 21.88 20.64
C LYS C 95 -12.87 22.02 22.16
N LYS C 96 -13.00 23.27 22.58
CA LYS C 96 -12.86 23.67 23.96
C LYS C 96 -13.64 22.84 25.02
N ASP C 97 -14.86 22.45 24.71
CA ASP C 97 -15.68 21.75 25.66
C ASP C 97 -16.08 20.36 25.20
N THR C 98 -15.46 19.82 24.15
CA THR C 98 -15.80 18.47 23.71
C THR C 98 -15.29 17.44 24.67
N GLU C 99 -16.20 16.66 25.19
CA GLU C 99 -15.81 15.50 25.99
C GLU C 99 -15.22 14.40 25.07
N VAL C 100 -14.16 13.77 25.54
CA VAL C 100 -13.54 12.64 24.82
C VAL C 100 -13.46 11.42 25.73
N LEU C 101 -14.15 10.36 25.34
CA LEU C 101 -14.26 9.18 26.16
C LEU C 101 -13.60 8.00 25.49
N CYS C 102 -12.69 7.37 26.21
CA CYS C 102 -11.95 6.22 25.71
C CYS C 102 -12.39 5.01 26.50
N LEU C 103 -12.88 4.01 25.79
CA LEU C 103 -13.35 2.78 26.38
C LEU C 103 -12.61 1.58 25.80
N LEU C 104 -11.50 1.83 25.13
CA LEU C 104 -10.68 0.72 24.61
C LEU C 104 -10.13 -0.23 25.68
N ASN C 105 -9.92 -1.47 25.31
CA ASN C 105 -9.16 -2.38 26.14
C ASN C 105 -7.67 -1.97 26.10
N GLY C 106 -6.92 -2.46 27.08
CA GLY C 106 -5.54 -2.12 27.20
C GLY C 106 -5.27 -0.96 28.14
N ILE C 107 -3.98 -0.68 28.28
CA ILE C 107 -3.49 0.14 29.35
C ILE C 107 -2.72 1.33 28.81
N GLY C 108 -2.94 2.50 29.42
CA GLY C 108 -2.14 3.69 29.17
C GLY C 108 -2.61 4.62 28.05
N HIS C 109 -3.82 4.44 27.50
CA HIS C 109 -4.24 5.21 26.33
C HIS C 109 -4.33 6.70 26.59
N GLU C 110 -4.52 7.07 27.86
CA GLU C 110 -4.52 8.50 28.27
C GLU C 110 -3.28 9.20 27.75
N ASP C 111 -2.12 8.53 27.77
CA ASP C 111 -0.87 9.18 27.45
C ASP C 111 -0.97 9.72 26.02
N ILE C 112 -1.51 8.89 25.14
CA ILE C 112 -1.65 9.29 23.77
C ILE C 112 -2.78 10.31 23.57
N ILE C 113 -3.87 10.13 24.30
CA ILE C 113 -5.00 11.04 24.20
C ILE C 113 -4.63 12.48 24.68
N GLU C 114 -3.78 12.56 25.71
CA GLU C 114 -3.31 13.83 26.26
C GLU C 114 -2.48 14.65 25.27
N LYS C 115 -2.02 14.02 24.21
CA LYS C 115 -1.28 14.74 23.21
C LYS C 115 -2.20 15.57 22.30
N PHE C 116 -3.49 15.21 22.29
CA PHE C 116 -4.45 15.84 21.42
C PHE C 116 -5.59 16.53 22.15
N VAL C 117 -5.82 16.17 23.39
CA VAL C 117 -7.01 16.61 24.06
C VAL C 117 -6.57 17.22 25.36
N PRO C 118 -7.10 18.39 25.69
CA PRO C 118 -6.84 18.92 27.05
C PRO C 118 -7.31 17.95 28.15
N MET C 119 -6.51 17.90 29.21
CA MET C 119 -6.67 16.94 30.29
C MET C 119 -8.09 16.96 30.87
N GLU C 120 -8.63 18.15 31.04
CA GLU C 120 -9.92 18.28 31.69
C GLU C 120 -11.03 17.64 30.88
N ASN C 121 -10.83 17.42 29.58
CA ASN C 121 -11.88 16.89 28.71
C ASN C 121 -11.75 15.40 28.46
N ILE C 122 -10.81 14.75 29.15
CA ILE C 122 -10.57 13.33 28.95
C ILE C 122 -11.30 12.47 30.00
N TYR C 123 -12.07 11.51 29.51
CA TYR C 123 -12.75 10.51 30.35
C TYR C 123 -12.27 9.14 29.84
N ILE C 124 -11.97 8.24 30.78
CA ILE C 124 -11.53 6.91 30.41
C ILE C 124 -12.26 5.84 31.20
N GLY C 125 -12.28 4.65 30.61
CA GLY C 125 -12.86 3.50 31.23
C GLY C 125 -12.70 2.23 30.43
N ASN C 126 -13.61 1.31 30.69
CA ASN C 126 -13.67 0.10 29.96
C ASN C 126 -15.11 -0.38 29.91
N THR C 127 -15.33 -1.48 29.21
CA THR C 127 -16.66 -1.96 29.00
C THR C 127 -16.69 -3.47 28.95
N MET C 128 -17.83 -4.02 29.35
CA MET C 128 -18.08 -5.48 29.37
C MET C 128 -19.14 -5.81 28.31
N TRP C 129 -19.56 -4.82 27.51
CA TRP C 129 -20.37 -5.13 26.34
C TRP C 129 -19.51 -5.96 25.37
N THR C 130 -20.14 -6.72 24.45
CA THR C 130 -19.48 -7.44 23.38
C THR C 130 -20.07 -7.03 22.02
N ALA C 131 -19.32 -7.29 20.95
CA ALA C 131 -19.80 -7.06 19.62
C ALA C 131 -18.96 -7.78 18.62
N GLY C 132 -19.51 -8.06 17.45
CA GLY C 132 -18.79 -8.67 16.37
C GLY C 132 -19.02 -7.92 15.05
N LEU C 133 -17.97 -7.78 14.25
CA LEU C 133 -18.06 -7.17 12.97
C LEU C 133 -17.95 -8.30 12.01
N GLU C 134 -19.03 -8.56 11.30
CA GLU C 134 -19.10 -9.71 10.38
C GLU C 134 -18.58 -9.39 8.98
N GLY C 135 -18.69 -8.15 8.57
CA GLY C 135 -18.21 -7.73 7.27
C GLY C 135 -18.57 -6.28 7.19
N PRO C 136 -18.26 -5.66 6.06
CA PRO C 136 -18.58 -4.26 5.96
C PRO C 136 -20.07 -3.99 6.14
N GLY C 137 -20.36 -3.05 7.02
CA GLY C 137 -21.71 -2.65 7.31
C GLY C 137 -22.53 -3.65 8.11
N GLN C 138 -21.91 -4.71 8.61
CA GLN C 138 -22.64 -5.75 9.30
C GLN C 138 -22.06 -6.06 10.68
N VAL C 139 -22.91 -6.01 11.69
CA VAL C 139 -22.51 -6.35 13.06
C VAL C 139 -23.49 -7.34 13.72
N LYS C 140 -22.96 -8.08 14.65
CA LYS C 140 -23.75 -8.92 15.56
C LYS C 140 -23.62 -8.27 16.93
N LEU C 141 -24.74 -7.97 17.56
CA LEU C 141 -24.73 -7.44 18.90
C LEU C 141 -25.67 -8.23 19.81
N PHE C 142 -25.09 -9.03 20.68
CA PHE C 142 -25.83 -9.95 21.52
C PHE C 142 -25.56 -9.63 22.95
N GLY C 143 -26.49 -10.00 23.84
CA GLY C 143 -26.17 -10.07 25.27
C GLY C 143 -26.27 -8.72 25.94
N SER C 144 -25.76 -8.68 27.13
CA SER C 144 -25.75 -7.49 27.93
C SER C 144 -24.27 -7.04 28.23
N GLY C 145 -24.14 -6.04 29.06
CA GLY C 145 -22.85 -5.45 29.32
C GLY C 145 -22.95 -4.30 30.27
N SER C 146 -21.81 -3.64 30.47
CA SER C 146 -21.76 -2.45 31.31
C SER C 146 -20.58 -1.60 30.85
N VAL C 147 -20.55 -0.38 31.39
CA VAL C 147 -19.45 0.54 31.19
C VAL C 147 -19.06 1.07 32.54
N GLU C 148 -17.74 1.24 32.75
CA GLU C 148 -17.24 2.06 33.82
C GLU C 148 -16.37 3.19 33.28
N LEU C 149 -16.45 4.36 33.90
CA LEU C 149 -15.69 5.51 33.43
C LEU C 149 -15.44 6.50 34.57
N GLN C 150 -14.42 7.29 34.37
CA GLN C 150 -14.06 8.33 35.28
C GLN C 150 -13.39 9.47 34.50
N ASN C 151 -13.58 10.69 35.02
CA ASN C 151 -12.85 11.86 34.54
C ASN C 151 -11.37 11.78 34.94
N LEU C 152 -10.49 12.25 34.08
CA LEU C 152 -9.08 12.43 34.48
C LEU C 152 -8.78 13.85 34.93
N GLY C 153 -9.61 14.80 34.55
CA GLY C 153 -9.42 16.18 34.93
C GLY C 153 -9.97 16.55 36.28
N ASP C 154 -9.19 17.30 37.07
CA ASP C 154 -9.67 17.82 38.38
C ASP C 154 -10.94 18.59 38.16
N GLY C 155 -11.91 18.35 39.02
CA GLY C 155 -13.15 19.11 39.01
C GLY C 155 -14.22 18.63 38.05
N LYS C 156 -13.97 17.50 37.39
CA LYS C 156 -14.92 17.03 36.38
C LYS C 156 -15.76 15.85 36.81
N GLU C 157 -15.76 15.56 38.10
CA GLU C 157 -16.53 14.43 38.63
C GLU C 157 -18.01 14.49 38.27
N ALA C 158 -18.64 15.62 38.50
CA ALA C 158 -20.02 15.80 38.12
C ALA C 158 -20.24 15.60 36.62
N ALA C 159 -19.31 16.08 35.79
CA ALA C 159 -19.45 15.96 34.34
C ALA C 159 -19.37 14.46 33.96
N ALA C 160 -18.51 13.73 34.68
CA ALA C 160 -18.37 12.30 34.49
C ALA C 160 -19.59 11.52 34.87
N LYS C 161 -20.18 11.88 36.00
CA LYS C 161 -21.44 11.24 36.43
C LYS C 161 -22.57 11.49 35.45
N LYS C 162 -22.63 12.71 34.97
CA LYS C 162 -23.65 13.06 34.01
C LYS C 162 -23.47 12.30 32.68
N LEU C 163 -22.22 12.13 32.28
CA LEU C 163 -21.89 11.36 31.08
C LEU C 163 -22.28 9.89 31.21
N ALA C 164 -21.96 9.29 32.35
CA ALA C 164 -22.43 7.94 32.65
C ALA C 164 -23.97 7.83 32.61
N ASP C 165 -24.66 8.79 33.20
CA ASP C 165 -26.15 8.80 33.14
C ASP C 165 -26.65 8.86 31.71
N LYS C 166 -26.09 9.75 30.91
CA LYS C 166 -26.46 9.87 29.50
C LYS C 166 -26.31 8.56 28.73
N LEU C 167 -25.21 7.84 28.95
CA LEU C 167 -24.99 6.56 28.29
C LEU C 167 -26.00 5.54 28.79
N SER C 168 -26.26 5.59 30.09
CA SER C 168 -27.28 4.72 30.71
C SER C 168 -28.70 4.96 30.17
N GLU C 169 -29.00 6.21 29.84
CA GLU C 169 -30.25 6.57 29.19
C GLU C 169 -30.41 5.95 27.79
N SER C 170 -29.32 5.50 27.13
CA SER C 170 -29.42 4.70 25.90
C SER C 170 -29.24 3.20 26.12
N GLY C 171 -29.39 2.73 27.36
CA GLY C 171 -29.26 1.31 27.67
C GLY C 171 -27.83 0.77 27.81
N LEU C 172 -26.81 1.63 27.90
CA LEU C 172 -25.40 1.15 27.96
C LEU C 172 -24.91 0.73 29.34
N ASN C 173 -25.76 0.93 30.36
CA ASN C 173 -25.45 0.51 31.71
C ASN C 173 -24.08 0.97 32.19
N ALA C 174 -23.89 2.28 32.11
CA ALA C 174 -22.62 2.93 32.46
C ALA C 174 -22.61 3.43 33.92
N HIS C 175 -21.50 3.25 34.60
CA HIS C 175 -21.32 3.72 35.97
C HIS C 175 -20.04 4.53 36.10
N PHE C 176 -20.13 5.53 36.95
CA PHE C 176 -19.02 6.29 37.38
C PHE C 176 -18.25 5.44 38.35
N SER C 177 -16.93 5.49 38.24
CA SER C 177 -16.03 4.84 39.20
C SER C 177 -15.11 5.91 39.80
N ASP C 178 -14.82 5.80 41.09
CA ASP C 178 -13.84 6.67 41.74
C ASP C 178 -12.43 6.09 41.69
N ASN C 179 -12.27 4.92 41.09
CA ASN C 179 -10.95 4.30 40.98
C ASN C 179 -10.69 3.60 39.64
N ILE C 180 -10.75 4.40 38.58
CA ILE C 180 -10.83 3.83 37.26
C ILE C 180 -9.56 3.07 36.94
N HIS C 181 -8.41 3.51 37.47
CA HIS C 181 -7.15 2.81 37.16
C HIS C 181 -7.15 1.38 37.66
N TYR C 182 -7.70 1.17 38.84
CA TYR C 182 -7.85 -0.17 39.41
C TYR C 182 -8.74 -0.99 38.48
N SER C 183 -9.86 -0.41 38.14
CA SER C 183 -10.79 -1.05 37.23
C SER C 183 -10.18 -1.39 35.80
N ILE C 184 -9.35 -0.53 35.25
CA ILE C 184 -8.65 -0.79 34.01
C ILE C 184 -7.64 -1.93 34.17
N TYR C 185 -6.87 -1.91 35.20
CA TYR C 185 -5.92 -3.02 35.41
C TYR C 185 -6.63 -4.36 35.58
N ARG C 186 -7.76 -4.32 36.29
CA ARG C 186 -8.46 -5.53 36.59
C ARG C 186 -9.05 -6.12 35.32
N LYS C 187 -9.65 -5.30 34.48
CA LYS C 187 -10.11 -5.77 33.17
C LYS C 187 -8.93 -6.17 32.26
N ALA C 188 -7.84 -5.45 32.35
CA ALA C 188 -6.65 -5.82 31.57
C ALA C 188 -6.12 -7.21 31.97
N CYS C 189 -6.30 -7.62 33.23
CA CYS C 189 -5.94 -8.99 33.63
C CYS C 189 -6.77 -10.01 32.89
N VAL C 190 -8.05 -9.73 32.76
CA VAL C 190 -8.93 -10.57 31.94
C VAL C 190 -8.45 -10.62 30.52
N ASN C 191 -8.16 -9.46 29.93
CA ASN C 191 -7.67 -9.40 28.54
C ASN C 191 -6.28 -9.97 28.42
N GLY C 192 -5.52 -9.91 29.50
CA GLY C 192 -4.16 -10.41 29.51
C GLY C 192 -4.05 -11.91 29.73
N THR C 193 -5.17 -12.58 29.98
CA THR C 193 -5.18 -14.00 30.15
C THR C 193 -6.00 -14.64 29.07
N MET C 194 -7.27 -14.29 29.01
CA MET C 194 -8.17 -14.89 28.00
C MET C 194 -7.72 -14.66 26.56
N ASN C 195 -7.41 -13.41 26.20
CA ASN C 195 -7.18 -13.07 24.81
C ASN C 195 -6.00 -13.82 24.19
N GLY C 196 -4.85 -13.71 24.83
CA GLY C 196 -3.65 -14.32 24.33
C GLY C 196 -3.67 -15.84 24.42
N LEU C 197 -4.13 -16.37 25.56
CA LEU C 197 -4.15 -17.78 25.75
C LEU C 197 -5.12 -18.45 24.79
N CYS C 198 -6.32 -17.89 24.64
CA CYS C 198 -7.27 -18.41 23.65
C CYS C 198 -6.71 -18.34 22.21
N THR C 199 -6.09 -17.22 21.87
CA THR C 199 -5.48 -17.06 20.57
C THR C 199 -4.38 -18.11 20.26
N ILE C 200 -3.47 -18.30 21.21
CA ILE C 200 -2.31 -19.20 21.03
C ILE C 200 -2.76 -20.66 21.11
N LEU C 201 -3.71 -20.97 21.96
CA LEU C 201 -4.12 -22.35 22.12
C LEU C 201 -5.27 -22.75 21.18
N ASP C 202 -5.87 -21.77 20.50
CA ASP C 202 -6.99 -22.01 19.57
C ASP C 202 -8.21 -22.65 20.26
N VAL C 203 -8.74 -21.95 21.26
CA VAL C 203 -9.86 -22.40 22.05
C VAL C 203 -10.71 -21.20 22.41
N ASN C 204 -11.98 -21.45 22.70
CA ASN C 204 -12.79 -20.44 23.34
C ASN C 204 -12.54 -20.47 24.87
N MET C 205 -13.12 -19.52 25.57
CA MET C 205 -12.84 -19.35 26.97
C MET C 205 -13.27 -20.53 27.84
N ALA C 206 -14.41 -21.15 27.53
CA ALA C 206 -14.85 -22.34 28.27
C ALA C 206 -13.90 -23.53 28.06
N GLU C 207 -13.42 -23.68 26.83
CA GLU C 207 -12.48 -24.71 26.51
C GLU C 207 -11.13 -24.49 27.25
N LEU C 208 -10.67 -23.23 27.32
CA LEU C 208 -9.47 -22.90 28.07
C LEU C 208 -9.64 -23.31 29.52
N GLY C 209 -10.79 -22.96 30.10
CA GLY C 209 -11.10 -23.29 31.48
C GLY C 209 -11.11 -24.77 31.78
N LYS C 210 -11.43 -25.59 30.79
CA LYS C 210 -11.42 -27.05 31.01
C LYS C 210 -10.01 -27.64 31.06
N THR C 211 -8.98 -26.93 30.64
CA THR C 211 -7.63 -27.49 30.61
C THR C 211 -7.02 -27.54 32.02
N SER C 212 -6.12 -28.48 32.22
CA SER C 212 -5.53 -28.70 33.55
C SER C 212 -4.57 -27.56 33.99
N THR C 213 -3.99 -26.82 33.06
CA THR C 213 -3.03 -25.79 33.42
C THR C 213 -3.53 -24.37 33.35
N ALA C 214 -4.81 -24.16 33.01
CA ALA C 214 -5.33 -22.84 32.88
C ALA C 214 -5.22 -22.03 34.17
N HIS C 215 -5.54 -22.66 35.29
CA HIS C 215 -5.55 -21.92 36.55
C HIS C 215 -4.14 -21.39 36.91
N LYS C 216 -3.15 -22.26 36.75
CA LYS C 216 -1.77 -21.88 37.00
C LYS C 216 -1.29 -20.73 36.06
N MET C 217 -1.61 -20.82 34.77
CA MET C 217 -1.25 -19.79 33.84
C MET C 217 -1.95 -18.48 34.17
N VAL C 218 -3.23 -18.53 34.44
CA VAL C 218 -3.98 -17.32 34.79
C VAL C 218 -3.41 -16.67 36.04
N ALA C 219 -3.20 -17.47 37.09
CA ALA C 219 -2.68 -16.93 38.34
C ALA C 219 -1.29 -16.32 38.24
N THR C 220 -0.42 -16.95 37.48
CA THR C 220 0.91 -16.41 37.29
C THR C 220 0.86 -15.06 36.54
N ILE C 221 0.05 -14.97 35.49
CA ILE C 221 -0.06 -13.72 34.71
C ILE C 221 -0.66 -12.61 35.54
N VAL C 222 -1.71 -12.95 36.29
CA VAL C 222 -2.36 -11.95 37.18
C VAL C 222 -1.40 -11.40 38.22
N ASN C 223 -0.58 -12.28 38.79
CA ASN C 223 0.47 -11.83 39.71
C ASN C 223 1.47 -10.85 39.10
N GLU C 224 1.85 -11.06 37.85
CA GLU C 224 2.73 -10.15 37.15
C GLU C 224 2.07 -8.76 36.93
N PHE C 225 0.80 -8.76 36.53
CA PHE C 225 0.02 -7.49 36.44
C PHE C 225 -0.01 -6.76 37.79
N ALA C 226 -0.28 -7.50 38.85
CA ALA C 226 -0.38 -6.93 40.22
C ALA C 226 0.91 -6.33 40.78
N LYS C 227 2.03 -6.99 40.52
CA LYS C 227 3.31 -6.46 40.92
C LYS C 227 3.67 -5.16 40.22
N VAL C 228 3.41 -5.08 38.89
CA VAL C 228 3.58 -3.83 38.16
C VAL C 228 2.60 -2.76 38.68
N ALA C 229 1.33 -3.13 38.83
CA ALA C 229 0.32 -2.12 39.25
C ALA C 229 0.68 -1.53 40.66
N ALA C 230 1.27 -2.35 41.54
CA ALA C 230 1.63 -1.92 42.88
C ALA C 230 2.65 -0.80 42.87
N VAL C 231 3.60 -0.82 41.91
CA VAL C 231 4.55 0.25 41.80
C VAL C 231 3.82 1.58 41.55
N GLU C 232 2.69 1.51 40.88
CA GLU C 232 1.89 2.69 40.60
C GLU C 232 0.83 2.89 41.69
N LYS C 233 1.01 2.24 42.83
CA LYS C 233 0.13 2.41 44.03
C LYS C 233 -1.26 1.89 43.81
N ILE C 234 -1.42 0.96 42.88
CA ILE C 234 -2.68 0.27 42.71
C ILE C 234 -2.54 -1.17 43.21
N GLU C 235 -3.29 -1.52 44.26
CA GLU C 235 -3.13 -2.76 44.97
C GLU C 235 -4.28 -3.67 44.62
N LEU C 236 -4.07 -4.50 43.61
CA LEU C 236 -5.10 -5.41 43.19
C LEU C 236 -5.32 -6.48 44.26
N ASP C 237 -6.58 -6.82 44.44
CA ASP C 237 -6.97 -7.93 45.22
C ASP C 237 -6.78 -9.17 44.33
N VAL C 238 -5.62 -9.80 44.43
CA VAL C 238 -5.23 -10.83 43.45
C VAL C 238 -6.19 -12.00 43.42
N PRO C 239 -6.60 -12.47 44.61
CA PRO C 239 -7.53 -13.62 44.56
C PRO C 239 -8.86 -13.27 43.89
N GLU C 240 -9.39 -12.07 44.13
CA GLU C 240 -10.65 -11.70 43.50
C GLU C 240 -10.42 -11.54 41.99
N VAL C 241 -9.30 -10.96 41.59
CA VAL C 241 -9.01 -10.78 40.15
C VAL C 241 -8.83 -12.10 39.41
N ILE C 242 -8.16 -13.03 40.04
CA ILE C 242 -8.03 -14.36 39.48
C ILE C 242 -9.42 -14.95 39.28
N ALA C 243 -10.26 -14.89 40.32
CA ALA C 243 -11.63 -15.44 40.23
C ALA C 243 -12.41 -14.75 39.15
N HIS C 244 -12.21 -13.45 39.01
CA HIS C 244 -12.90 -12.68 37.98
C HIS C 244 -12.48 -13.14 36.60
N CYS C 245 -11.18 -13.37 36.40
CA CYS C 245 -10.68 -13.93 35.13
C CYS C 245 -11.31 -15.28 34.85
N GLU C 246 -11.33 -16.14 35.85
CA GLU C 246 -11.81 -17.52 35.68
C GLU C 246 -13.29 -17.60 35.53
N SER C 247 -14.01 -16.55 35.92
CA SER C 247 -15.43 -16.54 35.71
C SER C 247 -15.78 -16.50 34.20
N CYS C 248 -14.86 -16.01 33.34
CA CYS C 248 -14.99 -16.08 31.90
C CYS C 248 -15.00 -17.54 31.38
N PHE C 249 -14.60 -18.50 32.20
CA PHE C 249 -14.69 -19.92 31.84
C PHE C 249 -16.13 -20.43 31.78
N ASP C 250 -17.04 -19.74 32.45
CA ASP C 250 -18.40 -20.19 32.59
C ASP C 250 -19.19 -20.02 31.31
N PRO C 251 -19.71 -21.13 30.75
CA PRO C 251 -20.60 -21.04 29.57
C PRO C 251 -21.81 -20.08 29.77
N GLU C 252 -22.24 -19.91 31.02
CA GLU C 252 -23.35 -19.02 31.39
C GLU C 252 -22.98 -17.53 31.39
N THR C 253 -21.68 -17.21 31.38
CA THR C 253 -21.31 -15.78 31.32
C THR C 253 -20.77 -15.47 29.92
N ILE C 254 -19.47 -15.62 29.68
CA ILE C 254 -18.97 -15.43 28.33
C ILE C 254 -18.19 -16.63 27.77
N GLY C 255 -18.20 -17.73 28.47
CA GLY C 255 -17.41 -18.88 28.08
C GLY C 255 -17.47 -19.39 26.64
N LEU C 256 -18.62 -19.26 26.00
CA LEU C 256 -18.76 -19.81 24.65
C LEU C 256 -18.15 -18.93 23.60
N HIS C 257 -17.74 -17.74 24.02
CA HIS C 257 -17.20 -16.71 23.18
C HIS C 257 -15.74 -16.89 22.96
N TYR C 258 -15.27 -16.54 21.76
CA TYR C 258 -13.89 -16.37 21.48
C TYR C 258 -13.59 -14.89 21.75
N PRO C 259 -12.49 -14.59 22.47
CA PRO C 259 -12.15 -13.22 22.73
C PRO C 259 -11.85 -12.47 21.46
N SER C 260 -11.84 -11.15 21.59
CA SER C 260 -11.60 -10.30 20.46
C SER C 260 -10.24 -10.57 19.76
N MET C 261 -9.21 -10.83 20.55
CA MET C 261 -7.90 -11.07 19.97
C MET C 261 -7.94 -12.31 19.06
N TYR C 262 -8.66 -13.33 19.48
CA TYR C 262 -8.82 -14.53 18.68
C TYR C 262 -9.53 -14.18 17.36
N GLN C 263 -10.61 -13.42 17.44
CA GLN C 263 -11.31 -12.99 16.23
C GLN C 263 -10.35 -12.23 15.35
N ASP C 264 -9.56 -11.33 15.94
CA ASP C 264 -8.65 -10.52 15.15
C ASP C 264 -7.71 -11.38 14.36
N LEU C 265 -6.98 -12.21 15.05
CA LEU C 265 -5.82 -12.86 14.43
C LEU C 265 -6.21 -14.20 13.79
N ILE C 266 -6.84 -15.09 14.55
CA ILE C 266 -7.09 -16.41 14.00
C ILE C 266 -8.19 -16.42 12.90
N LYS C 267 -9.30 -15.80 13.19
CA LYS C 267 -10.34 -15.69 12.23
C LYS C 267 -10.04 -14.65 11.13
N ASN C 268 -9.65 -13.43 11.48
CA ASN C 268 -9.61 -12.35 10.46
C ASN C 268 -8.25 -12.00 9.97
N HIS C 269 -7.23 -12.66 10.51
CA HIS C 269 -5.86 -12.38 10.11
C HIS C 269 -5.47 -10.90 10.21
N ARG C 270 -5.81 -10.33 11.36
CA ARG C 270 -5.47 -8.94 11.67
C ARG C 270 -4.57 -8.86 12.89
N LEU C 271 -3.73 -7.83 12.93
CA LEU C 271 -2.83 -7.59 14.06
C LEU C 271 -3.63 -7.41 15.34
N THR C 272 -3.03 -7.86 16.46
CA THR C 272 -3.68 -7.81 17.76
C THR C 272 -3.23 -6.64 18.58
N GLU C 273 -3.92 -6.45 19.66
CA GLU C 273 -3.63 -5.42 20.66
C GLU C 273 -2.63 -5.84 21.79
N ILE C 274 -1.90 -6.93 21.56
CA ILE C 274 -1.11 -7.54 22.60
C ILE C 274 -0.08 -6.60 23.28
N ASP C 275 0.52 -5.69 22.51
CA ASP C 275 1.50 -4.74 23.08
C ASP C 275 0.89 -3.82 24.08
N TYR C 276 -0.44 -3.66 24.05
CA TYR C 276 -1.14 -2.74 24.96
C TYR C 276 -1.74 -3.44 26.15
N ILE C 277 -1.61 -4.75 26.18
CA ILE C 277 -2.13 -5.53 27.29
C ILE C 277 -0.98 -6.20 28.05
N ASN C 278 -0.58 -7.42 27.68
CA ASN C 278 0.59 -8.05 28.27
C ASN C 278 1.86 -7.28 27.97
N GLY C 279 1.91 -6.71 26.79
CA GLY C 279 3.06 -5.92 26.39
C GLY C 279 3.26 -4.67 27.23
N ALA C 280 2.19 -4.06 27.67
CA ALA C 280 2.28 -2.88 28.55
C ALA C 280 2.88 -3.28 29.92
N ILE C 281 2.50 -4.46 30.41
CA ILE C 281 3.01 -4.98 31.64
C ILE C 281 4.49 -5.35 31.51
N SER C 282 4.90 -5.95 30.38
CA SER C 282 6.34 -6.17 30.12
C SER C 282 7.11 -4.89 30.10
N ARG C 283 6.62 -3.87 29.39
CA ARG C 283 7.40 -2.66 29.31
C ARG C 283 7.52 -1.93 30.65
N LYS C 284 6.44 -1.89 31.39
CA LYS C 284 6.49 -1.39 32.73
C LYS C 284 7.46 -2.19 33.61
N GLY C 285 7.43 -3.51 33.49
CA GLY C 285 8.26 -4.35 34.32
C GLY C 285 9.75 -4.04 34.14
N LYS C 286 10.14 -3.82 32.89
CA LYS C 286 11.52 -3.52 32.62
C LYS C 286 11.95 -2.20 33.23
N LYS C 287 11.05 -1.24 33.15
CA LYS C 287 11.25 0.06 33.71
C LYS C 287 11.21 0.07 35.22
N TYR C 288 10.41 -0.79 35.86
CA TYR C 288 10.34 -0.79 37.32
C TYR C 288 11.20 -1.87 38.00
N GLY C 289 11.87 -2.71 37.24
CA GLY C 289 12.66 -3.78 37.83
C GLY C 289 11.78 -4.91 38.35
N VAL C 290 10.63 -5.16 37.70
CA VAL C 290 9.73 -6.25 38.07
C VAL C 290 9.72 -7.30 36.97
N ALA C 291 10.03 -8.54 37.33
CA ALA C 291 10.08 -9.65 36.37
C ALA C 291 8.67 -9.93 35.86
N THR C 292 8.49 -9.95 34.54
CA THR C 292 7.20 -10.25 33.93
C THR C 292 7.35 -11.28 32.82
N PRO C 293 7.90 -12.45 33.17
CA PRO C 293 8.29 -13.41 32.12
C PRO C 293 7.13 -14.05 31.34
N TYR C 294 6.00 -14.29 31.99
CA TYR C 294 4.83 -14.80 31.26
C TYR C 294 4.26 -13.78 30.30
N CYS C 295 4.23 -12.52 30.70
CA CYS C 295 3.80 -11.48 29.78
C CYS C 295 4.79 -11.32 28.63
N ASP C 296 6.10 -11.39 28.93
CA ASP C 296 7.09 -11.32 27.86
C ASP C 296 6.88 -12.49 26.84
N PHE C 297 6.79 -13.71 27.35
CA PHE C 297 6.66 -14.89 26.49
C PHE C 297 5.36 -14.90 25.69
N LEU C 298 4.26 -14.59 26.34
CA LEU C 298 2.95 -14.56 25.66
C LEU C 298 2.91 -13.51 24.54
N THR C 299 3.47 -12.35 24.81
CA THR C 299 3.58 -11.30 23.82
C THR C 299 4.42 -11.77 22.62
N GLU C 300 5.54 -12.39 22.90
CA GLU C 300 6.41 -12.94 21.86
C GLU C 300 5.76 -14.03 21.03
N LEU C 301 5.01 -14.88 21.72
CA LEU C 301 4.25 -15.91 21.05
C LEU C 301 3.21 -15.35 20.12
N VAL C 302 2.46 -14.35 20.59
CA VAL C 302 1.41 -13.79 19.77
C VAL C 302 2.00 -13.09 18.54
N HIS C 303 3.08 -12.34 18.73
CA HIS C 303 3.74 -11.71 17.58
C HIS C 303 4.24 -12.78 16.59
N ALA C 304 4.75 -13.88 17.11
CA ALA C 304 5.24 -14.94 16.24
C ALA C 304 4.10 -15.52 15.49
N LYS C 305 2.99 -15.70 16.16
CA LYS C 305 1.80 -16.22 15.52
C LYS C 305 1.34 -15.29 14.38
N GLU C 306 1.31 -14.00 14.66
CA GLU C 306 1.01 -12.99 13.64
C GLU C 306 1.95 -13.11 12.45
N ASP C 307 3.25 -13.20 12.70
CA ASP C 307 4.25 -13.37 11.64
C ASP C 307 4.00 -14.65 10.84
N SER C 308 3.62 -15.72 11.52
CA SER C 308 3.48 -16.98 10.83
C SER C 308 2.28 -16.97 9.90
N LEU C 309 1.30 -16.12 10.18
CA LEU C 309 0.09 -16.03 9.33
C LEU C 309 0.26 -14.91 8.35
N ASN C 310 1.46 -14.34 8.32
CA ASN C 310 1.73 -13.20 7.44
C ASN C 310 0.78 -12.02 7.63
N VAL C 311 0.46 -11.74 8.88
CA VAL C 311 -0.35 -10.61 9.24
C VAL C 311 0.64 -9.53 9.53
N LYS C 312 0.56 -8.49 8.69
CA LYS C 312 1.46 -7.33 8.67
C LYS C 312 2.72 -7.45 9.54
N GLY D 7 11.87 -49.88 22.66
CA GLY D 7 10.67 -50.15 21.81
C GLY D 7 10.89 -49.89 20.33
N ALA D 8 9.98 -50.42 19.53
CA ALA D 8 10.16 -50.56 18.09
C ALA D 8 9.27 -49.58 17.28
N GLY D 9 9.20 -48.33 17.72
CA GLY D 9 8.48 -47.29 17.00
C GLY D 9 9.45 -46.78 15.96
N ALA D 10 9.29 -45.52 15.50
CA ALA D 10 10.14 -45.00 14.36
C ALA D 10 11.64 -45.18 14.58
N MET D 11 12.14 -44.85 15.77
CA MET D 11 13.58 -44.93 15.99
C MET D 11 14.03 -46.32 16.41
N GLY D 12 13.15 -47.07 17.07
CA GLY D 12 13.43 -48.47 17.42
C GLY D 12 13.60 -49.31 16.16
N SER D 13 12.74 -49.05 15.19
CA SER D 13 12.86 -49.64 13.88
C SER D 13 14.17 -49.29 13.14
N ARG D 14 14.53 -48.01 13.01
CA ARG D 14 15.68 -47.66 12.16
C ARG D 14 16.93 -48.33 12.62
N PHE D 15 17.06 -48.55 13.92
CA PHE D 15 18.31 -49.17 14.37
C PHE D 15 18.27 -50.67 13.97
N GLY D 16 17.14 -51.34 14.18
CA GLY D 16 16.97 -52.76 13.82
C GLY D 16 17.91 -53.36 12.77
N VAL D 26 18.75 -59.24 16.58
CA VAL D 26 17.82 -58.13 16.52
C VAL D 26 16.39 -58.60 16.76
N LEU D 27 15.96 -58.56 18.02
CA LEU D 27 14.59 -58.98 18.39
C LEU D 27 13.78 -57.74 18.86
N LEU D 28 12.45 -57.78 18.75
CA LEU D 28 11.61 -56.60 19.10
C LEU D 28 10.52 -56.78 20.20
N ILE D 29 10.58 -55.88 21.15
CA ILE D 29 9.70 -55.81 22.30
C ILE D 29 8.91 -54.52 22.04
N ASP D 30 7.65 -54.43 22.50
CA ASP D 30 6.82 -53.25 22.22
C ASP D 30 5.64 -53.16 23.21
N GLY D 31 4.71 -52.24 22.97
CA GLY D 31 3.46 -52.23 23.71
C GLY D 31 2.24 -52.00 22.85
N TRP D 32 2.44 -51.77 21.56
CA TRP D 32 1.31 -51.53 20.65
C TRP D 32 0.93 -52.84 19.97
N ALA D 33 -0.23 -53.39 20.31
CA ALA D 33 -0.69 -54.70 19.79
C ALA D 33 -0.75 -54.73 18.26
N GLU D 34 -1.52 -53.78 17.72
CA GLU D 34 -1.68 -53.56 16.25
C GLU D 34 -0.32 -53.61 15.53
N HIS D 35 0.70 -53.06 16.19
CA HIS D 35 2.03 -53.05 15.62
C HIS D 35 2.58 -54.45 15.63
N LEU D 73 22.51 -57.01 24.46
CA LEU D 73 22.32 -55.57 24.39
C LEU D 73 20.84 -55.23 24.25
N ILE D 74 20.34 -54.37 25.14
CA ILE D 74 19.00 -53.78 25.03
C ILE D 74 19.14 -52.30 24.69
N ILE D 75 18.50 -51.90 23.61
CA ILE D 75 18.46 -50.49 23.21
C ILE D 75 17.08 -49.96 23.49
N LEU D 76 16.96 -49.00 24.42
CA LEU D 76 15.67 -48.39 24.73
C LEU D 76 15.35 -47.30 23.72
N PHE D 77 14.14 -47.39 23.15
CA PHE D 77 13.67 -46.42 22.16
C PHE D 77 12.16 -46.20 22.22
N THR D 78 11.56 -46.38 23.40
CA THR D 78 10.19 -45.90 23.64
C THR D 78 10.15 -44.35 23.70
N LYS D 79 8.93 -43.80 23.73
CA LYS D 79 8.72 -42.41 24.22
C LYS D 79 8.95 -42.42 25.72
N ALA D 80 9.33 -41.26 26.27
CA ALA D 80 9.69 -41.16 27.68
C ALA D 80 8.62 -41.68 28.62
N MET D 81 7.35 -41.42 28.33
CA MET D 81 6.30 -41.87 29.25
C MET D 81 6.00 -43.36 29.25
N GLN D 82 6.54 -44.05 28.25
CA GLN D 82 6.38 -45.51 28.14
C GLN D 82 7.60 -46.27 28.72
N LEU D 83 8.66 -45.53 29.07
CA LEU D 83 9.90 -46.14 29.46
C LEU D 83 9.79 -47.04 30.70
N GLU D 84 9.09 -46.59 31.72
CA GLU D 84 8.95 -47.38 32.96
C GLU D 84 8.23 -48.75 32.77
N LYS D 85 7.06 -48.73 32.16
CA LYS D 85 6.34 -49.99 31.84
C LYS D 85 7.23 -50.92 31.01
N MET D 86 7.96 -50.36 30.06
CA MET D 86 8.77 -51.18 29.17
C MET D 86 9.86 -51.87 29.97
N LEU D 87 10.52 -51.11 30.84
CA LEU D 87 11.58 -51.66 31.67
C LEU D 87 11.07 -52.66 32.70
N GLN D 88 9.77 -52.93 32.66
CA GLN D 88 9.16 -54.01 33.44
C GLN D 88 9.42 -55.36 32.79
N ASP D 89 10.54 -55.48 32.08
CA ASP D 89 10.89 -56.72 31.40
C ASP D 89 9.74 -57.25 30.56
N THR D 98 24.10 -57.85 30.85
CA THR D 98 23.52 -57.32 29.63
C THR D 98 23.65 -55.80 29.58
N GLU D 99 24.10 -55.29 28.44
CA GLU D 99 24.28 -53.84 28.27
C GLU D 99 22.91 -53.20 27.95
N VAL D 100 22.64 -52.06 28.58
CA VAL D 100 21.36 -51.31 28.38
C VAL D 100 21.67 -49.90 27.91
N LEU D 101 21.26 -49.59 26.69
CA LEU D 101 21.58 -48.32 26.09
C LEU D 101 20.30 -47.51 25.91
N CYS D 102 20.32 -46.31 26.46
CA CYS D 102 19.19 -45.38 26.35
C CYS D 102 19.59 -44.26 25.43
N LEU D 103 18.85 -44.10 24.34
CA LEU D 103 19.07 -43.02 23.38
C LEU D 103 17.85 -42.10 23.22
N LEU D 104 16.92 -42.18 24.17
CA LEU D 104 15.75 -41.30 24.18
C LEU D 104 16.13 -39.82 24.23
N ASN D 105 15.27 -38.97 23.64
CA ASN D 105 15.32 -37.55 23.92
C ASN D 105 14.87 -37.30 25.37
N GLY D 106 15.22 -36.13 25.87
CA GLY D 106 14.84 -35.76 27.23
C GLY D 106 15.95 -36.05 28.22
N ILE D 107 15.67 -35.72 29.47
CA ILE D 107 16.66 -35.62 30.51
C ILE D 107 16.30 -36.47 31.72
N GLY D 108 17.31 -37.07 32.35
CA GLY D 108 17.15 -37.74 33.63
C GLY D 108 16.68 -39.18 33.58
N HIS D 109 16.67 -39.81 32.39
CA HIS D 109 16.17 -41.18 32.26
C HIS D 109 17.00 -42.18 33.06
N GLU D 110 18.28 -41.90 33.31
CA GLU D 110 19.13 -42.76 34.17
C GLU D 110 18.48 -43.05 35.51
N ASP D 111 17.82 -42.04 36.09
CA ASP D 111 17.26 -42.16 37.43
C ASP D 111 16.26 -43.30 37.42
N ILE D 112 15.48 -43.35 36.37
CA ILE D 112 14.49 -44.40 36.28
C ILE D 112 15.05 -45.75 35.80
N ILE D 113 16.06 -45.71 34.95
CA ILE D 113 16.68 -46.95 34.44
C ILE D 113 17.27 -47.76 35.58
N GLU D 114 17.70 -47.09 36.63
CA GLU D 114 18.30 -47.75 37.80
C GLU D 114 17.17 -48.50 38.58
N LYS D 115 16.75 -49.63 38.01
CA LYS D 115 15.86 -50.69 38.55
C LYS D 115 15.79 -50.66 40.08
N MET D 119 22.75 -51.30 36.83
CA MET D 119 23.63 -50.22 37.23
C MET D 119 24.81 -50.07 36.24
N GLU D 120 25.97 -50.65 36.59
CA GLU D 120 27.19 -50.60 35.76
C GLU D 120 26.93 -51.10 34.31
N ASN D 121 25.73 -51.60 34.07
CA ASN D 121 25.26 -51.99 32.75
C ASN D 121 24.67 -50.85 31.94
N ILE D 122 24.66 -49.65 32.52
CA ILE D 122 23.95 -48.52 31.94
C ILE D 122 24.80 -47.67 31.00
N TYR D 123 24.31 -47.48 29.78
CA TYR D 123 24.92 -46.60 28.82
C TYR D 123 23.85 -45.62 28.37
N ILE D 124 24.20 -44.35 28.26
CA ILE D 124 23.23 -43.33 27.82
C ILE D 124 23.81 -42.42 26.77
N GLY D 125 22.89 -41.88 25.99
CA GLY D 125 23.26 -40.94 24.96
C GLY D 125 22.05 -40.35 24.27
N ASN D 126 22.32 -39.82 23.09
CA ASN D 126 21.29 -39.30 22.25
C ASN D 126 21.68 -39.54 20.81
N THR D 127 20.79 -39.14 19.90
CA THR D 127 21.02 -39.36 18.50
C THR D 127 20.51 -38.21 17.63
N MET D 128 21.16 -38.02 16.48
CA MET D 128 20.75 -37.03 15.49
C MET D 128 20.13 -37.73 14.27
N TRP D 129 19.95 -39.03 14.33
CA TRP D 129 19.21 -39.71 13.31
C TRP D 129 17.76 -39.23 13.38
N THR D 130 17.02 -39.36 12.29
CA THR D 130 15.58 -39.08 12.25
C THR D 130 14.87 -40.33 11.77
N ALA D 131 13.68 -40.61 12.29
CA ALA D 131 12.82 -41.71 11.77
C ALA D 131 11.40 -41.19 11.68
N GLY D 132 10.64 -41.74 10.75
CA GLY D 132 9.22 -41.45 10.66
C GLY D 132 8.43 -42.74 10.68
N LEU D 133 7.34 -42.75 11.42
CA LEU D 133 6.46 -43.91 11.48
C LEU D 133 5.28 -43.53 10.57
N GLU D 134 5.17 -44.19 9.43
CA GLU D 134 4.09 -43.91 8.49
C GLU D 134 2.82 -44.64 8.89
N VAL D 139 7.83 -47.61 8.28
CA VAL D 139 8.73 -46.51 8.56
C VAL D 139 9.34 -45.85 7.32
N LYS D 140 9.67 -44.57 7.46
CA LYS D 140 10.43 -43.80 6.46
C LYS D 140 11.75 -43.46 7.09
N LEU D 141 12.83 -43.82 6.43
CA LEU D 141 14.16 -43.52 6.94
C LEU D 141 14.95 -42.76 5.87
N PHE D 142 15.10 -41.45 6.06
CA PHE D 142 15.81 -40.55 5.13
C PHE D 142 16.83 -39.67 5.88
N GLY D 143 17.77 -39.15 5.12
CA GLY D 143 18.82 -38.34 5.67
C GLY D 143 19.81 -39.20 6.42
N SER D 144 20.77 -38.53 7.05
CA SER D 144 21.82 -39.17 7.82
C SER D 144 21.79 -38.72 9.30
N GLY D 145 22.73 -39.22 10.11
CA GLY D 145 22.72 -38.94 11.53
C GLY D 145 23.79 -39.66 12.30
N SER D 146 24.12 -39.10 13.47
CA SER D 146 25.01 -39.70 14.49
C SER D 146 24.38 -40.20 15.80
N VAL D 147 25.22 -40.87 16.58
CA VAL D 147 24.92 -41.27 17.95
C VAL D 147 26.08 -40.89 18.87
N GLU D 148 25.75 -40.40 20.06
CA GLU D 148 26.75 -40.23 21.11
C GLU D 148 26.33 -40.99 22.33
N LEU D 149 27.30 -41.60 23.00
CA LEU D 149 27.01 -42.41 24.17
C LEU D 149 28.19 -42.47 25.12
N GLN D 150 27.87 -42.81 26.35
CA GLN D 150 28.86 -42.94 27.39
C GLN D 150 28.32 -43.91 28.44
N ASN D 151 29.25 -44.63 29.03
CA ASN D 151 28.97 -45.49 30.19
C ASN D 151 28.67 -44.66 31.39
N LEU D 152 27.79 -45.14 32.25
CA LEU D 152 27.61 -44.51 33.55
C LEU D 152 28.40 -45.15 34.65
N GLY D 153 28.80 -46.41 34.46
CA GLY D 153 29.58 -47.12 35.48
C GLY D 153 31.08 -46.91 35.44
N ASP D 154 31.72 -46.83 36.61
CA ASP D 154 33.20 -46.71 36.69
C ASP D 154 33.87 -47.83 35.95
N GLY D 155 34.89 -47.49 35.17
CA GLY D 155 35.72 -48.48 34.52
C GLY D 155 35.11 -49.09 33.28
N LYS D 156 33.99 -48.54 32.78
CA LYS D 156 33.30 -49.14 31.64
C LYS D 156 33.56 -48.39 30.35
N GLU D 157 34.55 -47.52 30.39
CA GLU D 157 34.91 -46.73 29.24
C GLU D 157 35.22 -47.57 27.99
N ALA D 158 36.10 -48.54 28.12
CA ALA D 158 36.44 -49.43 27.00
C ALA D 158 35.21 -50.19 26.50
N ALA D 159 34.33 -50.64 27.39
CA ALA D 159 33.10 -51.32 26.97
C ALA D 159 32.20 -50.36 26.16
N ALA D 160 32.16 -49.09 26.58
CA ALA D 160 31.38 -48.08 25.88
C ALA D 160 31.93 -47.82 24.49
N LYS D 161 33.26 -47.72 24.39
CA LYS D 161 33.91 -47.49 23.08
C LYS D 161 33.66 -48.64 22.15
N LYS D 162 33.71 -49.85 22.70
CA LYS D 162 33.45 -51.05 21.93
C LYS D 162 31.99 -51.04 21.43
N LEU D 163 31.06 -50.62 22.29
CA LEU D 163 29.64 -50.53 21.92
C LEU D 163 29.41 -49.50 20.80
N ALA D 164 30.05 -48.35 20.91
CA ALA D 164 30.00 -47.35 19.84
C ALA D 164 30.57 -47.88 18.52
N ASP D 165 31.71 -48.58 18.58
CA ASP D 165 32.29 -49.20 17.37
C ASP D 165 31.32 -50.20 16.74
N LYS D 166 30.72 -51.06 17.57
CA LYS D 166 29.71 -52.00 17.10
C LYS D 166 28.53 -51.36 16.37
N LEU D 167 28.01 -50.26 16.91
CA LEU D 167 26.93 -49.53 16.23
C LEU D 167 27.44 -48.91 14.95
N SER D 168 28.66 -48.40 14.99
CA SER D 168 29.27 -47.80 13.80
C SER D 168 29.43 -48.84 12.67
N GLU D 169 29.65 -50.10 13.01
CA GLU D 169 29.73 -51.21 12.05
C GLU D 169 28.45 -51.29 11.20
N SER D 170 27.31 -50.86 11.76
CA SER D 170 26.05 -50.89 11.02
C SER D 170 25.72 -49.55 10.40
N GLY D 171 26.70 -48.66 10.29
CA GLY D 171 26.48 -47.33 9.72
C GLY D 171 25.82 -46.29 10.63
N LEU D 172 25.73 -46.57 11.93
CA LEU D 172 25.01 -45.66 12.86
C LEU D 172 25.81 -44.44 13.28
N ASN D 173 27.09 -44.41 12.91
CA ASN D 173 27.95 -43.28 13.18
C ASN D 173 27.92 -42.87 14.66
N ALA D 174 28.21 -43.86 15.51
CA ALA D 174 28.17 -43.71 16.95
C ALA D 174 29.55 -43.35 17.49
N HIS D 175 29.59 -42.41 18.40
CA HIS D 175 30.84 -41.98 18.99
C HIS D 175 30.73 -42.06 20.51
N PHE D 176 31.84 -42.43 21.13
CA PHE D 176 31.99 -42.34 22.55
C PHE D 176 32.21 -40.88 22.91
N SER D 177 31.60 -40.45 24.00
CA SER D 177 31.78 -39.11 24.51
C SER D 177 32.28 -39.24 25.93
N ASP D 178 33.22 -38.38 26.31
CA ASP D 178 33.66 -38.29 27.69
C ASP D 178 32.82 -37.32 28.54
N ASN D 179 31.84 -36.66 27.92
CA ASN D 179 30.95 -35.77 28.64
C ASN D 179 29.49 -35.82 28.15
N ILE D 180 28.88 -36.98 28.38
CA ILE D 180 27.60 -37.23 27.75
C ILE D 180 26.52 -36.31 28.28
N HIS D 181 26.65 -35.90 29.53
CA HIS D 181 25.67 -35.03 30.13
C HIS D 181 25.60 -33.68 29.43
N TYR D 182 26.76 -33.16 29.01
CA TYR D 182 26.83 -31.96 28.20
C TYR D 182 26.07 -32.16 26.90
N SER D 183 26.37 -33.26 26.25
CA SER D 183 25.74 -33.58 25.00
C SER D 183 24.22 -33.76 25.13
N ILE D 184 23.75 -34.37 26.21
CA ILE D 184 22.30 -34.55 26.43
C ILE D 184 21.61 -33.20 26.66
N TYR D 185 22.23 -32.36 27.44
CA TYR D 185 21.64 -31.05 27.70
C TYR D 185 21.57 -30.22 26.43
N ARG D 186 22.61 -30.34 25.62
CA ARG D 186 22.69 -29.55 24.40
C ARG D 186 21.59 -29.95 23.40
N LYS D 187 21.40 -31.26 23.20
CA LYS D 187 20.34 -31.74 22.38
C LYS D 187 18.99 -31.40 22.99
N ALA D 188 18.89 -31.49 24.31
CA ALA D 188 17.64 -31.15 25.01
C ALA D 188 17.24 -29.68 24.79
N CYS D 189 18.22 -28.77 24.67
CA CYS D 189 17.92 -27.40 24.28
C CYS D 189 17.23 -27.27 22.90
N VAL D 190 17.71 -28.03 21.93
CA VAL D 190 17.07 -28.13 20.65
C VAL D 190 15.63 -28.65 20.82
N ASN D 191 15.47 -29.77 21.55
CA ASN D 191 14.15 -30.35 21.77
C ASN D 191 13.30 -29.44 22.63
N GLY D 192 13.95 -28.62 23.47
CA GLY D 192 13.28 -27.71 24.36
C GLY D 192 12.89 -26.39 23.71
N THR D 193 13.28 -26.17 22.46
CA THR D 193 12.87 -25.00 21.72
C THR D 193 11.99 -25.38 20.52
N MET D 194 12.56 -26.14 19.57
CA MET D 194 11.86 -26.49 18.32
C MET D 194 10.56 -27.26 18.56
N ASN D 195 10.60 -28.29 19.43
CA ASN D 195 9.44 -29.12 19.63
C ASN D 195 8.23 -28.35 20.14
N GLY D 196 8.37 -27.68 21.29
CA GLY D 196 7.23 -27.04 21.95
C GLY D 196 6.75 -25.83 21.20
N LEU D 197 7.67 -25.02 20.72
CA LEU D 197 7.32 -23.80 19.99
C LEU D 197 6.62 -24.14 18.69
N CYS D 198 7.16 -25.09 17.94
CA CYS D 198 6.47 -25.54 16.72
C CYS D 198 5.09 -26.09 17.04
N THR D 199 4.99 -26.91 18.09
CA THR D 199 3.70 -27.52 18.45
C THR D 199 2.65 -26.48 18.81
N ILE D 200 3.03 -25.48 19.62
CA ILE D 200 2.11 -24.44 20.09
C ILE D 200 1.79 -23.44 18.99
N LEU D 201 2.77 -23.11 18.15
CA LEU D 201 2.57 -22.10 17.11
C LEU D 201 2.05 -22.66 15.80
N ASP D 202 2.04 -23.98 15.69
CA ASP D 202 1.59 -24.68 14.47
C ASP D 202 2.40 -24.23 13.24
N VAL D 203 3.69 -24.48 13.30
CA VAL D 203 4.61 -24.13 12.26
C VAL D 203 5.69 -25.22 12.18
N ASN D 204 6.33 -25.32 11.03
CA ASN D 204 7.53 -26.08 10.94
C ASN D 204 8.72 -25.21 11.33
N MET D 205 9.89 -25.81 11.38
CA MET D 205 11.02 -25.16 11.94
C MET D 205 11.47 -23.93 11.15
N ALA D 206 11.42 -24.02 9.83
CA ALA D 206 11.80 -22.88 8.99
C ALA D 206 10.84 -21.72 9.19
N GLU D 207 9.54 -22.03 9.29
CA GLU D 207 8.54 -21.02 9.56
C GLU D 207 8.77 -20.36 10.91
N LEU D 208 9.09 -21.16 11.93
CA LEU D 208 9.45 -20.60 13.26
C LEU D 208 10.62 -19.61 13.12
N GLY D 209 11.68 -20.03 12.41
CA GLY D 209 12.88 -19.21 12.20
C GLY D 209 12.60 -17.89 11.50
N LYS D 210 11.56 -17.84 10.69
CA LYS D 210 11.19 -16.60 10.00
C LYS D 210 10.46 -15.58 10.89
N THR D 211 9.95 -16.00 12.04
CA THR D 211 9.25 -15.07 12.90
C THR D 211 10.21 -14.11 13.64
N SER D 212 9.67 -12.94 13.94
CA SER D 212 10.47 -11.86 14.49
C SER D 212 10.92 -12.16 15.94
N THR D 213 10.21 -13.04 16.68
CA THR D 213 10.56 -13.29 18.06
C THR D 213 11.23 -14.65 18.35
N ALA D 214 11.48 -15.45 17.32
CA ALA D 214 12.03 -16.80 17.54
C ALA D 214 13.36 -16.77 18.20
N HIS D 215 14.19 -15.84 17.82
CA HIS D 215 15.53 -15.77 18.41
C HIS D 215 15.45 -15.48 19.92
N LYS D 216 14.61 -14.51 20.29
CA LYS D 216 14.46 -14.13 21.69
C LYS D 216 13.96 -15.34 22.49
N MET D 217 12.98 -16.06 21.96
CA MET D 217 12.37 -17.16 22.70
C MET D 217 13.41 -18.26 22.84
N VAL D 218 14.12 -18.56 21.76
CA VAL D 218 15.10 -19.61 21.81
C VAL D 218 16.17 -19.28 22.83
N ALA D 219 16.70 -18.06 22.75
CA ALA D 219 17.80 -17.66 23.63
C ALA D 219 17.40 -17.65 25.12
N THR D 220 16.19 -17.19 25.42
CA THR D 220 15.70 -17.23 26.77
C THR D 220 15.61 -18.69 27.30
N ILE D 221 15.03 -19.59 26.50
CA ILE D 221 14.85 -20.97 26.95
C ILE D 221 16.22 -21.63 27.14
N VAL D 222 17.14 -21.41 26.18
CA VAL D 222 18.47 -21.98 26.28
C VAL D 222 19.17 -21.50 27.57
N ASN D 223 19.01 -20.22 27.89
CA ASN D 223 19.60 -19.71 29.10
C ASN D 223 19.09 -20.38 30.36
N GLU D 224 17.80 -20.75 30.37
CA GLU D 224 17.24 -21.42 31.50
C GLU D 224 17.86 -22.81 31.63
N PHE D 225 17.94 -23.53 30.52
CA PHE D 225 18.61 -24.87 30.51
C PHE D 225 20.04 -24.78 31.02
N ALA D 226 20.78 -23.76 30.56
CA ALA D 226 22.17 -23.53 30.99
C ALA D 226 22.35 -23.25 32.49
N LYS D 227 21.47 -22.41 33.04
CA LYS D 227 21.53 -22.09 34.49
C LYS D 227 21.29 -23.34 35.36
N VAL D 228 20.34 -24.19 34.99
CA VAL D 228 20.10 -25.47 35.67
C VAL D 228 21.27 -26.45 35.47
N ALA D 229 21.77 -26.57 34.25
CA ALA D 229 22.89 -27.45 33.98
C ALA D 229 24.15 -27.06 34.76
N ALA D 230 24.40 -25.77 34.91
CA ALA D 230 25.55 -25.29 35.65
C ALA D 230 25.56 -25.77 37.12
N VAL D 231 24.40 -25.86 37.75
CA VAL D 231 24.33 -26.33 39.11
C VAL D 231 24.90 -27.75 39.17
N GLU D 232 24.70 -28.50 38.09
CA GLU D 232 25.19 -29.87 38.01
C GLU D 232 26.56 -29.94 37.38
N LYS D 233 27.27 -28.80 37.35
CA LYS D 233 28.66 -28.81 36.86
C LYS D 233 28.79 -28.98 35.33
N ILE D 234 27.71 -28.77 34.61
CA ILE D 234 27.77 -28.72 33.16
C ILE D 234 27.65 -27.31 32.63
N GLU D 235 28.72 -26.82 32.01
CA GLU D 235 28.82 -25.41 31.58
C GLU D 235 28.60 -25.32 30.08
N LEU D 236 27.36 -25.09 29.67
CA LEU D 236 27.03 -25.00 28.27
C LEU D 236 27.60 -23.75 27.65
N ASP D 237 28.11 -23.91 26.44
CA ASP D 237 28.51 -22.79 25.64
C ASP D 237 27.23 -22.22 25.02
N VAL D 238 26.66 -21.23 25.67
CA VAL D 238 25.32 -20.79 25.33
C VAL D 238 25.23 -20.24 23.91
N PRO D 239 26.21 -19.41 23.49
CA PRO D 239 26.14 -18.91 22.10
C PRO D 239 26.22 -20.03 21.07
N GLU D 240 27.01 -21.04 21.30
CA GLU D 240 27.07 -22.17 20.36
C GLU D 240 25.76 -22.97 20.40
N VAL D 241 25.20 -23.19 21.59
CA VAL D 241 23.96 -23.97 21.70
C VAL D 241 22.75 -23.22 21.05
N ILE D 242 22.68 -21.93 21.25
CA ILE D 242 21.68 -21.13 20.57
C ILE D 242 21.82 -21.26 19.06
N ALA D 243 23.06 -21.13 18.53
CA ALA D 243 23.30 -21.30 17.08
C ALA D 243 22.96 -22.69 16.59
N HIS D 244 23.24 -23.70 17.41
CA HIS D 244 22.87 -25.07 17.09
C HIS D 244 21.37 -25.23 16.98
N CYS D 245 20.63 -24.62 17.92
CA CYS D 245 19.16 -24.65 17.84
C CYS D 245 18.69 -23.98 16.55
N GLU D 246 19.24 -22.81 16.25
CA GLU D 246 18.78 -22.01 15.14
C GLU D 246 19.20 -22.59 13.79
N SER D 247 20.15 -23.50 13.78
CA SER D 247 20.51 -24.18 12.54
C SER D 247 19.36 -25.06 12.02
N CYS D 248 18.44 -25.48 12.90
CA CYS D 248 17.20 -26.17 12.50
C CYS D 248 16.28 -25.30 11.65
N PHE D 249 16.51 -23.98 11.65
CA PHE D 249 15.73 -23.06 10.81
C PHE D 249 15.96 -23.19 9.31
N ASP D 250 17.09 -23.80 8.94
CA ASP D 250 17.47 -23.86 7.53
C ASP D 250 16.57 -24.80 6.70
N PRO D 251 15.82 -24.25 5.72
CA PRO D 251 15.04 -25.10 4.80
C PRO D 251 15.84 -26.21 4.07
N GLU D 252 17.12 -25.96 3.80
CA GLU D 252 17.97 -26.94 3.14
C GLU D 252 18.43 -28.08 4.05
N THR D 253 18.27 -27.96 5.37
CA THR D 253 18.70 -29.03 6.24
C THR D 253 17.47 -29.75 6.77
N ILE D 254 16.90 -29.30 7.88
CA ILE D 254 15.67 -29.92 8.37
C ILE D 254 14.50 -28.96 8.48
N GLY D 255 14.70 -27.72 8.09
CA GLY D 255 13.73 -26.67 8.35
C GLY D 255 12.33 -26.95 7.87
N LEU D 256 12.17 -27.74 6.82
CA LEU D 256 10.85 -28.00 6.28
C LEU D 256 10.10 -29.05 7.07
N HIS D 257 10.78 -29.70 8.01
CA HIS D 257 10.16 -30.71 8.82
C HIS D 257 9.48 -30.10 10.05
N TYR D 258 8.48 -30.85 10.50
CA TYR D 258 7.85 -30.65 11.77
C TYR D 258 8.56 -31.55 12.79
N PRO D 259 8.90 -31.01 13.96
CA PRO D 259 9.54 -31.81 14.99
C PRO D 259 8.63 -32.93 15.48
N SER D 260 9.23 -33.87 16.21
CA SER D 260 8.54 -35.08 16.65
C SER D 260 7.35 -34.77 17.53
N MET D 261 7.52 -33.79 18.40
CA MET D 261 6.42 -33.41 19.31
C MET D 261 5.22 -32.96 18.50
N TYR D 262 5.47 -32.22 17.44
CA TYR D 262 4.38 -31.72 16.58
C TYR D 262 3.68 -32.93 15.95
N GLN D 263 4.45 -33.86 15.43
CA GLN D 263 3.88 -35.11 14.86
C GLN D 263 3.06 -35.85 15.92
N ASP D 264 3.58 -35.96 17.15
CA ASP D 264 2.86 -36.60 18.22
C ASP D 264 1.51 -35.99 18.47
N LEU D 265 1.49 -34.68 18.76
CA LEU D 265 0.29 -34.07 19.28
C LEU D 265 -0.62 -33.54 18.17
N ILE D 266 -0.08 -32.70 17.29
CA ILE D 266 -0.94 -32.02 16.31
C ILE D 266 -1.44 -32.99 15.20
N LYS D 267 -0.53 -33.76 14.62
CA LYS D 267 -0.88 -34.81 13.62
C LYS D 267 -1.48 -36.10 14.21
N ASN D 268 -0.87 -36.69 15.23
CA ASN D 268 -1.37 -37.97 15.73
C ASN D 268 -2.21 -37.97 17.01
N HIS D 269 -2.43 -36.81 17.60
CA HIS D 269 -3.20 -36.71 18.86
C HIS D 269 -2.67 -37.63 19.97
N ARG D 270 -1.36 -37.61 20.15
CA ARG D 270 -0.71 -38.39 21.18
C ARG D 270 -0.03 -37.48 22.19
N LEU D 271 0.06 -37.95 23.44
CA LEU D 271 0.74 -37.21 24.48
C LEU D 271 2.19 -36.97 24.10
N THR D 272 2.73 -35.85 24.57
CA THR D 272 4.09 -35.47 24.27
C THR D 272 5.05 -35.78 25.41
N GLU D 273 6.32 -35.62 25.10
CA GLU D 273 7.41 -35.81 26.04
C GLU D 273 7.82 -34.54 26.79
N ILE D 274 6.95 -33.54 26.79
CA ILE D 274 7.28 -32.23 27.36
C ILE D 274 7.78 -32.27 28.81
N ASP D 275 7.20 -33.13 29.66
CA ASP D 275 7.64 -33.20 31.08
C ASP D 275 9.09 -33.63 31.23
N TYR D 276 9.65 -34.25 30.21
CA TYR D 276 11.00 -34.75 30.27
C TYR D 276 11.98 -33.81 29.59
N ILE D 277 11.47 -32.73 29.00
CA ILE D 277 12.33 -31.81 28.32
C ILE D 277 12.28 -30.51 29.09
N ASN D 278 11.38 -29.61 28.73
CA ASN D 278 11.23 -28.36 29.46
C ASN D 278 10.79 -28.63 30.86
N GLY D 279 9.94 -29.65 31.01
CA GLY D 279 9.43 -29.99 32.34
C GLY D 279 10.53 -30.42 33.29
N ALA D 280 11.54 -31.12 32.77
CA ALA D 280 12.66 -31.53 33.61
C ALA D 280 13.45 -30.33 34.12
N ILE D 281 13.62 -29.33 33.25
CA ILE D 281 14.30 -28.11 33.63
C ILE D 281 13.49 -27.37 34.69
N SER D 282 12.16 -27.34 34.56
CA SER D 282 11.31 -26.72 35.61
C SER D 282 11.49 -27.39 36.96
N ARG D 283 11.46 -28.70 36.99
CA ARG D 283 11.58 -29.40 38.27
C ARG D 283 12.92 -29.14 38.95
N LYS D 284 13.96 -29.23 38.15
CA LYS D 284 15.29 -28.90 38.63
C LYS D 284 15.40 -27.48 39.12
N GLY D 285 14.78 -26.55 38.39
CA GLY D 285 14.82 -25.14 38.82
C GLY D 285 14.19 -24.89 40.16
N LYS D 286 13.06 -25.54 40.41
CA LYS D 286 12.38 -25.43 41.70
C LYS D 286 13.30 -25.90 42.84
N LYS D 287 13.92 -27.05 42.59
CA LYS D 287 14.84 -27.59 43.56
C LYS D 287 16.15 -26.78 43.73
N TYR D 288 16.64 -26.15 42.67
CA TYR D 288 17.92 -25.45 42.78
C TYR D 288 17.72 -23.96 43.02
N GLY D 289 16.47 -23.49 43.06
CA GLY D 289 16.24 -22.05 43.24
C GLY D 289 16.54 -21.22 41.98
N VAL D 290 16.37 -21.81 40.81
CA VAL D 290 16.68 -21.17 39.58
C VAL D 290 15.34 -20.93 38.91
N ALA D 291 15.04 -19.68 38.61
CA ALA D 291 13.83 -19.31 37.85
C ALA D 291 13.87 -19.93 36.45
N THR D 292 12.82 -20.67 36.08
CA THR D 292 12.72 -21.25 34.74
C THR D 292 11.31 -20.98 34.13
N PRO D 293 10.92 -19.70 34.09
CA PRO D 293 9.54 -19.37 33.74
C PRO D 293 9.11 -19.72 32.30
N TYR D 294 9.99 -19.60 31.33
CA TYR D 294 9.65 -20.02 29.99
C TYR D 294 9.45 -21.52 29.89
N CYS D 295 10.29 -22.30 30.56
CA CYS D 295 10.08 -23.74 30.59
C CYS D 295 8.78 -24.09 31.31
N ASP D 296 8.48 -23.40 32.41
CA ASP D 296 7.22 -23.63 33.11
C ASP D 296 6.04 -23.33 32.14
N PHE D 297 6.05 -22.16 31.51
CA PHE D 297 4.91 -21.68 30.73
C PHE D 297 4.74 -22.60 29.48
N LEU D 298 5.85 -22.95 28.83
CA LEU D 298 5.79 -23.77 27.63
C LEU D 298 5.24 -25.16 27.93
N THR D 299 5.66 -25.72 29.05
CA THR D 299 5.15 -26.96 29.51
C THR D 299 3.66 -26.87 29.78
N GLU D 300 3.24 -25.82 30.47
CA GLU D 300 1.81 -25.61 30.76
C GLU D 300 0.96 -25.44 29.51
N LEU D 301 1.49 -24.68 28.56
CA LEU D 301 0.84 -24.49 27.26
C LEU D 301 0.69 -25.80 26.48
N VAL D 302 1.73 -26.61 26.44
CA VAL D 302 1.66 -27.87 25.76
C VAL D 302 0.65 -28.84 26.43
N HIS D 303 0.66 -28.94 27.76
CA HIS D 303 -0.36 -29.74 28.46
C HIS D 303 -1.76 -29.22 28.13
N ALA D 304 -1.92 -27.89 28.06
CA ALA D 304 -3.25 -27.32 27.83
C ALA D 304 -3.66 -27.67 26.42
N LYS D 305 -2.72 -27.67 25.51
CA LYS D 305 -3.01 -28.04 24.15
C LYS D 305 -3.46 -29.50 24.08
N GLU D 306 -2.70 -30.37 24.75
CA GLU D 306 -3.09 -31.77 24.87
C GLU D 306 -4.53 -31.90 25.38
N ASP D 307 -4.83 -31.21 26.46
CA ASP D 307 -6.16 -31.29 27.06
C ASP D 307 -7.23 -30.78 26.06
N SER D 308 -6.91 -29.77 25.28
CA SER D 308 -7.88 -29.17 24.39
C SER D 308 -8.20 -30.08 23.19
N LEU D 309 -7.27 -30.98 22.87
CA LEU D 309 -7.50 -31.98 21.85
C LEU D 309 -7.97 -33.29 22.47
N ASN D 310 -8.24 -33.29 23.77
CA ASN D 310 -8.62 -34.49 24.48
C ASN D 310 -7.66 -35.70 24.37
N VAL D 311 -6.36 -35.43 24.46
CA VAL D 311 -5.33 -36.43 24.33
C VAL D 311 -4.97 -36.99 25.71
N MET E 1 -41.39 0.71 -22.32
CA MET E 1 -41.26 0.00 -23.64
C MET E 1 -40.91 -1.47 -23.41
N LYS E 2 -40.95 -2.24 -24.50
CA LYS E 2 -40.62 -3.67 -24.49
C LYS E 2 -39.16 -3.80 -24.94
N ILE E 3 -38.32 -4.33 -24.07
CA ILE E 3 -36.87 -4.47 -24.36
C ILE E 3 -36.44 -5.92 -24.35
N ALA E 4 -35.78 -6.34 -25.41
CA ALA E 4 -35.10 -7.64 -25.44
C ALA E 4 -33.60 -7.47 -25.17
N ILE E 5 -33.07 -8.32 -24.30
CA ILE E 5 -31.67 -8.40 -24.05
C ILE E 5 -31.17 -9.65 -24.78
N ALA E 6 -30.45 -9.43 -25.89
CA ALA E 6 -29.96 -10.53 -26.69
C ALA E 6 -28.56 -10.87 -26.23
N GLY E 7 -28.46 -11.89 -25.38
CA GLY E 7 -27.20 -12.27 -24.76
C GLY E 7 -27.25 -11.90 -23.30
N ALA E 8 -27.89 -12.73 -22.50
CA ALA E 8 -28.17 -12.39 -21.11
C ALA E 8 -27.17 -13.03 -20.17
N GLY E 9 -25.89 -12.77 -20.40
CA GLY E 9 -24.86 -13.22 -19.46
C GLY E 9 -24.68 -12.20 -18.36
N ALA E 10 -23.44 -12.03 -17.92
CA ALA E 10 -23.18 -11.13 -16.82
C ALA E 10 -23.74 -9.73 -17.10
N MET E 11 -23.34 -9.13 -18.22
CA MET E 11 -23.75 -7.73 -18.54
C MET E 11 -25.21 -7.65 -18.99
N GLY E 12 -25.65 -8.61 -19.82
CA GLY E 12 -27.00 -8.63 -20.24
C GLY E 12 -27.93 -8.79 -19.03
N SER E 13 -27.53 -9.58 -18.05
CA SER E 13 -28.33 -9.74 -16.85
C SER E 13 -28.39 -8.45 -16.06
N ARG E 14 -27.25 -7.77 -15.89
CA ARG E 14 -27.29 -6.48 -15.23
C ARG E 14 -28.27 -5.54 -15.88
N PHE E 15 -28.13 -5.36 -17.20
CA PHE E 15 -29.01 -4.37 -17.89
C PHE E 15 -30.49 -4.75 -17.75
N GLY E 16 -30.78 -6.03 -17.93
CA GLY E 16 -32.15 -6.52 -17.89
C GLY E 16 -32.76 -6.33 -16.51
N LEU E 17 -31.98 -6.66 -15.49
CA LEU E 17 -32.40 -6.45 -14.13
C LEU E 17 -32.68 -4.99 -13.82
N MET E 18 -31.74 -4.12 -14.13
CA MET E 18 -31.93 -2.68 -13.86
C MET E 18 -33.08 -2.11 -14.68
N LEU E 19 -33.21 -2.52 -15.94
CA LEU E 19 -34.29 -2.04 -16.76
C LEU E 19 -35.66 -2.54 -16.23
N HIS E 20 -35.69 -3.77 -15.74
CA HIS E 20 -36.90 -4.33 -15.16
C HIS E 20 -37.28 -3.65 -13.83
N GLN E 21 -36.30 -3.34 -12.98
CA GLN E 21 -36.59 -2.69 -11.70
C GLN E 21 -37.17 -1.30 -11.85
N SER E 22 -37.05 -0.70 -13.02
CA SER E 22 -37.65 0.61 -13.26
C SER E 22 -38.99 0.49 -13.95
N GLY E 23 -39.50 -0.72 -14.10
CA GLY E 23 -40.83 -0.91 -14.67
C GLY E 23 -40.88 -1.16 -16.17
N ASN E 24 -39.72 -1.31 -16.81
CA ASN E 24 -39.71 -1.70 -18.21
C ASN E 24 -40.09 -3.15 -18.32
N GLU E 25 -40.66 -3.53 -19.44
CA GLU E 25 -40.89 -4.93 -19.65
C GLU E 25 -39.73 -5.50 -20.48
N VAL E 26 -39.13 -6.55 -19.92
CA VAL E 26 -37.87 -7.05 -20.37
C VAL E 26 -37.99 -8.50 -20.76
N LEU E 27 -37.47 -8.86 -21.92
CA LEU E 27 -37.33 -10.24 -22.32
C LEU E 27 -35.82 -10.57 -22.45
N LEU E 28 -35.36 -11.61 -21.76
CA LEU E 28 -34.01 -12.11 -21.96
C LEU E 28 -33.97 -13.17 -23.05
N ILE E 29 -32.95 -13.13 -23.87
CA ILE E 29 -32.74 -14.11 -24.90
C ILE E 29 -31.32 -14.63 -24.72
N ASP E 30 -31.14 -15.93 -24.69
CA ASP E 30 -29.84 -16.50 -24.42
C ASP E 30 -29.66 -17.85 -25.09
N GLY E 31 -28.41 -18.27 -25.22
CA GLY E 31 -28.09 -19.53 -25.86
C GLY E 31 -27.65 -20.61 -24.90
N TRP E 32 -27.54 -20.30 -23.63
CA TRP E 32 -27.10 -21.30 -22.66
C TRP E 32 -28.33 -21.96 -22.01
N ALA E 33 -28.63 -23.16 -22.45
CA ALA E 33 -29.87 -23.87 -22.04
C ALA E 33 -30.03 -24.01 -20.55
N GLU E 34 -28.97 -24.42 -19.86
CA GLU E 34 -29.04 -24.58 -18.40
C GLU E 34 -29.36 -23.24 -17.71
N HIS E 35 -28.81 -22.14 -18.24
CA HIS E 35 -28.99 -20.80 -17.69
C HIS E 35 -30.44 -20.36 -17.88
N VAL E 36 -30.95 -20.57 -19.10
CA VAL E 36 -32.35 -20.31 -19.42
C VAL E 36 -33.33 -21.07 -18.52
N GLN E 37 -33.09 -22.36 -18.36
CA GLN E 37 -33.98 -23.18 -17.51
C GLN E 37 -33.96 -22.71 -16.06
N GLN E 38 -32.78 -22.41 -15.54
CA GLN E 38 -32.69 -21.96 -14.18
C GLN E 38 -33.46 -20.68 -13.98
N ILE E 39 -33.35 -19.76 -14.93
CA ILE E 39 -34.00 -18.46 -14.77
C ILE E 39 -35.52 -18.63 -14.86
N LYS E 40 -35.94 -19.54 -15.73
CA LYS E 40 -37.37 -19.86 -15.82
C LYS E 40 -37.96 -20.37 -14.53
N GLU E 41 -37.26 -21.30 -13.90
CA GLU E 41 -37.77 -21.95 -12.72
C GLU E 41 -37.54 -21.17 -11.44
N HIS E 42 -36.43 -20.48 -11.31
CA HIS E 42 -36.09 -19.85 -10.03
C HIS E 42 -35.79 -18.37 -10.15
N GLY E 43 -36.02 -17.80 -11.32
CA GLY E 43 -35.72 -16.39 -11.54
C GLY E 43 -34.20 -16.13 -11.61
N LEU E 44 -33.87 -14.89 -11.91
CA LEU E 44 -32.50 -14.43 -11.97
C LEU E 44 -32.10 -14.00 -10.59
N GLN E 45 -31.01 -14.57 -10.09
CA GLN E 45 -30.52 -14.19 -8.78
C GLN E 45 -29.23 -13.36 -8.88
N ALA E 46 -29.19 -12.31 -8.09
CA ALA E 46 -28.06 -11.40 -8.12
C ALA E 46 -27.62 -11.00 -6.73
N ASN E 47 -26.31 -11.03 -6.52
CA ASN E 47 -25.74 -10.26 -5.43
C ASN E 47 -25.56 -8.87 -6.01
N PHE E 48 -26.48 -7.98 -5.64
CA PHE E 48 -26.51 -6.64 -6.21
C PHE E 48 -26.05 -5.62 -5.16
N ASN E 49 -24.79 -5.23 -5.27
CA ASN E 49 -24.14 -4.32 -4.34
C ASN E 49 -24.17 -4.83 -2.90
N GLY E 50 -24.14 -6.14 -2.72
CA GLY E 50 -24.13 -6.75 -1.40
C GLY E 50 -25.47 -7.31 -0.95
N LYS E 51 -26.56 -6.92 -1.64
CA LYS E 51 -27.92 -7.35 -1.26
C LYS E 51 -28.39 -8.43 -2.22
N GLU E 52 -28.82 -9.55 -1.68
CA GLU E 52 -29.35 -10.63 -2.49
C GLU E 52 -30.71 -10.22 -3.06
N VAL E 53 -30.85 -10.38 -4.38
CA VAL E 53 -32.02 -9.95 -5.12
C VAL E 53 -32.44 -11.08 -6.05
N GLU E 54 -33.73 -11.15 -6.34
CA GLU E 54 -34.26 -12.15 -7.22
C GLU E 54 -35.25 -11.43 -8.10
N ALA E 55 -35.25 -11.70 -9.39
CA ALA E 55 -36.27 -11.11 -10.25
C ALA E 55 -36.74 -12.19 -11.19
N LYS E 56 -38.04 -12.28 -11.38
CA LYS E 56 -38.58 -13.23 -12.31
C LYS E 56 -38.58 -12.46 -13.60
N LEU E 57 -37.66 -12.78 -14.51
CA LEU E 57 -37.69 -12.19 -15.83
C LEU E 57 -38.02 -13.25 -16.85
N PRO E 58 -38.88 -12.95 -17.82
CA PRO E 58 -39.12 -13.89 -18.91
C PRO E 58 -37.84 -14.14 -19.69
N ILE E 59 -37.65 -15.35 -20.16
CA ILE E 59 -36.46 -15.71 -20.88
C ILE E 59 -36.79 -16.73 -21.93
N VAL E 60 -36.16 -16.63 -23.10
CA VAL E 60 -36.34 -17.62 -24.15
C VAL E 60 -34.97 -18.01 -24.73
N LEU E 61 -34.84 -19.29 -25.13
CA LEU E 61 -33.69 -19.76 -25.87
C LEU E 61 -33.65 -19.06 -27.21
N GLN E 62 -32.45 -18.66 -27.65
CA GLN E 62 -32.35 -17.86 -28.88
C GLN E 62 -32.88 -18.61 -30.12
N SER E 63 -32.73 -19.92 -30.14
CA SER E 63 -33.26 -20.74 -31.24
C SER E 63 -34.82 -20.89 -31.20
N GLU E 64 -35.46 -20.53 -30.08
CA GLU E 64 -36.90 -20.65 -29.94
C GLU E 64 -37.64 -19.32 -29.94
N VAL E 65 -37.01 -18.29 -30.46
CA VAL E 65 -37.66 -17.00 -30.57
C VAL E 65 -38.74 -17.19 -31.68
N GLU E 66 -39.94 -16.61 -31.57
CA GLU E 66 -40.88 -16.62 -32.73
C GLU E 66 -41.86 -15.46 -32.57
N ASP E 69 -43.39 -12.60 -32.96
CA ASP E 69 -43.42 -11.77 -31.75
C ASP E 69 -42.57 -10.46 -31.88
N GLN E 70 -42.36 -9.68 -30.81
CA GLN E 70 -41.81 -8.35 -31.01
C GLN E 70 -41.39 -7.53 -29.77
N VAL E 71 -40.37 -6.67 -29.95
CA VAL E 71 -39.97 -5.67 -28.99
C VAL E 71 -39.68 -4.33 -29.66
N ASP E 72 -39.56 -3.28 -28.85
CA ASP E 72 -39.14 -1.95 -29.32
C ASP E 72 -37.63 -1.76 -29.40
N LEU E 73 -36.89 -2.44 -28.52
CA LEU E 73 -35.45 -2.26 -28.38
C LEU E 73 -34.79 -3.62 -28.12
N ILE E 74 -33.78 -3.94 -28.92
CA ILE E 74 -32.90 -5.09 -28.68
C ILE E 74 -31.52 -4.58 -28.25
N ILE E 75 -31.05 -5.05 -27.12
CA ILE E 75 -29.71 -4.75 -26.67
C ILE E 75 -28.84 -5.97 -26.82
N LEU E 76 -27.81 -5.89 -27.67
CA LEU E 76 -26.90 -7.00 -27.87
C LEU E 76 -25.85 -7.00 -26.75
N PHE E 77 -25.67 -8.16 -26.10
CA PHE E 77 -24.72 -8.34 -25.01
C PHE E 77 -24.11 -9.74 -24.97
N THR E 78 -24.05 -10.40 -26.13
CA THR E 78 -23.23 -11.63 -26.23
C THR E 78 -21.75 -11.30 -26.18
N LYS E 79 -20.93 -12.33 -26.08
CA LYS E 79 -19.50 -12.19 -26.40
C LYS E 79 -19.37 -12.05 -27.89
N ALA E 80 -18.26 -11.43 -28.34
CA ALA E 80 -18.08 -11.13 -29.76
C ALA E 80 -18.27 -12.34 -30.67
N MET E 81 -17.74 -13.51 -30.29
CA MET E 81 -17.84 -14.67 -31.16
C MET E 81 -19.26 -15.26 -31.30
N GLN E 82 -20.16 -14.91 -30.38
CA GLN E 82 -21.54 -15.40 -30.43
C GLN E 82 -22.47 -14.42 -31.18
N LEU E 83 -21.98 -13.23 -31.51
CA LEU E 83 -22.86 -12.22 -32.04
C LEU E 83 -23.56 -12.60 -33.33
N GLU E 84 -22.81 -13.14 -34.29
CA GLU E 84 -23.41 -13.44 -35.61
C GLU E 84 -24.53 -14.49 -35.51
N LYS E 85 -24.22 -15.59 -34.85
CA LYS E 85 -25.20 -16.64 -34.64
C LYS E 85 -26.43 -16.09 -33.91
N MET E 86 -26.23 -15.18 -32.93
CA MET E 86 -27.36 -14.63 -32.18
C MET E 86 -28.24 -13.82 -33.09
N LEU E 87 -27.63 -13.01 -33.96
CA LEU E 87 -28.36 -12.22 -34.94
C LEU E 87 -29.14 -13.10 -35.95
N GLN E 88 -28.55 -14.22 -36.37
CA GLN E 88 -29.23 -15.17 -37.26
C GLN E 88 -30.47 -15.71 -36.57
N ASP E 89 -30.34 -16.07 -35.30
CA ASP E 89 -31.45 -16.72 -34.57
C ASP E 89 -32.57 -15.80 -34.19
N ILE E 90 -32.33 -14.50 -34.12
CA ILE E 90 -33.37 -13.59 -33.67
C ILE E 90 -33.83 -12.63 -34.76
N GLN E 91 -33.43 -12.89 -35.99
CA GLN E 91 -33.93 -12.10 -37.14
C GLN E 91 -35.43 -11.75 -37.11
N SER E 92 -36.24 -12.74 -36.79
CA SER E 92 -37.69 -12.59 -36.68
C SER E 92 -38.11 -11.45 -35.73
N LEU E 93 -37.21 -11.02 -34.85
CA LEU E 93 -37.49 -9.89 -33.95
C LEU E 93 -37.13 -8.55 -34.54
N ILE E 94 -36.41 -8.55 -35.65
CA ILE E 94 -35.92 -7.30 -36.16
C ILE E 94 -36.87 -6.79 -37.22
N LYS E 95 -37.76 -5.89 -36.78
CA LYS E 95 -38.78 -5.28 -37.63
C LYS E 95 -38.30 -3.91 -38.08
N LYS E 96 -39.05 -3.34 -39.01
CA LYS E 96 -38.73 -2.03 -39.56
C LYS E 96 -38.48 -0.91 -38.53
N ASP E 97 -39.07 -1.01 -37.34
CA ASP E 97 -38.97 0.06 -36.34
C ASP E 97 -38.08 -0.26 -35.11
N THR E 98 -37.61 -1.49 -34.98
CA THR E 98 -36.90 -1.88 -33.78
C THR E 98 -35.52 -1.25 -33.68
N GLU E 99 -35.26 -0.58 -32.56
CA GLU E 99 -33.92 -0.12 -32.28
C GLU E 99 -33.04 -1.31 -31.88
N VAL E 100 -31.82 -1.37 -32.42
CA VAL E 100 -30.83 -2.38 -32.04
C VAL E 100 -29.56 -1.68 -31.48
N LEU E 101 -29.24 -1.97 -30.23
CA LEU E 101 -28.11 -1.32 -29.55
C LEU E 101 -27.06 -2.35 -29.24
N CYS E 102 -25.86 -2.09 -29.74
CA CYS E 102 -24.73 -2.94 -29.49
C CYS E 102 -23.81 -2.26 -28.52
N LEU E 103 -23.55 -2.93 -27.40
CA LEU E 103 -22.66 -2.43 -26.36
C LEU E 103 -21.53 -3.40 -26.05
N LEU E 104 -21.28 -4.32 -26.96
CA LEU E 104 -20.11 -5.20 -26.82
C LEU E 104 -18.77 -4.46 -26.81
N ASN E 105 -17.82 -5.03 -26.05
CA ASN E 105 -16.43 -4.65 -26.20
C ASN E 105 -15.93 -5.12 -27.56
N GLY E 106 -14.86 -4.52 -27.99
CA GLY E 106 -14.25 -4.83 -29.27
C GLY E 106 -14.70 -3.88 -30.38
N ILE E 107 -14.12 -4.11 -31.53
CA ILE E 107 -14.14 -3.17 -32.61
C ILE E 107 -14.80 -3.80 -33.83
N GLY E 108 -15.64 -3.05 -34.53
CA GLY E 108 -16.10 -3.41 -35.86
C GLY E 108 -17.40 -4.19 -35.93
N HIS E 109 -18.10 -4.32 -34.80
CA HIS E 109 -19.33 -5.13 -34.81
C HIS E 109 -20.40 -4.60 -35.76
N GLU E 110 -20.41 -3.29 -36.04
CA GLU E 110 -21.38 -2.68 -36.98
C GLU E 110 -21.43 -3.46 -38.29
N ASP E 111 -20.29 -3.96 -38.75
CA ASP E 111 -20.21 -4.59 -40.04
C ASP E 111 -21.13 -5.78 -40.05
N ILE E 112 -21.07 -6.56 -38.99
CA ILE E 112 -21.91 -7.74 -38.90
C ILE E 112 -23.36 -7.39 -38.62
N ILE E 113 -23.58 -6.39 -37.79
CA ILE E 113 -24.95 -6.00 -37.47
C ILE E 113 -25.70 -5.52 -38.74
N GLU E 114 -24.98 -4.83 -39.63
CA GLU E 114 -25.55 -4.24 -40.85
C GLU E 114 -26.03 -5.29 -41.84
N LYS E 115 -25.62 -6.53 -41.66
CA LYS E 115 -26.17 -7.61 -42.44
C LYS E 115 -27.60 -7.95 -42.06
N PHE E 116 -27.99 -7.63 -40.85
CA PHE E 116 -29.29 -8.08 -40.32
C PHE E 116 -30.21 -6.94 -39.98
N VAL E 117 -29.67 -5.74 -39.84
CA VAL E 117 -30.44 -4.64 -39.34
C VAL E 117 -30.26 -3.46 -40.26
N PRO E 118 -31.37 -2.75 -40.55
CA PRO E 118 -31.25 -1.59 -41.41
C PRO E 118 -30.43 -0.56 -40.69
N MET E 119 -29.63 0.16 -41.46
CA MET E 119 -28.64 1.09 -40.94
C MET E 119 -29.27 2.09 -39.98
N GLU E 120 -30.44 2.60 -40.32
CA GLU E 120 -31.09 3.64 -39.52
C GLU E 120 -31.47 3.19 -38.12
N ASN E 121 -31.56 1.88 -37.93
CA ASN E 121 -31.95 1.34 -36.63
C ASN E 121 -30.78 0.85 -35.74
N ILE E 122 -29.53 1.07 -36.20
CA ILE E 122 -28.37 0.63 -35.48
C ILE E 122 -27.82 1.72 -34.61
N TYR E 123 -27.65 1.38 -33.32
CA TYR E 123 -27.03 2.24 -32.31
C TYR E 123 -25.90 1.44 -31.73
N ILE E 124 -24.77 2.11 -31.51
CA ILE E 124 -23.61 1.43 -31.04
C ILE E 124 -22.93 2.22 -29.96
N GLY E 125 -22.24 1.50 -29.08
CA GLY E 125 -21.51 2.12 -28.04
C GLY E 125 -20.76 1.14 -27.23
N ASN E 126 -20.43 1.59 -26.03
CA ASN E 126 -19.71 0.74 -25.09
C ASN E 126 -20.07 1.14 -23.67
N THR E 127 -19.55 0.40 -22.71
CA THR E 127 -19.96 0.59 -21.34
C THR E 127 -18.79 0.37 -20.36
N MET E 128 -18.85 1.07 -19.24
CA MET E 128 -17.92 0.93 -18.14
C MET E 128 -18.57 0.20 -16.95
N TRP E 129 -19.80 -0.26 -17.10
CA TRP E 129 -20.37 -1.12 -16.06
C TRP E 129 -19.57 -2.41 -16.07
N THR E 130 -19.61 -3.13 -14.96
CA THR E 130 -19.01 -4.46 -14.82
C THR E 130 -20.06 -5.49 -14.35
N ALA E 131 -19.76 -6.77 -14.53
CA ALA E 131 -20.64 -7.82 -14.01
C ALA E 131 -19.93 -9.14 -14.01
N GLY E 132 -20.37 -10.05 -13.14
CA GLY E 132 -19.86 -11.42 -13.13
C GLY E 132 -20.97 -12.45 -13.19
N LEU E 133 -20.76 -13.49 -13.97
CA LEU E 133 -21.70 -14.57 -14.06
C LEU E 133 -21.14 -15.69 -13.21
N GLU E 134 -21.80 -16.01 -12.09
CA GLU E 134 -21.31 -16.99 -11.12
C GLU E 134 -21.67 -18.43 -11.46
N GLY E 135 -22.80 -18.60 -12.12
CA GLY E 135 -23.22 -19.91 -12.62
C GLY E 135 -24.56 -19.69 -13.28
N PRO E 136 -25.22 -20.77 -13.70
CA PRO E 136 -26.53 -20.56 -14.31
C PRO E 136 -27.50 -19.84 -13.38
N GLY E 137 -28.10 -18.79 -13.90
CA GLY E 137 -29.04 -18.01 -13.17
C GLY E 137 -28.49 -17.11 -12.09
N GLN E 138 -27.17 -16.96 -12.02
CA GLN E 138 -26.55 -16.25 -10.91
C GLN E 138 -25.50 -15.21 -11.31
N VAL E 139 -25.72 -13.97 -10.89
CA VAL E 139 -24.82 -12.86 -11.20
C VAL E 139 -24.40 -12.06 -9.97
N LYS E 140 -23.21 -11.52 -10.03
CA LYS E 140 -22.68 -10.63 -9.02
C LYS E 140 -22.48 -9.27 -9.67
N LEU E 141 -23.11 -8.25 -9.13
CA LEU E 141 -23.13 -6.91 -9.69
C LEU E 141 -22.65 -5.89 -8.65
N PHE E 142 -21.46 -5.36 -8.85
CA PHE E 142 -20.89 -4.35 -7.99
C PHE E 142 -20.35 -3.17 -8.78
N GLY E 143 -20.11 -2.08 -8.08
CA GLY E 143 -19.45 -0.90 -8.68
C GLY E 143 -20.42 0.05 -9.37
N SER E 144 -19.84 1.04 -9.97
CA SER E 144 -20.54 2.03 -10.75
C SER E 144 -20.26 1.79 -12.24
N GLY E 145 -20.78 2.66 -13.11
CA GLY E 145 -20.57 2.49 -14.52
C GLY E 145 -21.23 3.60 -15.33
N SER E 146 -21.07 3.49 -16.64
CA SER E 146 -21.65 4.39 -17.58
C SER E 146 -21.79 3.69 -18.93
N VAL E 147 -22.54 4.34 -19.82
CA VAL E 147 -22.73 3.93 -21.16
C VAL E 147 -22.57 5.12 -22.06
N GLU E 148 -21.91 4.90 -23.19
CA GLU E 148 -21.94 5.85 -24.31
C GLU E 148 -22.47 5.20 -25.57
N LEU E 149 -23.26 5.94 -26.34
CA LEU E 149 -23.86 5.43 -27.53
C LEU E 149 -24.12 6.51 -28.55
N GLN E 150 -24.23 6.07 -29.80
CA GLN E 150 -24.53 6.95 -30.90
C GLN E 150 -25.28 6.18 -31.98
N ASN E 151 -26.17 6.87 -32.68
CA ASN E 151 -26.84 6.36 -33.87
C ASN E 151 -25.85 6.24 -35.01
N LEU E 152 -26.00 5.21 -35.83
CA LEU E 152 -25.20 5.13 -37.06
C LEU E 152 -25.99 5.60 -38.27
N GLY E 153 -27.31 5.67 -38.15
CA GLY E 153 -28.16 6.15 -39.22
C GLY E 153 -28.25 7.66 -39.27
N ASP E 154 -28.19 8.20 -40.50
CA ASP E 154 -28.44 9.64 -40.73
C ASP E 154 -29.76 10.08 -40.14
N GLY E 155 -29.73 11.19 -39.41
CA GLY E 155 -30.96 11.78 -38.90
C GLY E 155 -31.50 11.16 -37.64
N LYS E 156 -30.75 10.26 -37.01
CA LYS E 156 -31.27 9.55 -35.82
C LYS E 156 -30.67 10.04 -34.52
N GLU E 157 -30.02 11.19 -34.57
CA GLU E 157 -29.46 11.77 -33.38
C GLU E 157 -30.45 11.90 -32.20
N ALA E 158 -31.60 12.51 -32.46
CA ALA E 158 -32.59 12.70 -31.43
C ALA E 158 -33.09 11.37 -30.87
N ALA E 159 -33.27 10.39 -31.74
CA ALA E 159 -33.70 9.06 -31.28
C ALA E 159 -32.61 8.45 -30.33
N ALA E 160 -31.33 8.72 -30.65
CA ALA E 160 -30.22 8.23 -29.85
C ALA E 160 -30.20 8.88 -28.48
N LYS E 161 -30.45 10.18 -28.45
CA LYS E 161 -30.50 10.90 -27.16
C LYS E 161 -31.63 10.42 -26.31
N LYS E 162 -32.76 10.12 -26.96
CA LYS E 162 -33.94 9.59 -26.25
C LYS E 162 -33.60 8.20 -25.66
N LEU E 163 -32.92 7.39 -26.45
CA LEU E 163 -32.50 6.05 -26.00
C LEU E 163 -31.52 6.11 -24.80
N ALA E 164 -30.56 7.01 -24.86
CA ALA E 164 -29.69 7.26 -23.73
C ALA E 164 -30.46 7.70 -22.48
N ASP E 165 -31.41 8.64 -22.64
CA ASP E 165 -32.24 9.09 -21.50
C ASP E 165 -32.99 7.91 -20.88
N LYS E 166 -33.60 7.07 -21.73
CA LYS E 166 -34.33 5.88 -21.27
C LYS E 166 -33.47 4.97 -20.40
N LEU E 167 -32.23 4.73 -20.85
CA LEU E 167 -31.34 3.88 -20.09
C LEU E 167 -30.97 4.55 -18.79
N SER E 168 -30.79 5.86 -18.85
CA SER E 168 -30.45 6.64 -17.67
C SER E 168 -31.57 6.62 -16.63
N GLU E 169 -32.81 6.55 -17.09
CA GLU E 169 -33.96 6.40 -16.20
C GLU E 169 -33.95 5.09 -15.39
N SER E 170 -33.19 4.08 -15.84
CA SER E 170 -32.99 2.86 -15.05
C SER E 170 -31.66 2.85 -14.30
N GLY E 171 -31.02 4.01 -14.15
CA GLY E 171 -29.72 4.08 -13.44
C GLY E 171 -28.47 3.71 -14.26
N LEU E 172 -28.60 3.53 -15.58
CA LEU E 172 -27.46 3.03 -16.38
C LEU E 172 -26.44 4.10 -16.74
N ASN E 173 -26.75 5.35 -16.42
CA ASN E 173 -25.85 6.46 -16.62
C ASN E 173 -25.30 6.54 -18.09
N ALA E 174 -26.25 6.59 -19.04
CA ALA E 174 -25.97 6.51 -20.46
C ALA E 174 -25.92 7.87 -21.06
N HIS E 175 -24.99 8.10 -21.98
CA HIS E 175 -24.83 9.40 -22.60
C HIS E 175 -24.67 9.26 -24.10
N PHE E 176 -25.22 10.24 -24.81
CA PHE E 176 -25.06 10.34 -26.23
C PHE E 176 -23.67 10.88 -26.49
N SER E 177 -23.01 10.35 -27.50
CA SER E 177 -21.72 10.79 -27.95
C SER E 177 -21.83 11.16 -29.42
N ASP E 178 -21.17 12.25 -29.80
CA ASP E 178 -21.12 12.61 -31.20
C ASP E 178 -19.91 12.04 -31.94
N ASN E 179 -19.02 11.33 -31.26
CA ASN E 179 -17.96 10.59 -31.94
C ASN E 179 -17.78 9.20 -31.32
N ILE E 180 -18.76 8.33 -31.54
CA ILE E 180 -18.75 7.03 -30.91
C ILE E 180 -17.57 6.17 -31.33
N HIS E 181 -17.07 6.33 -32.55
CA HIS E 181 -15.88 5.63 -32.98
C HIS E 181 -14.64 5.96 -32.16
N TYR E 182 -14.50 7.22 -31.76
CA TYR E 182 -13.44 7.62 -30.84
C TYR E 182 -13.65 6.87 -29.55
N SER E 183 -14.85 6.89 -29.07
CA SER E 183 -15.14 6.31 -27.82
C SER E 183 -14.93 4.81 -27.80
N ILE E 184 -15.29 4.12 -28.89
CA ILE E 184 -15.07 2.70 -29.00
C ILE E 184 -13.59 2.39 -28.99
N TYR E 185 -12.79 3.15 -29.72
CA TYR E 185 -11.37 2.92 -29.73
C TYR E 185 -10.78 3.10 -28.35
N ARG E 186 -11.24 4.15 -27.66
CA ARG E 186 -10.67 4.50 -26.39
C ARG E 186 -10.92 3.40 -25.36
N LYS E 187 -12.14 2.90 -25.33
CA LYS E 187 -12.44 1.78 -24.49
C LYS E 187 -11.71 0.50 -24.95
N ALA E 188 -11.58 0.31 -26.26
CA ALA E 188 -10.81 -0.81 -26.76
C ALA E 188 -9.34 -0.78 -26.34
N CYS E 189 -8.78 0.41 -26.11
CA CYS E 189 -7.47 0.53 -25.50
C CYS E 189 -7.42 -0.05 -24.11
N VAL E 190 -8.45 0.24 -23.31
CA VAL E 190 -8.56 -0.33 -21.99
C VAL E 190 -8.65 -1.86 -22.10
N ASN E 191 -9.52 -2.36 -22.98
CA ASN E 191 -9.65 -3.78 -23.16
C ASN E 191 -8.42 -4.39 -23.81
N GLY E 192 -7.71 -3.58 -24.58
CA GLY E 192 -6.56 -4.03 -25.26
C GLY E 192 -5.30 -4.03 -24.37
N THR E 193 -5.38 -3.53 -23.14
CA THR E 193 -4.26 -3.52 -22.22
C THR E 193 -4.57 -4.38 -21.00
N MET E 194 -5.63 -4.03 -20.26
CA MET E 194 -6.02 -4.79 -19.09
C MET E 194 -6.34 -6.30 -19.38
N ASN E 195 -7.22 -6.59 -20.35
CA ASN E 195 -7.73 -7.92 -20.53
C ASN E 195 -6.62 -8.94 -20.86
N GLY E 196 -5.84 -8.67 -21.90
CA GLY E 196 -4.78 -9.55 -22.33
C GLY E 196 -3.67 -9.64 -21.34
N LEU E 197 -3.22 -8.49 -20.83
CA LEU E 197 -2.06 -8.47 -19.90
C LEU E 197 -2.40 -9.20 -18.61
N CYS E 198 -3.59 -8.94 -18.09
CA CYS E 198 -4.04 -9.66 -16.89
C CYS E 198 -4.16 -11.18 -17.15
N THR E 199 -4.74 -11.56 -18.29
CA THR E 199 -4.85 -12.95 -18.62
C THR E 199 -3.50 -13.68 -18.74
N ILE E 200 -2.54 -13.09 -19.42
CA ILE E 200 -1.26 -13.69 -19.67
C ILE E 200 -0.40 -13.68 -18.39
N LEU E 201 -0.48 -12.62 -17.61
CA LEU E 201 0.37 -12.50 -16.41
C LEU E 201 -0.28 -13.11 -15.18
N ASP E 202 -1.55 -13.47 -15.27
CA ASP E 202 -2.30 -14.06 -14.14
C ASP E 202 -2.36 -13.13 -12.92
N VAL E 203 -2.94 -11.95 -13.13
CA VAL E 203 -3.04 -10.92 -12.11
C VAL E 203 -4.34 -10.21 -12.31
N ASN E 204 -4.78 -9.57 -11.24
CA ASN E 204 -5.83 -8.59 -11.39
C ASN E 204 -5.23 -7.22 -11.83
N MET E 205 -6.10 -6.26 -12.04
CA MET E 205 -5.68 -4.95 -12.56
C MET E 205 -4.79 -4.16 -11.62
N ALA E 206 -5.05 -4.24 -10.33
CA ALA E 206 -4.18 -3.59 -9.35
C ALA E 206 -2.80 -4.20 -9.31
N GLU E 207 -2.76 -5.51 -9.36
CA GLU E 207 -1.50 -6.22 -9.36
C GLU E 207 -0.67 -5.90 -10.60
N LEU E 208 -1.34 -5.80 -11.75
CA LEU E 208 -0.67 -5.35 -12.97
C LEU E 208 -0.05 -3.97 -12.76
N GLY E 209 -0.85 -3.05 -12.20
CA GLY E 209 -0.42 -1.66 -11.97
C GLY E 209 0.79 -1.56 -11.05
N LYS E 210 0.95 -2.53 -10.15
CA LYS E 210 2.11 -2.51 -9.26
C LYS E 210 3.41 -2.90 -9.92
N THR E 211 3.37 -3.52 -11.09
CA THR E 211 4.59 -3.98 -11.74
C THR E 211 5.34 -2.82 -12.37
N SER E 212 6.65 -2.99 -12.45
CA SER E 212 7.52 -1.94 -12.92
C SER E 212 7.37 -1.65 -14.42
N THR E 213 6.90 -2.61 -15.22
CA THR E 213 6.84 -2.42 -16.66
C THR E 213 5.42 -2.16 -17.21
N ALA E 214 4.41 -2.11 -16.34
CA ALA E 214 3.03 -1.96 -16.84
C ALA E 214 2.84 -0.69 -17.63
N HIS E 215 3.44 0.41 -17.17
CA HIS E 215 3.26 1.70 -17.84
C HIS E 215 3.82 1.67 -19.27
N LYS E 216 5.01 1.13 -19.42
CA LYS E 216 5.64 0.99 -20.71
C LYS E 216 4.78 0.08 -21.66
N MET E 217 4.25 -1.03 -21.16
CA MET E 217 3.44 -1.92 -21.97
C MET E 217 2.13 -1.25 -22.37
N VAL E 218 1.48 -0.59 -21.40
CA VAL E 218 0.26 0.11 -21.70
C VAL E 218 0.45 1.22 -22.73
N ALA E 219 1.46 2.05 -22.53
CA ALA E 219 1.74 3.13 -23.48
C ALA E 219 2.09 2.68 -24.89
N THR E 220 2.86 1.60 -24.99
CA THR E 220 3.19 1.12 -26.30
C THR E 220 1.91 0.62 -27.03
N ILE E 221 1.07 -0.13 -26.32
CA ILE E 221 -0.11 -0.68 -26.95
C ILE E 221 -1.04 0.46 -27.39
N VAL E 222 -1.23 1.42 -26.50
CA VAL E 222 -2.12 2.53 -26.79
C VAL E 222 -1.65 3.33 -28.02
N ASN E 223 -0.36 3.56 -28.12
CA ASN E 223 0.21 4.13 -29.35
C ASN E 223 -0.10 3.36 -30.66
N GLU E 224 -0.09 2.04 -30.60
CA GLU E 224 -0.46 1.23 -31.76
C GLU E 224 -1.94 1.39 -32.16
N PHE E 225 -2.83 1.38 -31.17
CA PHE E 225 -4.23 1.64 -31.41
C PHE E 225 -4.38 3.02 -32.06
N ALA E 226 -3.70 4.01 -31.50
CA ALA E 226 -3.78 5.37 -32.02
C ALA E 226 -3.31 5.56 -33.50
N LYS E 227 -2.24 4.89 -33.86
CA LYS E 227 -1.75 4.93 -35.23
C LYS E 227 -2.72 4.33 -36.25
N VAL E 228 -3.35 3.22 -35.89
CA VAL E 228 -4.39 2.61 -36.71
C VAL E 228 -5.63 3.52 -36.78
N ALA E 229 -6.04 4.05 -35.64
CA ALA E 229 -7.27 4.90 -35.60
C ALA E 229 -7.09 6.17 -36.41
N ALA E 230 -5.86 6.73 -36.42
CA ALA E 230 -5.57 7.91 -37.23
C ALA E 230 -5.77 7.70 -38.73
N VAL E 231 -5.48 6.52 -39.27
CA VAL E 231 -5.73 6.22 -40.69
C VAL E 231 -7.22 6.38 -40.98
N GLU E 232 -8.04 6.06 -40.00
CA GLU E 232 -9.49 6.21 -40.11
C GLU E 232 -9.95 7.61 -39.68
N LYS E 233 -9.02 8.56 -39.60
CA LYS E 233 -9.31 9.95 -39.20
C LYS E 233 -9.80 10.13 -37.76
N ILE E 234 -9.47 9.17 -36.89
CA ILE E 234 -9.79 9.31 -35.47
C ILE E 234 -8.49 9.61 -34.74
N GLU E 235 -8.42 10.78 -34.08
CA GLU E 235 -7.18 11.21 -33.43
C GLU E 235 -7.29 11.09 -31.94
N LEU E 236 -6.83 9.97 -31.41
CA LEU E 236 -6.88 9.74 -29.99
C LEU E 236 -5.94 10.65 -29.25
N ASP E 237 -6.41 11.16 -28.13
CA ASP E 237 -5.59 11.91 -27.19
C ASP E 237 -4.81 10.90 -26.39
N VAL E 238 -3.62 10.58 -26.87
CA VAL E 238 -2.87 9.39 -26.34
C VAL E 238 -2.58 9.52 -24.86
N PRO E 239 -2.10 10.67 -24.43
CA PRO E 239 -1.84 10.80 -22.97
C PRO E 239 -3.06 10.62 -22.09
N GLU E 240 -4.23 11.09 -22.55
CA GLU E 240 -5.43 10.92 -21.78
C GLU E 240 -5.85 9.45 -21.81
N VAL E 241 -5.74 8.82 -22.95
CA VAL E 241 -6.12 7.42 -23.06
C VAL E 241 -5.21 6.49 -22.21
N ILE E 242 -3.94 6.79 -22.18
CA ILE E 242 -3.03 6.05 -21.31
C ILE E 242 -3.44 6.19 -19.85
N ALA E 243 -3.74 7.41 -19.43
CA ALA E 243 -4.16 7.65 -18.06
C ALA E 243 -5.45 6.94 -17.76
N HIS E 244 -6.35 6.90 -18.73
CA HIS E 244 -7.63 6.25 -18.55
C HIS E 244 -7.44 4.76 -18.33
N CYS E 245 -6.54 4.16 -19.11
CA CYS E 245 -6.21 2.77 -18.91
C CYS E 245 -5.67 2.56 -17.50
N GLU E 246 -4.72 3.41 -17.11
CA GLU E 246 -4.00 3.23 -15.82
C GLU E 246 -4.88 3.55 -14.62
N SER E 247 -6.00 4.20 -14.83
CA SER E 247 -6.93 4.41 -13.73
C SER E 247 -7.60 3.11 -13.26
N CYS E 248 -7.63 2.08 -14.12
CA CYS E 248 -8.02 0.71 -13.73
C CYS E 248 -7.08 0.07 -12.68
N PHE E 249 -5.89 0.63 -12.51
CA PHE E 249 -4.97 0.14 -11.52
C PHE E 249 -5.42 0.41 -10.06
N ASP E 250 -6.32 1.37 -9.86
CA ASP E 250 -6.72 1.71 -8.51
C ASP E 250 -7.47 0.61 -7.74
N PRO E 251 -6.89 0.09 -6.64
CA PRO E 251 -7.60 -0.93 -5.81
C PRO E 251 -8.95 -0.46 -5.25
N GLU E 252 -9.09 0.83 -4.99
CA GLU E 252 -10.32 1.40 -4.45
C GLU E 252 -11.46 1.48 -5.46
N THR E 253 -11.19 1.33 -6.75
CA THR E 253 -12.26 1.43 -7.71
C THR E 253 -12.41 0.07 -8.33
N ILE E 254 -11.72 -0.22 -9.43
CA ILE E 254 -11.90 -1.48 -10.11
C ILE E 254 -10.69 -2.39 -10.07
N GLY E 255 -9.62 -1.91 -9.48
CA GLY E 255 -8.37 -2.64 -9.47
C GLY E 255 -8.42 -4.09 -8.98
N LEU E 256 -9.29 -4.43 -8.04
CA LEU E 256 -9.26 -5.74 -7.41
C LEU E 256 -9.98 -6.74 -8.28
N HIS E 257 -10.61 -6.28 -9.33
CA HIS E 257 -11.31 -7.16 -10.24
C HIS E 257 -10.39 -7.71 -11.38
N TYR E 258 -10.79 -8.89 -11.85
CA TYR E 258 -10.15 -9.57 -12.97
C TYR E 258 -11.00 -9.27 -14.18
N PRO E 259 -10.37 -8.88 -15.29
CA PRO E 259 -11.12 -8.47 -16.44
C PRO E 259 -11.87 -9.69 -17.02
N SER E 260 -12.85 -9.43 -17.84
CA SER E 260 -13.66 -10.45 -18.41
C SER E 260 -12.85 -11.55 -19.14
N MET E 261 -11.80 -11.14 -19.84
CA MET E 261 -11.00 -12.10 -20.60
C MET E 261 -10.33 -13.07 -19.65
N TYR E 262 -9.87 -12.59 -18.52
CA TYR E 262 -9.28 -13.46 -17.51
C TYR E 262 -10.34 -14.49 -17.01
N GLN E 263 -11.55 -14.00 -16.71
CA GLN E 263 -12.63 -14.87 -16.29
C GLN E 263 -12.88 -15.92 -17.37
N ASP E 264 -12.95 -15.48 -18.62
CA ASP E 264 -13.20 -16.39 -19.71
C ASP E 264 -12.21 -17.51 -19.72
N LEU E 265 -10.92 -17.17 -19.82
CA LEU E 265 -9.93 -18.16 -20.15
C LEU E 265 -9.34 -18.85 -18.91
N ILE E 266 -8.83 -18.07 -17.95
CA ILE E 266 -8.13 -18.65 -16.85
C ILE E 266 -9.10 -19.33 -15.86
N LYS E 267 -10.17 -18.66 -15.52
CA LYS E 267 -11.19 -19.23 -14.67
C LYS E 267 -12.12 -20.23 -15.38
N ASN E 268 -12.70 -19.89 -16.51
CA ASN E 268 -13.73 -20.75 -17.08
C ASN E 268 -13.31 -21.62 -18.27
N HIS E 269 -12.05 -21.52 -18.71
CA HIS E 269 -11.58 -22.25 -19.86
C HIS E 269 -12.44 -22.03 -21.11
N ARG E 270 -12.75 -20.78 -21.37
CA ARG E 270 -13.49 -20.41 -22.58
CA ARG E 270 -13.49 -20.41 -22.58
C ARG E 270 -12.64 -19.55 -23.51
N LEU E 271 -12.93 -19.62 -24.80
CA LEU E 271 -12.24 -18.79 -25.80
C LEU E 271 -12.47 -17.29 -25.53
N THR E 272 -11.46 -16.47 -25.81
CA THR E 272 -11.51 -15.05 -25.56
C THR E 272 -11.91 -14.23 -26.77
N GLU E 273 -12.17 -12.95 -26.50
CA GLU E 273 -12.49 -11.96 -27.50
C GLU E 273 -11.28 -11.24 -28.15
N ILE E 274 -10.10 -11.80 -27.98
CA ILE E 274 -8.88 -11.15 -28.38
C ILE E 274 -8.84 -10.72 -29.83
N ASP E 275 -9.41 -11.52 -30.74
CA ASP E 275 -9.38 -11.19 -32.18
C ASP E 275 -10.19 -9.97 -32.50
N TYR E 276 -11.08 -9.58 -31.60
CA TYR E 276 -11.91 -8.39 -31.79
C TYR E 276 -11.35 -7.16 -31.06
N ILE E 277 -10.23 -7.34 -30.34
CA ILE E 277 -9.63 -6.23 -29.64
C ILE E 277 -8.25 -5.89 -30.14
N ASN E 278 -7.20 -6.52 -29.59
CA ASN E 278 -5.86 -6.35 -30.13
C ASN E 278 -5.75 -6.95 -31.53
N GLY E 279 -6.49 -8.03 -31.77
CA GLY E 279 -6.51 -8.68 -33.08
C GLY E 279 -7.06 -7.80 -34.14
N ALA E 280 -8.07 -7.00 -33.80
CA ALA E 280 -8.65 -6.06 -34.79
C ALA E 280 -7.63 -5.00 -35.19
N ILE E 281 -6.83 -4.55 -34.24
CA ILE E 281 -5.77 -3.57 -34.51
C ILE E 281 -4.68 -4.21 -35.37
N SER E 282 -4.32 -5.47 -35.09
CA SER E 282 -3.31 -6.13 -35.95
C SER E 282 -3.79 -6.24 -37.39
N ARG E 283 -5.04 -6.64 -37.58
CA ARG E 283 -5.59 -6.81 -38.92
C ARG E 283 -5.58 -5.50 -39.67
N LYS E 284 -6.05 -4.47 -39.00
CA LYS E 284 -6.01 -3.13 -39.59
C LYS E 284 -4.60 -2.67 -39.91
N GLY E 285 -3.66 -2.93 -39.00
CA GLY E 285 -2.28 -2.58 -39.24
C GLY E 285 -1.73 -3.17 -40.54
N LYS E 286 -2.03 -4.43 -40.79
CA LYS E 286 -1.56 -5.13 -41.98
C LYS E 286 -2.11 -4.44 -43.21
N LYS E 287 -3.37 -4.14 -43.14
CA LYS E 287 -4.06 -3.53 -44.23
C LYS E 287 -3.65 -2.07 -44.46
N TYR E 288 -3.27 -1.33 -43.40
CA TYR E 288 -2.88 0.07 -43.57
C TYR E 288 -1.39 0.30 -43.64
N GLY E 289 -0.59 -0.74 -43.50
CA GLY E 289 0.86 -0.55 -43.45
C GLY E 289 1.36 0.05 -42.14
N VAL E 290 0.68 -0.21 -41.03
CA VAL E 290 1.07 0.30 -39.74
C VAL E 290 1.57 -0.84 -38.86
N ALA E 291 2.78 -0.72 -38.34
CA ALA E 291 3.36 -1.71 -37.44
C ALA E 291 2.56 -1.78 -36.12
N THR E 292 2.08 -2.97 -35.75
CA THR E 292 1.34 -3.17 -34.48
C THR E 292 1.90 -4.39 -33.72
N PRO E 293 3.21 -4.38 -33.46
CA PRO E 293 3.85 -5.58 -32.95
C PRO E 293 3.37 -6.03 -31.58
N TYR E 294 3.08 -5.08 -30.69
CA TYR E 294 2.59 -5.49 -29.33
C TYR E 294 1.21 -6.11 -29.43
N CYS E 295 0.36 -5.54 -30.28
CA CYS E 295 -0.94 -6.17 -30.50
C CYS E 295 -0.77 -7.56 -31.12
N ASP E 296 0.14 -7.70 -32.11
CA ASP E 296 0.37 -9.01 -32.73
C ASP E 296 0.80 -10.02 -31.67
N PHE E 297 1.79 -9.66 -30.88
CA PHE E 297 2.40 -10.59 -29.92
C PHE E 297 1.38 -10.95 -28.85
N LEU E 298 0.66 -9.96 -28.35
CA LEU E 298 -0.28 -10.23 -27.28
C LEU E 298 -1.41 -11.16 -27.78
N THR E 299 -1.87 -10.92 -29.00
CA THR E 299 -2.89 -11.80 -29.58
C THR E 299 -2.38 -13.22 -29.71
N GLU E 300 -1.14 -13.34 -30.19
CA GLU E 300 -0.49 -14.62 -30.35
C GLU E 300 -0.32 -15.34 -29.02
N LEU E 301 0.07 -14.56 -28.00
CA LEU E 301 0.23 -15.11 -26.65
C LEU E 301 -1.08 -15.60 -26.07
N VAL E 302 -2.15 -14.83 -26.27
CA VAL E 302 -3.45 -15.26 -25.76
C VAL E 302 -3.96 -16.55 -26.50
N HIS E 303 -3.81 -16.62 -27.82
CA HIS E 303 -4.22 -17.83 -28.55
C HIS E 303 -3.35 -19.02 -28.10
N ALA E 304 -2.06 -18.78 -27.82
CA ALA E 304 -1.21 -19.87 -27.36
C ALA E 304 -1.67 -20.33 -25.99
N LYS E 305 -2.06 -19.40 -25.15
CA LYS E 305 -2.55 -19.73 -23.87
C LYS E 305 -3.82 -20.56 -23.96
N GLU E 306 -4.74 -20.14 -24.81
CA GLU E 306 -5.93 -20.92 -25.08
C GLU E 306 -5.60 -22.33 -25.51
N ASP E 307 -4.64 -22.47 -26.42
CA ASP E 307 -4.25 -23.80 -26.95
C ASP E 307 -3.64 -24.64 -25.86
N SER E 308 -2.88 -24.02 -24.99
CA SER E 308 -2.24 -24.74 -23.91
C SER E 308 -3.24 -25.27 -22.88
N LEU E 309 -4.38 -24.62 -22.77
CA LEU E 309 -5.42 -25.09 -21.85
C LEU E 309 -6.43 -25.95 -22.58
N ASN E 310 -6.15 -26.22 -23.84
CA ASN E 310 -7.06 -26.99 -24.66
C ASN E 310 -8.46 -26.41 -24.79
N VAL E 311 -8.53 -25.09 -24.87
CA VAL E 311 -9.77 -24.39 -25.05
C VAL E 311 -9.84 -24.18 -26.54
N LYS E 312 -10.82 -24.76 -27.19
CA LYS E 312 -10.93 -24.52 -28.62
C LYS E 312 -12.41 -24.46 -29.05
N CYS F 102 37.03 -15.90 -21.96
CA CYS F 102 35.52 -16.01 -21.75
C CYS F 102 34.78 -17.20 -22.39
N LEU F 103 34.22 -18.07 -21.54
CA LEU F 103 33.46 -19.24 -21.96
C LEU F 103 31.94 -19.13 -21.59
N LEU F 104 31.49 -17.91 -21.26
CA LEU F 104 30.05 -17.56 -21.01
C LEU F 104 29.28 -17.40 -22.34
N ASN F 105 27.98 -17.63 -22.27
CA ASN F 105 27.06 -17.71 -23.42
C ASN F 105 26.19 -16.49 -23.76
N GLY F 106 26.14 -15.43 -22.94
CA GLY F 106 25.31 -14.29 -23.25
C GLY F 106 26.00 -13.38 -24.26
N ILE F 107 25.19 -12.72 -25.08
CA ILE F 107 25.68 -11.77 -26.09
C ILE F 107 25.79 -10.41 -25.40
N GLY F 108 26.72 -9.61 -25.88
CA GLY F 108 26.85 -8.22 -25.44
C GLY F 108 27.67 -7.95 -24.20
N HIS F 109 28.79 -8.66 -24.05
CA HIS F 109 29.64 -8.61 -22.83
C HIS F 109 30.71 -7.53 -22.62
N GLU F 110 30.50 -6.72 -21.57
CA GLU F 110 31.36 -5.59 -21.18
C GLU F 110 31.70 -5.66 -19.70
N ILE F 122 39.22 -9.46 -24.25
CA ILE F 122 39.47 -10.89 -24.13
C ILE F 122 38.74 -11.59 -25.26
N TYR F 123 38.66 -12.89 -25.20
CA TYR F 123 38.22 -13.66 -26.34
C TYR F 123 37.04 -14.52 -25.99
N ILE F 124 36.20 -14.79 -26.96
CA ILE F 124 35.00 -15.58 -26.73
C ILE F 124 35.26 -17.00 -27.19
N GLY F 125 34.88 -17.98 -26.37
CA GLY F 125 34.97 -19.35 -26.83
C GLY F 125 33.96 -20.32 -26.20
N ASN F 126 33.76 -21.47 -26.84
CA ASN F 126 32.90 -22.54 -26.34
C ASN F 126 33.83 -23.66 -25.87
N THR F 127 33.28 -24.66 -25.16
CA THR F 127 34.06 -25.86 -24.93
C THR F 127 33.18 -27.11 -24.98
N MET F 128 33.77 -28.23 -25.40
CA MET F 128 33.12 -29.55 -25.44
C MET F 128 33.64 -30.44 -24.31
N TRP F 129 34.47 -29.89 -23.42
CA TRP F 129 34.96 -30.69 -22.31
C TRP F 129 33.76 -31.08 -21.46
N THR F 130 33.77 -32.34 -21.04
CA THR F 130 32.79 -32.92 -20.12
C THR F 130 33.56 -32.85 -18.79
N ALA F 131 32.87 -33.02 -17.67
CA ALA F 131 33.51 -32.80 -16.38
C ALA F 131 32.67 -33.36 -15.24
N SER F 144 36.90 -37.17 -23.84
CA SER F 144 37.61 -36.22 -24.70
C SER F 144 36.91 -34.87 -24.69
N GLY F 145 37.57 -33.87 -25.27
CA GLY F 145 36.98 -32.53 -25.31
C GLY F 145 37.73 -31.60 -26.24
N SER F 146 37.23 -30.39 -26.36
CA SER F 146 37.89 -29.36 -27.16
C SER F 146 37.47 -27.99 -26.67
N VAL F 147 38.18 -27.00 -27.19
CA VAL F 147 37.87 -25.59 -26.96
C VAL F 147 37.89 -24.90 -28.32
N GLU F 148 36.92 -24.01 -28.51
CA GLU F 148 36.90 -23.18 -29.68
C GLU F 148 36.90 -21.70 -29.14
N LEU F 149 37.70 -20.79 -29.73
CA LEU F 149 37.79 -19.41 -29.27
C LEU F 149 38.12 -18.44 -30.39
N GLN F 150 37.84 -17.15 -30.13
CA GLN F 150 37.97 -16.15 -31.15
C GLN F 150 38.22 -14.80 -30.53
N ASN F 151 38.97 -13.99 -31.28
CA ASN F 151 39.26 -12.61 -30.94
C ASN F 151 38.09 -11.70 -31.19
N LEU F 152 38.14 -10.56 -30.55
CA LEU F 152 37.13 -9.52 -30.77
C LEU F 152 37.55 -8.52 -31.87
N GLU F 157 43.47 -11.12 -34.00
CA GLU F 157 43.43 -12.52 -34.38
C GLU F 157 44.64 -13.35 -33.98
N ALA F 158 45.78 -13.19 -34.64
CA ALA F 158 46.99 -14.03 -34.40
C ALA F 158 47.25 -14.26 -32.89
N ALA F 159 46.92 -13.27 -32.07
CA ALA F 159 47.00 -13.42 -30.62
C ALA F 159 46.07 -14.53 -30.16
N ALA F 160 44.90 -14.62 -30.81
CA ALA F 160 43.92 -15.66 -30.53
C ALA F 160 44.46 -17.04 -30.87
N LYS F 161 45.11 -17.16 -32.03
CA LYS F 161 45.71 -18.43 -32.44
C LYS F 161 46.80 -18.86 -31.48
N LYS F 162 47.60 -17.90 -31.03
CA LYS F 162 48.66 -18.18 -30.07
C LYS F 162 48.05 -18.67 -28.75
N LEU F 163 46.96 -18.03 -28.33
CA LEU F 163 46.29 -18.41 -27.09
C LEU F 163 45.74 -19.83 -27.20
N ALA F 164 45.12 -20.15 -28.33
CA ALA F 164 44.65 -21.51 -28.57
C ALA F 164 45.80 -22.53 -28.54
N ASP F 165 46.92 -22.20 -29.19
CA ASP F 165 48.11 -23.08 -29.15
C ASP F 165 48.58 -23.31 -27.69
N LYS F 166 48.65 -22.24 -26.88
CA LYS F 166 49.04 -22.31 -25.46
C LYS F 166 48.14 -23.30 -24.68
N LEU F 167 46.82 -23.20 -24.85
CA LEU F 167 45.89 -24.10 -24.17
C LEU F 167 46.06 -25.51 -24.67
N SER F 168 46.31 -25.64 -25.98
CA SER F 168 46.57 -26.97 -26.57
C SER F 168 47.85 -27.61 -25.99
N GLU F 169 48.85 -26.79 -25.67
CA GLU F 169 50.08 -27.22 -25.00
C GLU F 169 49.81 -27.85 -23.62
N SER F 170 48.66 -27.55 -23.00
CA SER F 170 48.24 -28.23 -21.76
C SER F 170 47.20 -29.34 -22.00
N GLY F 171 47.05 -29.82 -23.23
CA GLY F 171 46.09 -30.88 -23.55
C GLY F 171 44.62 -30.46 -23.70
N LEU F 172 44.34 -29.16 -23.75
CA LEU F 172 42.95 -28.67 -23.80
C LEU F 172 42.30 -28.72 -25.19
N ASN F 173 43.09 -29.06 -26.20
CA ASN F 173 42.60 -29.24 -27.56
C ASN F 173 41.79 -28.03 -28.05
N ALA F 174 42.44 -26.86 -27.97
CA ALA F 174 41.82 -25.57 -28.28
C ALA F 174 42.09 -25.15 -29.73
N HIS F 175 41.08 -24.63 -30.40
CA HIS F 175 41.20 -24.21 -31.79
C HIS F 175 40.64 -22.81 -31.96
N PHE F 176 41.29 -22.07 -32.84
CA PHE F 176 40.79 -20.79 -33.25
C PHE F 176 39.61 -21.05 -34.19
N SER F 177 38.56 -20.26 -34.06
CA SER F 177 37.42 -20.39 -34.95
C SER F 177 36.86 -19.01 -35.36
N ASP F 178 36.49 -18.88 -36.63
CA ASP F 178 35.94 -17.62 -37.10
C ASP F 178 34.42 -17.62 -36.83
N ASN F 179 33.91 -18.69 -36.20
CA ASN F 179 32.47 -18.96 -36.16
C ASN F 179 31.86 -18.71 -34.80
N ILE F 180 32.58 -18.27 -33.78
CA ILE F 180 32.08 -18.26 -32.41
C ILE F 180 30.95 -17.26 -32.17
N HIS F 181 31.10 -16.10 -32.74
CA HIS F 181 30.08 -15.07 -32.64
C HIS F 181 28.74 -15.51 -33.18
N TYR F 182 28.84 -16.16 -34.32
CA TYR F 182 27.68 -16.69 -34.98
C TYR F 182 27.04 -17.72 -34.01
N SER F 183 27.89 -18.55 -33.43
CA SER F 183 27.42 -19.61 -32.56
C SER F 183 26.77 -19.07 -31.29
N ILE F 184 27.31 -18.00 -30.74
CA ILE F 184 26.69 -17.35 -29.58
C ILE F 184 25.33 -16.73 -29.90
N TYR F 185 25.21 -16.10 -31.03
CA TYR F 185 23.93 -15.53 -31.39
C TYR F 185 22.90 -16.63 -31.63
N ARG F 186 23.34 -17.70 -32.24
CA ARG F 186 22.42 -18.77 -32.60
C ARG F 186 21.85 -19.45 -31.36
N LYS F 187 22.71 -19.70 -30.38
CA LYS F 187 22.26 -20.23 -29.11
C LYS F 187 21.41 -19.20 -28.31
N ALA F 188 21.79 -17.93 -28.37
CA ALA F 188 20.99 -16.90 -27.74
C ALA F 188 19.55 -16.79 -28.32
N CYS F 189 19.38 -17.11 -29.61
CA CYS F 189 18.03 -17.23 -30.20
C CYS F 189 17.17 -18.30 -29.52
N VAL F 190 17.80 -19.43 -29.24
CA VAL F 190 17.12 -20.47 -28.50
C VAL F 190 16.72 -19.98 -27.09
N ASN F 191 17.67 -19.39 -26.38
CA ASN F 191 17.42 -18.90 -25.03
C ASN F 191 16.49 -17.70 -25.06
N GLY F 192 16.45 -17.01 -26.20
CA GLY F 192 15.54 -15.89 -26.39
C GLY F 192 14.12 -16.22 -26.79
N THR F 193 13.84 -17.51 -27.04
CA THR F 193 12.51 -17.94 -27.41
C THR F 193 11.95 -18.88 -26.35
N MET F 194 12.60 -20.05 -26.19
CA MET F 194 12.09 -21.05 -25.25
C MET F 194 11.93 -20.51 -23.80
N ASN F 195 12.96 -19.82 -23.29
CA ASN F 195 12.96 -19.45 -21.90
C ASN F 195 11.79 -18.50 -21.50
N GLY F 196 11.70 -17.37 -22.19
CA GLY F 196 10.69 -16.39 -21.90
C GLY F 196 9.28 -16.80 -22.23
N LEU F 197 9.08 -17.41 -23.39
CA LEU F 197 7.74 -17.89 -23.77
C LEU F 197 7.23 -18.98 -22.83
N CYS F 198 8.07 -19.96 -22.51
CA CYS F 198 7.67 -20.99 -21.56
C CYS F 198 7.36 -20.38 -20.20
N THR F 199 8.21 -19.48 -19.76
CA THR F 199 7.99 -18.85 -18.46
C THR F 199 6.64 -18.12 -18.40
N ILE F 200 6.36 -17.33 -19.42
CA ILE F 200 5.18 -16.48 -19.45
C ILE F 200 3.94 -17.32 -19.66
N LEU F 201 4.04 -18.34 -20.49
CA LEU F 201 2.85 -19.14 -20.80
C LEU F 201 2.57 -20.28 -19.83
N ASP F 202 3.56 -20.56 -18.98
CA ASP F 202 3.52 -21.69 -18.04
C ASP F 202 3.33 -23.04 -18.79
N VAL F 203 4.30 -23.38 -19.63
CA VAL F 203 4.31 -24.61 -20.39
C VAL F 203 5.78 -25.10 -20.48
N ASN F 204 5.92 -26.40 -20.71
CA ASN F 204 7.19 -26.93 -21.15
C ASN F 204 7.35 -26.74 -22.68
N MET F 205 8.53 -27.03 -23.18
CA MET F 205 8.85 -26.76 -24.55
C MET F 205 7.97 -27.49 -25.57
N ALA F 206 7.67 -28.75 -25.32
CA ALA F 206 6.82 -29.51 -26.22
C ALA F 206 5.41 -28.90 -26.25
N GLU F 207 4.89 -28.53 -25.09
CA GLU F 207 3.59 -27.88 -24.99
C GLU F 207 3.56 -26.52 -25.74
N LEU F 208 4.62 -25.72 -25.60
CA LEU F 208 4.79 -24.53 -26.42
C LEU F 208 4.70 -24.87 -27.93
N GLY F 209 5.46 -25.90 -28.36
CA GLY F 209 5.52 -26.32 -29.74
C GLY F 209 4.18 -26.68 -30.31
N LYS F 210 3.29 -27.19 -29.47
CA LYS F 210 1.98 -27.60 -29.93
C LYS F 210 1.01 -26.45 -30.17
N THR F 211 1.31 -25.27 -29.66
CA THR F 211 0.37 -24.15 -29.81
C THR F 211 0.39 -23.61 -31.24
N SER F 212 -0.75 -23.05 -31.65
CA SER F 212 -0.91 -22.59 -33.01
C SER F 212 0.01 -21.40 -33.36
N THR F 213 0.47 -20.62 -32.37
CA THR F 213 1.22 -19.39 -32.63
C THR F 213 2.68 -19.44 -32.30
N ALA F 214 3.16 -20.58 -31.84
CA ALA F 214 4.56 -20.66 -31.39
C ALA F 214 5.50 -20.35 -32.51
N HIS F 215 5.17 -20.86 -33.70
CA HIS F 215 6.07 -20.71 -34.81
C HIS F 215 6.22 -19.26 -35.17
N LYS F 216 5.10 -18.55 -35.24
CA LYS F 216 5.09 -17.15 -35.51
C LYS F 216 5.90 -16.37 -34.45
N MET F 217 5.72 -16.68 -33.18
CA MET F 217 6.43 -15.94 -32.10
C MET F 217 7.92 -16.21 -32.18
N VAL F 218 8.27 -17.48 -32.37
CA VAL F 218 9.69 -17.86 -32.51
C VAL F 218 10.32 -17.13 -33.71
N ALA F 219 9.68 -17.22 -34.87
CA ALA F 219 10.21 -16.60 -36.07
C ALA F 219 10.38 -15.08 -35.99
N THR F 220 9.41 -14.38 -35.42
CA THR F 220 9.54 -12.94 -35.23
C THR F 220 10.71 -12.59 -34.32
N ILE F 221 10.89 -13.34 -33.23
CA ILE F 221 11.99 -13.05 -32.29
C ILE F 221 13.31 -13.31 -32.95
N VAL F 222 13.40 -14.44 -33.65
CA VAL F 222 14.67 -14.79 -34.35
C VAL F 222 15.07 -13.74 -35.38
N ASN F 223 14.08 -13.22 -36.09
CA ASN F 223 14.32 -12.13 -37.03
C ASN F 223 14.86 -10.87 -36.37
N GLU F 224 14.39 -10.56 -35.16
CA GLU F 224 14.95 -9.44 -34.43
C GLU F 224 16.41 -9.65 -34.05
N PHE F 225 16.72 -10.82 -33.54
CA PHE F 225 18.12 -11.18 -33.22
C PHE F 225 18.98 -11.03 -34.49
N ALA F 226 18.50 -11.55 -35.62
CA ALA F 226 19.24 -11.51 -36.90
C ALA F 226 19.48 -10.09 -37.47
N LYS F 227 18.51 -9.21 -37.31
CA LYS F 227 18.69 -7.80 -37.71
C LYS F 227 19.76 -7.09 -36.89
N VAL F 228 19.77 -7.30 -35.58
CA VAL F 228 20.79 -6.76 -34.72
C VAL F 228 22.14 -7.39 -35.05
N ALA F 229 22.17 -8.71 -35.19
CA ALA F 229 23.43 -9.39 -35.48
C ALA F 229 24.04 -8.90 -36.82
N ALA F 230 23.20 -8.62 -37.81
CA ALA F 230 23.67 -8.16 -39.13
C ALA F 230 24.42 -6.82 -39.05
N VAL F 231 24.01 -5.94 -38.14
CA VAL F 231 24.75 -4.70 -37.92
C VAL F 231 26.18 -5.00 -37.47
N GLU F 232 26.35 -6.10 -36.74
CA GLU F 232 27.67 -6.52 -36.30
C GLU F 232 28.32 -7.45 -37.31
N LYS F 233 27.81 -7.46 -38.55
CA LYS F 233 28.38 -8.28 -39.67
C LYS F 233 28.28 -9.79 -39.42
N ILE F 234 27.32 -10.22 -38.61
CA ILE F 234 27.00 -11.64 -38.47
C ILE F 234 25.68 -11.92 -39.19
N GLU F 235 25.70 -12.78 -40.21
CA GLU F 235 24.55 -13.05 -41.03
C GLU F 235 23.97 -14.42 -40.69
N LEU F 236 23.01 -14.43 -39.78
CA LEU F 236 22.39 -15.67 -39.40
C LEU F 236 21.57 -16.25 -40.54
N ASP F 237 21.64 -17.58 -40.64
CA ASP F 237 20.76 -18.33 -41.51
C ASP F 237 19.42 -18.47 -40.77
N VAL F 238 18.51 -17.56 -41.04
CA VAL F 238 17.30 -17.43 -40.19
C VAL F 238 16.42 -18.69 -40.24
N PRO F 239 16.20 -19.25 -41.44
CA PRO F 239 15.40 -20.51 -41.48
C PRO F 239 16.03 -21.65 -40.70
N GLU F 240 17.34 -21.77 -40.71
CA GLU F 240 17.98 -22.82 -39.95
C GLU F 240 17.85 -22.54 -38.46
N VAL F 241 18.10 -21.28 -38.07
CA VAL F 241 18.03 -20.92 -36.65
C VAL F 241 16.60 -21.10 -36.10
N ILE F 242 15.60 -20.71 -36.87
CA ILE F 242 14.24 -20.99 -36.47
C ILE F 242 14.00 -22.50 -36.25
N ALA F 243 14.43 -23.33 -37.21
CA ALA F 243 14.30 -24.80 -37.08
C ALA F 243 15.06 -25.32 -35.86
N HIS F 244 16.23 -24.77 -35.61
CA HIS F 244 16.99 -25.17 -34.45
C HIS F 244 16.25 -24.86 -33.13
N CYS F 245 15.64 -23.65 -33.04
CA CYS F 245 14.83 -23.30 -31.89
C CYS F 245 13.67 -24.27 -31.72
N GLU F 246 13.00 -24.60 -32.82
CA GLU F 246 11.84 -25.48 -32.78
C GLU F 246 12.23 -26.91 -32.46
N SER F 247 13.49 -27.29 -32.67
CA SER F 247 13.91 -28.65 -32.37
C SER F 247 13.84 -28.93 -30.85
N CYS F 248 13.87 -27.87 -30.02
CA CYS F 248 13.59 -28.01 -28.57
C CYS F 248 12.18 -28.52 -28.27
N PHE F 249 11.27 -28.44 -29.25
CA PHE F 249 9.93 -28.97 -29.09
C PHE F 249 9.92 -30.51 -29.03
N ASP F 250 10.98 -31.14 -29.51
CA ASP F 250 11.09 -32.63 -29.61
C ASP F 250 11.10 -33.35 -28.25
N PRO F 251 10.06 -34.16 -27.97
CA PRO F 251 9.97 -34.85 -26.69
C PRO F 251 11.15 -35.80 -26.48
N GLU F 252 11.74 -36.33 -27.55
CA GLU F 252 12.87 -37.28 -27.48
C GLU F 252 14.15 -36.63 -27.03
N THR F 253 14.23 -35.32 -27.12
CA THR F 253 15.47 -34.65 -26.69
C THR F 253 15.18 -33.86 -25.46
N ILE F 254 14.79 -32.59 -25.57
CA ILE F 254 14.50 -31.79 -24.38
C ILE F 254 13.07 -31.31 -24.26
N GLY F 255 12.18 -31.65 -25.20
CA GLY F 255 10.80 -31.11 -25.17
C GLY F 255 10.01 -31.23 -23.86
N LEU F 256 10.28 -32.28 -23.08
CA LEU F 256 9.53 -32.49 -21.88
C LEU F 256 10.03 -31.65 -20.73
N HIS F 257 11.16 -30.98 -20.94
CA HIS F 257 11.75 -30.14 -19.90
C HIS F 257 11.20 -28.70 -19.96
N TYR F 258 11.22 -28.10 -18.79
CA TYR F 258 11.03 -26.69 -18.62
C TYR F 258 12.38 -26.03 -18.69
N PRO F 259 12.49 -24.93 -19.45
CA PRO F 259 13.76 -24.26 -19.58
C PRO F 259 14.22 -23.69 -18.28
N SER F 260 15.49 -23.31 -18.27
CA SER F 260 16.13 -22.80 -17.07
C SER F 260 15.44 -21.57 -16.50
N MET F 261 14.99 -20.66 -17.36
CA MET F 261 14.31 -19.45 -16.89
C MET F 261 13.02 -19.80 -16.18
N TYR F 262 12.32 -20.81 -16.66
CA TYR F 262 11.10 -21.28 -16.00
C TYR F 262 11.45 -21.83 -14.61
N GLN F 263 12.51 -22.66 -14.54
CA GLN F 263 12.95 -23.22 -13.24
C GLN F 263 13.31 -22.07 -12.30
N ASP F 264 14.02 -21.06 -12.81
CA ASP F 264 14.36 -19.89 -11.98
C ASP F 264 13.18 -19.18 -11.39
N LEU F 265 12.26 -18.75 -12.25
CA LEU F 265 11.20 -17.88 -11.79
C LEU F 265 9.97 -18.63 -11.29
N ILE F 266 9.41 -19.50 -12.12
CA ILE F 266 8.13 -20.12 -11.76
C ILE F 266 8.30 -21.12 -10.59
N LYS F 267 9.28 -21.99 -10.69
CA LYS F 267 9.57 -23.03 -9.65
C LYS F 267 10.34 -22.43 -8.46
N ASN F 268 11.42 -21.70 -8.70
CA ASN F 268 12.26 -21.28 -7.58
C ASN F 268 12.08 -19.84 -7.11
N HIS F 269 11.20 -19.08 -7.76
CA HIS F 269 10.97 -17.69 -7.37
C HIS F 269 12.25 -16.91 -7.27
N ARG F 270 13.07 -17.01 -8.31
CA ARG F 270 14.29 -16.24 -8.42
C ARG F 270 14.29 -15.38 -9.70
N LEU F 271 15.07 -14.29 -9.69
CA LEU F 271 15.22 -13.40 -10.83
C LEU F 271 15.80 -14.13 -12.02
N THR F 272 15.40 -13.72 -13.22
CA THR F 272 15.83 -14.36 -14.42
C THR F 272 16.97 -13.60 -15.08
N GLU F 273 17.51 -14.26 -16.07
CA GLU F 273 18.56 -13.69 -16.92
C GLU F 273 18.07 -12.88 -18.14
N ILE F 274 16.79 -12.51 -18.15
CA ILE F 274 16.15 -11.95 -19.33
C ILE F 274 16.88 -10.73 -19.88
N ASP F 275 17.42 -9.87 -19.00
CA ASP F 275 18.17 -8.66 -19.46
C ASP F 275 19.42 -8.98 -20.28
N TYR F 276 19.92 -10.20 -20.14
CA TYR F 276 21.11 -10.61 -20.84
C TYR F 276 20.81 -11.44 -22.09
N ILE F 277 19.54 -11.69 -22.33
CA ILE F 277 19.17 -12.41 -23.52
C ILE F 277 18.35 -11.49 -24.42
N ASN F 278 17.02 -11.51 -24.28
CA ASN F 278 16.19 -10.63 -25.09
C ASN F 278 16.51 -9.17 -24.78
N GLY F 279 16.81 -8.91 -23.52
CA GLY F 279 17.16 -7.56 -23.08
C GLY F 279 18.42 -7.02 -23.76
N ALA F 280 19.38 -7.90 -24.03
CA ALA F 280 20.59 -7.49 -24.74
C ALA F 280 20.30 -7.09 -26.19
N ILE F 281 19.40 -7.81 -26.82
CA ILE F 281 18.97 -7.46 -28.19
C ILE F 281 18.26 -6.13 -28.18
N SER F 282 17.39 -5.89 -27.18
CA SER F 282 16.68 -4.58 -27.05
C SER F 282 17.66 -3.45 -26.91
N ARG F 283 18.67 -3.63 -26.07
CA ARG F 283 19.68 -2.57 -25.90
C ARG F 283 20.44 -2.26 -27.18
N LYS F 284 20.87 -3.32 -27.87
CA LYS F 284 21.54 -3.17 -29.16
C LYS F 284 20.64 -2.54 -30.20
N GLY F 285 19.38 -2.94 -30.22
CA GLY F 285 18.44 -2.34 -31.15
C GLY F 285 18.31 -0.83 -30.96
N LYS F 286 18.25 -0.40 -29.71
CA LYS F 286 18.15 1.01 -29.37
C LYS F 286 19.38 1.73 -29.91
N LYS F 287 20.54 1.17 -29.67
CA LYS F 287 21.79 1.73 -30.11
C LYS F 287 21.96 1.73 -31.62
N TYR F 288 21.43 0.73 -32.32
CA TYR F 288 21.60 0.66 -33.77
C TYR F 288 20.42 1.23 -34.58
N GLY F 289 19.34 1.62 -33.91
CA GLY F 289 18.14 2.03 -34.61
C GLY F 289 17.40 0.88 -35.26
N VAL F 290 17.45 -0.28 -34.65
CA VAL F 290 16.73 -1.47 -35.14
C VAL F 290 15.57 -1.72 -34.19
N ALA F 291 14.37 -1.82 -34.75
CA ALA F 291 13.18 -2.14 -33.99
C ALA F 291 13.29 -3.59 -33.45
N THR F 292 13.11 -3.79 -32.13
CA THR F 292 13.10 -5.11 -31.50
C THR F 292 11.90 -5.25 -30.56
N PRO F 293 10.68 -5.05 -31.09
CA PRO F 293 9.53 -4.94 -30.22
C PRO F 293 9.17 -6.23 -29.49
N TYR F 294 9.31 -7.38 -30.12
CA TYR F 294 9.06 -8.64 -29.42
C TYR F 294 10.07 -8.87 -28.26
N CYS F 295 11.35 -8.58 -28.49
CA CYS F 295 12.28 -8.65 -27.41
C CYS F 295 11.96 -7.66 -26.31
N ASP F 296 11.60 -6.41 -26.67
CA ASP F 296 11.21 -5.41 -25.67
C ASP F 296 10.02 -5.95 -24.85
N PHE F 297 8.98 -6.38 -25.53
CA PHE F 297 7.76 -6.82 -24.87
C PHE F 297 7.97 -8.04 -24.00
N LEU F 298 8.70 -9.03 -24.50
CA LEU F 298 8.92 -10.25 -23.75
C LEU F 298 9.75 -9.96 -22.48
N THR F 299 10.76 -9.10 -22.62
CA THR F 299 11.52 -8.64 -21.46
C THR F 299 10.64 -7.96 -20.41
N GLU F 300 9.77 -7.07 -20.87
CA GLU F 300 8.86 -6.38 -19.99
C GLU F 300 7.88 -7.33 -19.29
N LEU F 301 7.37 -8.29 -20.05
CA LEU F 301 6.44 -9.29 -19.50
C LEU F 301 7.11 -10.17 -18.45
N VAL F 302 8.35 -10.59 -18.70
CA VAL F 302 9.07 -11.34 -17.72
C VAL F 302 9.35 -10.52 -16.44
N HIS F 303 9.75 -9.25 -16.56
CA HIS F 303 9.97 -8.41 -15.36
C HIS F 303 8.66 -8.22 -14.62
N ALA F 304 7.55 -8.07 -15.36
CA ALA F 304 6.27 -7.94 -14.69
C ALA F 304 5.92 -9.19 -13.94
N LYS F 305 6.24 -10.34 -14.53
CA LYS F 305 5.97 -11.59 -13.91
C LYS F 305 6.78 -11.75 -12.61
N GLU F 306 8.05 -11.41 -12.68
CA GLU F 306 8.86 -11.36 -11.51
C GLU F 306 8.22 -10.49 -10.42
N ASP F 307 7.80 -9.27 -10.77
CA ASP F 307 7.26 -8.36 -9.80
C ASP F 307 5.98 -8.95 -9.22
N SER F 308 5.20 -9.64 -10.04
CA SER F 308 3.91 -10.15 -9.58
C SER F 308 4.08 -11.33 -8.61
N LEU F 309 5.23 -11.99 -8.66
CA LEU F 309 5.56 -13.04 -7.71
C LEU F 309 6.39 -12.49 -6.54
N ASN F 310 6.60 -11.18 -6.54
CA ASN F 310 7.45 -10.58 -5.54
C ASN F 310 8.83 -11.19 -5.46
N VAL F 311 9.34 -11.66 -6.59
CA VAL F 311 10.73 -12.04 -6.67
C VAL F 311 11.52 -10.75 -6.95
N LYS F 312 12.35 -10.39 -5.96
CA LYS F 312 13.18 -9.18 -5.95
C LYS F 312 12.53 -7.99 -6.64
#